data_5ABF
#
_entry.id   5ABF
#
_cell.length_a   51.591
_cell.length_b   160.989
_cell.length_c   223.951
_cell.angle_alpha   90.00
_cell.angle_beta   90.00
_cell.angle_gamma   90.00
#
_symmetry.space_group_name_H-M   'P 2 21 21'
#
loop_
_entity.id
_entity.type
_entity.pdbx_description
1 polymer 'O-GLCNACASE BT_4395'
2 polymer 'O-GLCNACASE BT_4395'
3 non-polymer 1,2-ETHANEDIOL
4 non-polymer 2-[(2S,3R,4R,5R)-5-(hydroxymethyl)-3,4-bis(oxidanyl)-1-pentyl-pyrrolidin-2-yl]-N-methyl-ethanamide
5 non-polymer 'CALCIUM ION'
6 water water
#
loop_
_entity_poly.entity_id
_entity_poly.type
_entity_poly.pdbx_seq_one_letter_code
_entity_poly.pdbx_strand_id
1 'polypeptide(L)'
;MGSSHHHHHHQNVSLQPPPQQLIVQNKTIDLPAVYQLNGGEEANPHAVKVLKELLSGKQSSKKGMLISIGEKGDKSVRKY
SRQIPDHKEGYYLSVNEKEIVLAGNDERGTYYALQTFAQLLKDGKLPEVEIKDYPSVRYRGVVEGFYGTPWSHQARLSQL
KFYGKNKMNTYIYGPKDDPYHSAPNWRLPYPDKEAAQLQELVAVANENEVDFVWAIHPGQDIKWNKEDRDLLLAKFEKMY
QLGVRSFAVFFDDISGEGTNPQKQAELLNYIDEKFAQVKPDINQLVMCPTEYNKSWSNPNGNYLTTLGDKLNPSIQIMWT
GDRVISDITRDGISWINERIKRPAYIWWNFPVSDYVRDHLLLGPVYGNDTTIAKEMSGFVTNPMEHAESSKIAIYSVASY
AWNPAKYDTWQTWKDAIRTILPSAAEELECFAMHNSDLGPNGHGYRREESMDIQPAAERFLKAFKEGKNYDKADFETLQY
TFERMKESADILLMNTENKPLIVEITPWVHQFKLTAEMGEEVLKMVEGRNESYFLRKYNHVKALQQQMFYIDQTSNQNPY
QPGVKTATRVIKPLIDRTFATVVKFFNQKFNAHLDATTDYMPHKMISNVEQIKNLPLQVKANRVLISPANEVVKWAAGNS
VEIELDAIYPGENIQINFGKDAPCTWGRLEISTDGKEWKTVDLKQKESRLSAGLQKAPVKFVRFTNVSDEEQQVYLRQFV
LTIEKK
;
A
2 'polypeptide(L)'
;MGSSHHHHHHQQVSLQPPPQQLIVQNKTIDLPAVYQLNGGEEANPHAVKVLKELLSGKQSSKKGMLISIGEKGDKSVRKY
SRQIPDHKEGYYLSVNEKEIVLAGNDERGTYYALQTFAQLLKDGKLPEVEIKDYPSVRYRGVVEGFYGTPWSHQARLSQL
KFYGKNKMNTYIYGPKDDPYHSAPNWRLPYPDKEAAQLQELVAVANENEVDFVWAIHPGQDIKWNKEDRDLLLAKFEKMY
QLGVRSFAVFFDDISGEGTNPQKQAELLNYIDEKFAQVKPDINQLVMCPTEYNKSWSNPNGNYLTTLGDKLNPSIQIMWT
GDRVISDITRDGISWINERIKRPAYIWWNFPVSDYVRDHLLLGPVYGNDTTIAKEMSGFVTNPMEHAESSKIAIYSVASY
AWNPAKYDTWQTWKDAIRTILPSAAEELECFAMHNSDLGPNGHGYRREESMDIQPAAERFLKAFKEGKNYDKADFETLQY
TFERMKESADILLMNTENKPLIVEITPWVHQFKLTAEMGEEVLKMVEGRNESYFLRKYNHVKALQQQMFYIDQTSNQNPY
QPGVKTATRVIKPLIDRTFATVVKFFNQKFNAHLDATTDYMPHKMISNVEQIKNLPLQVKANRVLISPANEVVKWAAGNS
VEIELDAIYPGENIQINFGKDAPCTWGRLEISTDGKEWKTVDLKQKESRLSAGLQKAPVKFVRFTNVSDEEQQVYLRQFV
LTIEKK
;
B
#
# COMPACT_ATOMS: atom_id res chain seq x y z
N SER A 14 29.39 -25.18 8.67
CA SER A 14 29.14 -24.49 9.92
C SER A 14 28.02 -25.16 10.70
N LEU A 15 28.39 -26.04 11.62
CA LEU A 15 27.40 -26.73 12.44
C LEU A 15 26.86 -25.81 13.52
N GLN A 16 25.54 -25.77 13.65
CA GLN A 16 24.88 -24.97 14.68
C GLN A 16 23.84 -25.82 15.42
N PRO A 17 23.93 -25.90 16.76
CA PRO A 17 25.03 -25.38 17.59
C PRO A 17 26.34 -26.08 17.29
N PRO A 18 27.47 -25.42 17.55
CA PRO A 18 28.76 -26.11 17.33
C PRO A 18 28.98 -27.18 18.39
N PRO A 19 29.39 -28.39 17.97
CA PRO A 19 29.53 -29.48 18.95
C PRO A 19 30.68 -29.25 19.95
N GLN A 20 30.65 -29.97 21.06
CA GLN A 20 31.68 -29.82 22.08
C GLN A 20 33.04 -30.24 21.56
N GLN A 21 33.09 -31.37 20.87
CA GLN A 21 34.34 -31.88 20.31
C GLN A 21 34.13 -32.29 18.86
N LEU A 22 35.09 -31.95 18.01
CA LEU A 22 34.99 -32.20 16.58
C LEU A 22 36.36 -32.46 15.97
N ILE A 23 36.48 -33.55 15.22
CA ILE A 23 37.69 -33.89 14.49
C ILE A 23 37.33 -34.24 13.05
N VAL A 24 37.92 -33.53 12.10
CA VAL A 24 37.63 -33.72 10.68
C VAL A 24 38.92 -33.70 9.86
N GLN A 25 38.91 -34.42 8.74
CA GLN A 25 40.03 -34.36 7.78
C GLN A 25 39.49 -34.53 6.36
N ASN A 26 40.32 -34.18 5.38
CA ASN A 26 39.90 -34.21 3.98
C ASN A 26 39.62 -35.63 3.48
N LYS A 27 38.37 -36.05 3.62
CA LYS A 27 37.89 -37.30 3.04
C LYS A 27 36.39 -37.21 2.80
N THR A 28 35.99 -37.43 1.55
CA THR A 28 34.60 -37.30 1.13
C THR A 28 33.95 -38.68 0.98
N ILE A 29 32.94 -38.93 1.81
CA ILE A 29 32.18 -40.17 1.76
C ILE A 29 30.82 -39.91 1.13
N ASP A 30 30.51 -40.61 0.05
CA ASP A 30 29.20 -40.49 -0.59
C ASP A 30 28.14 -41.08 0.31
N LEU A 31 26.98 -40.44 0.37
CA LEU A 31 25.83 -41.04 1.04
C LEU A 31 25.52 -42.34 0.30
N PRO A 32 25.76 -43.49 0.94
CA PRO A 32 25.83 -44.76 0.22
C PRO A 32 24.57 -45.12 -0.56
N ALA A 33 24.75 -45.50 -1.81
CA ALA A 33 23.65 -45.96 -2.65
C ALA A 33 23.06 -47.24 -2.07
N VAL A 34 23.89 -47.99 -1.35
CA VAL A 34 23.46 -49.20 -0.67
C VAL A 34 23.93 -49.18 0.78
N TYR A 35 22.98 -49.23 1.72
CA TYR A 35 23.30 -49.17 3.14
C TYR A 35 22.70 -50.34 3.90
N GLN A 36 23.25 -50.61 5.08
CA GLN A 36 22.71 -51.59 6.00
C GLN A 36 22.40 -50.93 7.34
N LEU A 37 21.12 -50.82 7.66
CA LEU A 37 20.71 -50.15 8.88
C LEU A 37 20.73 -51.11 10.07
N ASN A 38 21.45 -50.71 11.12
CA ASN A 38 21.54 -51.51 12.33
C ASN A 38 20.94 -50.77 13.52
N GLY A 39 19.85 -51.31 14.05
CA GLY A 39 19.20 -50.75 15.23
C GLY A 39 18.02 -49.86 14.90
N GLY A 40 17.47 -50.01 13.70
CA GLY A 40 16.32 -49.22 13.28
C GLY A 40 15.09 -49.53 14.10
N GLU A 41 15.07 -50.70 14.71
CA GLU A 41 13.94 -51.14 15.54
C GLU A 41 14.09 -50.71 17.00
N GLU A 42 15.32 -50.44 17.42
CA GLU A 42 15.63 -50.15 18.81
C GLU A 42 15.74 -48.66 19.10
N ALA A 43 16.24 -47.92 18.12
CA ALA A 43 16.56 -46.50 18.32
C ALA A 43 15.32 -45.62 18.47
N ASN A 44 15.54 -44.39 18.90
CA ASN A 44 14.49 -43.38 18.99
C ASN A 44 13.74 -43.28 17.67
N PRO A 45 12.45 -43.64 17.65
CA PRO A 45 11.65 -43.58 16.42
C PRO A 45 11.71 -42.23 15.71
N HIS A 46 11.82 -41.15 16.48
CA HIS A 46 11.90 -39.81 15.90
C HIS A 46 13.22 -39.63 15.16
N ALA A 47 14.27 -40.22 15.69
CA ALA A 47 15.59 -40.16 15.06
C ALA A 47 15.62 -41.03 13.81
N VAL A 48 14.93 -42.18 13.87
CA VAL A 48 14.89 -43.10 12.74
C VAL A 48 14.15 -42.49 11.56
N LYS A 49 13.05 -41.80 11.84
CA LYS A 49 12.24 -41.20 10.77
C LYS A 49 13.06 -40.17 10.00
N VAL A 50 13.88 -39.40 10.72
CA VAL A 50 14.75 -38.42 10.08
C VAL A 50 15.77 -39.11 9.18
N LEU A 51 16.37 -40.17 9.69
CA LEU A 51 17.41 -40.89 8.96
C LEU A 51 16.87 -41.52 7.68
N LYS A 52 15.64 -42.01 7.75
CA LYS A 52 15.01 -42.67 6.60
C LYS A 52 14.65 -41.65 5.52
N GLU A 53 14.30 -40.44 5.93
CA GLU A 53 14.02 -39.37 4.99
C GLU A 53 15.29 -38.92 4.30
N LEU A 54 16.40 -38.97 5.02
CA LEU A 54 17.70 -38.64 4.45
C LEU A 54 18.19 -39.77 3.56
N LEU A 55 17.88 -41.01 3.93
CA LEU A 55 18.35 -42.18 3.20
C LEU A 55 17.38 -42.61 2.11
N SER A 56 16.25 -41.92 1.98
CA SER A 56 15.28 -42.25 0.94
C SER A 56 15.92 -42.09 -0.43
N GLY A 57 15.60 -43.02 -1.32
CA GLY A 57 16.21 -43.06 -2.64
C GLY A 57 17.35 -44.08 -2.67
N LYS A 58 18.03 -44.22 -1.53
CA LYS A 58 19.12 -45.18 -1.40
C LYS A 58 18.55 -46.58 -1.18
N GLN A 59 19.39 -47.59 -1.37
CA GLN A 59 18.97 -48.99 -1.23
C GLN A 59 19.31 -49.53 0.16
N SER A 60 18.38 -50.29 0.73
CA SER A 60 18.57 -50.90 2.05
C SER A 60 18.73 -52.41 1.90
N SER A 61 19.85 -52.92 2.40
CA SER A 61 20.12 -54.35 2.38
C SER A 61 21.25 -54.68 3.34
N LYS A 62 21.61 -55.95 3.42
CA LYS A 62 22.72 -56.38 4.27
C LYS A 62 24.04 -56.21 3.52
N LYS A 63 23.95 -55.70 2.30
CA LYS A 63 25.12 -55.32 1.52
C LYS A 63 25.47 -53.86 1.82
N GLY A 64 26.59 -53.39 1.28
CA GLY A 64 26.95 -51.99 1.33
C GLY A 64 27.34 -51.48 2.70
N MET A 65 27.26 -50.16 2.86
CA MET A 65 27.74 -49.49 4.06
C MET A 65 26.84 -49.70 5.27
N LEU A 66 27.45 -49.99 6.41
CA LEU A 66 26.72 -50.18 7.66
C LEU A 66 26.42 -48.84 8.31
N ILE A 67 25.20 -48.68 8.82
CA ILE A 67 24.78 -47.47 9.52
C ILE A 67 24.16 -47.83 10.86
N SER A 68 24.93 -47.64 11.93
CA SER A 68 24.50 -48.03 13.27
C SER A 68 23.86 -46.88 14.03
N ILE A 69 22.61 -47.08 14.43
CA ILE A 69 21.88 -46.09 15.23
C ILE A 69 21.29 -46.76 16.46
N GLY A 70 21.22 -46.01 17.56
CA GLY A 70 20.68 -46.54 18.80
C GLY A 70 21.13 -45.74 20.00
N GLU A 71 20.60 -46.08 21.17
CA GLU A 71 20.98 -45.45 22.42
C GLU A 71 21.97 -46.31 23.18
N LYS A 72 22.72 -45.69 24.10
CA LYS A 72 23.66 -46.40 24.94
C LYS A 72 22.97 -47.55 25.65
N GLY A 73 23.42 -48.77 25.38
CA GLY A 73 22.83 -49.97 25.95
C GLY A 73 22.21 -50.84 24.87
N ASP A 74 21.85 -50.22 23.74
CA ASP A 74 21.29 -50.96 22.62
C ASP A 74 22.35 -51.84 21.96
N LYS A 75 21.90 -52.91 21.32
CA LYS A 75 22.80 -53.86 20.66
C LYS A 75 23.56 -53.20 19.52
N SER A 76 22.92 -52.22 18.88
CA SER A 76 23.45 -51.60 17.68
C SER A 76 24.71 -50.79 17.92
N VAL A 77 24.86 -50.26 19.13
CA VAL A 77 25.97 -49.34 19.44
C VAL A 77 26.73 -49.75 20.70
N ARG A 78 26.59 -51.00 21.10
CA ARG A 78 27.30 -51.50 22.27
C ARG A 78 28.80 -51.37 22.07
N LYS A 79 29.24 -51.37 20.81
CA LYS A 79 30.65 -51.29 20.47
C LYS A 79 31.25 -49.91 20.78
N TYR A 80 30.45 -48.86 20.62
CA TYR A 80 30.95 -47.50 20.75
C TYR A 80 30.57 -46.86 22.07
N SER A 81 30.22 -47.68 23.05
CA SER A 81 29.69 -47.18 24.32
C SER A 81 30.70 -46.32 25.08
N ARG A 82 31.98 -46.52 24.82
CA ARG A 82 33.02 -45.76 25.50
C ARG A 82 33.22 -44.38 24.86
N GLN A 83 32.77 -44.23 23.61
CA GLN A 83 32.89 -42.96 22.89
C GLN A 83 31.70 -42.05 23.20
N ILE A 84 30.56 -42.65 23.54
CA ILE A 84 29.35 -41.90 23.86
C ILE A 84 29.53 -41.10 25.15
N PRO A 85 29.39 -39.77 25.08
CA PRO A 85 29.47 -38.96 26.31
C PRO A 85 28.42 -39.37 27.34
N ASP A 86 28.80 -39.34 28.62
CA ASP A 86 27.88 -39.67 29.69
C ASP A 86 27.22 -38.41 30.22
N HIS A 87 26.49 -37.73 29.34
CA HIS A 87 25.69 -36.57 29.71
C HIS A 87 24.28 -36.74 29.15
N LYS A 88 23.31 -36.09 29.76
CA LYS A 88 21.95 -36.10 29.22
C LYS A 88 21.95 -35.41 27.85
N GLU A 89 21.26 -36.03 26.89
CA GLU A 89 21.13 -35.50 25.53
C GLU A 89 22.45 -35.50 24.77
N GLY A 90 23.47 -36.15 25.32
CA GLY A 90 24.75 -36.25 24.65
C GLY A 90 24.70 -37.31 23.57
N TYR A 91 25.70 -37.30 22.68
CA TYR A 91 25.77 -38.31 21.63
C TYR A 91 27.15 -38.40 21.01
N TYR A 92 27.37 -39.50 20.29
CA TYR A 92 28.60 -39.74 19.54
C TYR A 92 28.23 -39.94 18.07
N LEU A 93 28.95 -39.25 17.19
CA LEU A 93 28.73 -39.37 15.76
C LEU A 93 30.06 -39.61 15.05
N SER A 94 30.06 -40.54 14.10
CA SER A 94 31.26 -40.86 13.35
C SER A 94 30.93 -41.21 11.90
N VAL A 95 31.80 -40.80 10.99
CA VAL A 95 31.67 -41.14 9.58
C VAL A 95 33.05 -41.43 9.00
N ASN A 96 33.16 -42.54 8.28
CA ASN A 96 34.37 -42.87 7.54
C ASN A 96 34.03 -43.78 6.36
N GLU A 97 35.06 -44.27 5.67
CA GLU A 97 34.85 -45.12 4.49
C GLU A 97 34.04 -46.36 4.81
N LYS A 98 34.17 -46.87 6.03
CA LYS A 98 33.56 -48.14 6.40
C LYS A 98 32.16 -47.96 7.00
N GLU A 99 32.06 -47.18 8.07
CA GLU A 99 30.82 -47.13 8.84
C GLU A 99 30.37 -45.73 9.26
N ILE A 100 29.05 -45.59 9.39
CA ILE A 100 28.43 -44.42 10.03
C ILE A 100 27.86 -44.83 11.38
N VAL A 101 28.17 -44.05 12.40
CA VAL A 101 27.69 -44.30 13.75
C VAL A 101 26.87 -43.13 14.25
N LEU A 102 25.70 -43.43 14.80
CA LEU A 102 24.78 -42.41 15.30
C LEU A 102 24.23 -42.85 16.65
N ALA A 103 25.05 -42.73 17.69
CA ALA A 103 24.73 -43.26 19.01
C ALA A 103 24.54 -42.16 20.05
N GLY A 104 23.34 -42.10 20.61
CA GLY A 104 23.03 -41.14 21.65
C GLY A 104 23.20 -41.74 23.03
N ASN A 105 23.45 -40.89 24.02
CA ASN A 105 23.51 -41.34 25.40
C ASN A 105 22.10 -41.70 25.88
N ASP A 106 21.12 -41.03 25.29
CA ASP A 106 19.71 -41.33 25.50
C ASP A 106 18.96 -41.08 24.20
N GLU A 107 17.63 -41.20 24.22
CA GLU A 107 16.85 -41.10 23.00
C GLU A 107 16.90 -39.70 22.40
N ARG A 108 16.89 -38.69 23.25
CA ARG A 108 16.97 -37.32 22.78
C ARG A 108 18.36 -37.05 22.21
N GLY A 109 19.36 -37.73 22.74
CA GLY A 109 20.72 -37.61 22.25
C GLY A 109 20.86 -38.17 20.86
N THR A 110 20.20 -39.29 20.61
CA THR A 110 20.21 -39.91 19.28
C THR A 110 19.56 -38.98 18.27
N TYR A 111 18.47 -38.33 18.69
CA TYR A 111 17.75 -37.40 17.84
C TYR A 111 18.67 -36.23 17.48
N TYR A 112 19.42 -35.74 18.46
CA TYR A 112 20.31 -34.62 18.26
C TYR A 112 21.49 -34.99 17.38
N ALA A 113 21.89 -36.27 17.41
CA ALA A 113 22.95 -36.76 16.55
C ALA A 113 22.52 -36.65 15.10
N LEU A 114 21.24 -36.90 14.85
CA LEU A 114 20.70 -36.87 13.49
C LEU A 114 20.57 -35.44 13.00
N GLN A 115 20.27 -34.52 13.91
CA GLN A 115 20.15 -33.11 13.53
C GLN A 115 21.51 -32.57 13.09
N THR A 116 22.58 -33.03 13.73
CA THR A 116 23.92 -32.67 13.32
C THR A 116 24.26 -33.36 12.01
N PHE A 117 23.88 -34.63 11.91
CA PHE A 117 24.16 -35.44 10.73
C PHE A 117 23.52 -34.83 9.48
N ALA A 118 22.34 -34.24 9.64
CA ALA A 118 21.63 -33.60 8.54
C ALA A 118 22.38 -32.38 8.02
N GLN A 119 23.09 -31.70 8.92
CA GLN A 119 23.88 -30.53 8.55
C GLN A 119 25.16 -30.94 7.83
N LEU A 120 25.66 -32.13 8.16
CA LEU A 120 26.88 -32.64 7.54
C LEU A 120 26.64 -33.12 6.10
N LEU A 121 25.40 -33.47 5.80
CA LEU A 121 25.04 -33.98 4.49
C LEU A 121 24.99 -32.84 3.47
N LYS A 122 25.84 -32.94 2.44
CA LYS A 122 25.97 -31.91 1.42
C LYS A 122 26.19 -32.54 0.04
N ASP A 123 25.20 -32.39 -0.84
CA ASP A 123 25.25 -32.98 -2.17
C ASP A 123 25.40 -34.50 -2.10
N GLY A 124 24.80 -35.10 -1.08
CA GLY A 124 24.87 -36.54 -0.89
C GLY A 124 26.28 -36.99 -0.56
N LYS A 125 27.06 -36.10 0.05
CA LYS A 125 28.44 -36.39 0.41
C LYS A 125 28.75 -35.92 1.82
N LEU A 126 29.25 -36.83 2.63
CA LEU A 126 29.55 -36.58 4.04
C LEU A 126 31.06 -36.41 4.27
N PRO A 127 31.43 -35.53 5.21
CA PRO A 127 32.84 -35.42 5.59
C PRO A 127 33.24 -36.54 6.56
N GLU A 128 34.50 -36.97 6.49
CA GLU A 128 34.99 -37.96 7.43
C GLU A 128 35.21 -37.27 8.78
N VAL A 129 34.23 -37.40 9.66
CA VAL A 129 34.21 -36.67 10.93
C VAL A 129 34.02 -37.57 12.13
N GLU A 130 34.46 -37.09 13.29
CA GLU A 130 34.21 -37.75 14.56
C GLU A 130 33.76 -36.71 15.57
N ILE A 131 32.58 -36.92 16.15
CA ILE A 131 31.96 -35.93 17.03
C ILE A 131 31.50 -36.52 18.35
N LYS A 132 31.87 -35.85 19.43
CA LYS A 132 31.32 -36.13 20.75
C LYS A 132 30.73 -34.84 21.29
N ASP A 133 29.42 -34.87 21.56
CA ASP A 133 28.67 -33.63 21.80
C ASP A 133 27.64 -33.77 22.91
N TYR A 134 27.29 -32.64 23.50
CA TYR A 134 26.33 -32.58 24.61
C TYR A 134 26.11 -31.12 24.97
N PRO A 135 24.97 -30.79 25.59
CA PRO A 135 24.67 -29.41 25.95
C PRO A 135 25.35 -28.97 27.24
N SER A 136 25.78 -27.71 27.31
CA SER A 136 26.36 -27.18 28.54
C SER A 136 25.26 -26.73 29.50
N VAL A 137 24.08 -26.45 28.97
CA VAL A 137 22.93 -26.04 29.77
C VAL A 137 21.79 -27.05 29.62
N ARG A 138 21.24 -27.48 30.75
CA ARG A 138 20.28 -28.59 30.76
C ARG A 138 19.01 -28.27 29.97
N TYR A 139 18.41 -27.12 30.26
CA TYR A 139 17.17 -26.72 29.57
C TYR A 139 17.40 -25.47 28.73
N ARG A 140 17.00 -25.58 27.47
CA ARG A 140 17.27 -24.53 26.48
C ARG A 140 16.06 -24.37 25.58
N GLY A 141 15.59 -23.14 25.42
CA GLY A 141 14.49 -22.91 24.51
C GLY A 141 13.86 -21.53 24.59
N VAL A 142 12.54 -21.53 24.51
CA VAL A 142 11.76 -20.31 24.36
C VAL A 142 10.61 -20.28 25.35
N VAL A 143 10.37 -19.11 25.94
CA VAL A 143 9.15 -18.88 26.70
C VAL A 143 8.28 -17.87 25.95
N GLU A 144 7.15 -18.32 25.44
CA GLU A 144 6.17 -17.39 24.90
C GLU A 144 5.49 -16.73 26.09
N GLY A 145 6.09 -15.65 26.59
CA GLY A 145 5.62 -15.00 27.80
C GLY A 145 5.42 -13.50 27.69
N PHE A 146 5.20 -13.03 26.47
CA PHE A 146 5.09 -11.61 26.20
C PHE A 146 3.64 -11.11 26.28
N TYR A 147 3.49 -9.80 26.41
CA TYR A 147 2.20 -9.15 26.21
C TYR A 147 2.02 -8.90 24.71
N GLY A 148 0.79 -9.01 24.24
CA GLY A 148 0.46 -8.75 22.85
C GLY A 148 -0.25 -9.93 22.26
N THR A 149 -0.46 -9.90 20.95
CA THR A 149 -1.13 -11.00 20.25
C THR A 149 -0.33 -12.29 20.37
N PRO A 150 -0.90 -13.30 21.05
CA PRO A 150 -0.17 -14.57 21.15
C PRO A 150 0.12 -15.14 19.76
N TRP A 151 1.17 -15.96 19.67
CA TRP A 151 1.52 -16.64 18.43
C TRP A 151 0.36 -17.46 17.89
N SER A 152 0.17 -17.39 16.58
CA SER A 152 -0.84 -18.23 15.93
C SER A 152 -0.47 -19.70 16.08
N HIS A 153 -1.44 -20.56 15.81
CA HIS A 153 -1.23 -22.00 15.93
C HIS A 153 -0.18 -22.46 14.94
N GLN A 154 -0.30 -22.00 13.69
CA GLN A 154 0.65 -22.36 12.65
C GLN A 154 2.05 -21.88 12.97
N ALA A 155 2.15 -20.69 13.56
CA ALA A 155 3.43 -20.14 13.98
C ALA A 155 4.08 -21.08 15.00
N ARG A 156 3.29 -21.50 15.98
CA ARG A 156 3.77 -22.40 17.03
C ARG A 156 4.22 -23.74 16.48
N LEU A 157 3.48 -24.28 15.51
CA LEU A 157 3.88 -25.53 14.87
C LEU A 157 5.23 -25.35 14.18
N SER A 158 5.42 -24.22 13.53
CA SER A 158 6.69 -23.92 12.86
C SER A 158 7.82 -23.80 13.88
N GLN A 159 7.53 -23.14 15.00
CA GLN A 159 8.50 -22.94 16.06
C GLN A 159 9.05 -24.26 16.59
N LEU A 160 8.15 -25.21 16.86
CA LEU A 160 8.52 -26.48 17.48
C LEU A 160 9.46 -27.29 16.60
N LYS A 161 9.26 -27.23 15.28
CA LYS A 161 10.15 -27.89 14.34
C LYS A 161 11.50 -27.20 14.32
N PHE A 162 11.48 -25.87 14.48
CA PHE A 162 12.70 -25.08 14.52
C PHE A 162 13.53 -25.44 15.77
N TYR A 163 12.86 -25.65 16.89
CA TYR A 163 13.53 -25.97 18.15
C TYR A 163 14.22 -27.33 18.05
N GLY A 164 13.54 -28.30 17.46
CA GLY A 164 14.09 -29.63 17.27
C GLY A 164 15.38 -29.60 16.46
N LYS A 165 15.37 -28.80 15.41
CA LYS A 165 16.52 -28.70 14.52
C LYS A 165 17.71 -28.05 15.21
N ASN A 166 17.45 -27.18 16.17
CA ASN A 166 18.51 -26.45 16.84
C ASN A 166 18.74 -26.92 18.28
N LYS A 167 18.18 -28.09 18.58
CA LYS A 167 18.42 -28.75 19.85
C LYS A 167 17.93 -27.94 21.04
N MET A 168 16.83 -27.23 20.86
CA MET A 168 16.12 -26.60 21.98
C MET A 168 15.07 -27.59 22.50
N ASN A 169 15.18 -27.93 23.78
CA ASN A 169 14.34 -28.97 24.37
C ASN A 169 13.20 -28.43 25.21
N THR A 170 12.98 -27.11 25.16
CA THR A 170 11.99 -26.48 26.03
C THR A 170 11.17 -25.41 25.33
N TYR A 171 9.86 -25.53 25.46
CA TYR A 171 8.93 -24.50 25.05
C TYR A 171 7.97 -24.26 26.19
N ILE A 172 8.00 -23.04 26.74
CA ILE A 172 7.15 -22.69 27.86
C ILE A 172 6.02 -21.79 27.37
N TYR A 173 4.82 -22.36 27.33
CA TYR A 173 3.63 -21.66 26.90
C TYR A 173 3.11 -20.76 28.02
N GLY A 174 3.10 -19.46 27.79
CA GLY A 174 2.53 -18.53 28.75
C GLY A 174 2.23 -17.15 28.22
N PRO A 175 1.48 -17.07 27.10
CA PRO A 175 1.13 -15.74 26.56
C PRO A 175 0.32 -14.93 27.55
N LYS A 176 0.83 -13.77 27.94
CA LYS A 176 0.19 -12.94 28.98
C LYS A 176 -1.28 -12.64 28.69
N ASP A 177 -1.63 -12.52 27.42
CA ASP A 177 -2.99 -12.13 27.03
C ASP A 177 -3.88 -13.31 26.63
N ASP A 178 -3.44 -14.53 26.93
CA ASP A 178 -4.30 -15.71 26.80
C ASP A 178 -5.18 -15.78 28.05
N PRO A 179 -6.50 -15.60 27.90
CA PRO A 179 -7.36 -15.52 29.09
C PRO A 179 -7.41 -16.79 29.93
N TYR A 180 -7.07 -17.94 29.33
CA TYR A 180 -7.11 -19.21 30.06
C TYR A 180 -5.76 -19.53 30.68
N HIS A 181 -4.79 -18.63 30.47
CA HIS A 181 -3.48 -18.73 31.10
C HIS A 181 -3.44 -17.83 32.32
N SER A 182 -4.04 -16.64 32.19
CA SER A 182 -3.99 -15.64 33.24
C SER A 182 -5.37 -15.35 33.81
N ALA A 183 -5.48 -14.29 34.61
CA ALA A 183 -6.73 -13.99 35.30
C ALA A 183 -7.77 -13.40 34.37
N PRO A 184 -9.06 -13.67 34.64
CA PRO A 184 -9.59 -14.53 35.71
C PRO A 184 -9.79 -15.97 35.29
N ASN A 185 -9.77 -16.24 33.98
CA ASN A 185 -10.23 -17.52 33.46
C ASN A 185 -9.16 -18.61 33.45
N TRP A 186 -8.10 -18.42 34.22
CA TRP A 186 -7.12 -19.48 34.40
C TRP A 186 -7.77 -20.66 35.12
N ARG A 187 -8.89 -20.39 35.80
CA ARG A 187 -9.64 -21.42 36.51
C ARG A 187 -10.46 -22.30 35.56
N LEU A 188 -10.68 -21.82 34.34
CA LEU A 188 -11.51 -22.53 33.38
C LEU A 188 -10.67 -23.37 32.43
N PRO A 189 -11.18 -24.55 32.06
CA PRO A 189 -10.48 -25.34 31.04
C PRO A 189 -10.59 -24.67 29.67
N TYR A 190 -9.64 -24.93 28.79
CA TYR A 190 -9.71 -24.39 27.44
C TYR A 190 -10.94 -24.93 26.72
N PRO A 191 -11.57 -24.10 25.86
CA PRO A 191 -12.66 -24.62 25.02
C PRO A 191 -12.18 -25.74 24.11
N ASP A 192 -13.11 -26.50 23.55
CA ASP A 192 -12.77 -27.69 22.77
C ASP A 192 -11.83 -27.36 21.62
N LYS A 193 -12.05 -26.19 21.01
CA LYS A 193 -11.26 -25.79 19.84
C LYS A 193 -9.80 -25.55 20.23
N GLU A 194 -9.58 -24.73 21.25
CA GLU A 194 -8.23 -24.44 21.74
C GLU A 194 -7.57 -25.70 22.31
N ALA A 195 -8.37 -26.51 23.01
CA ALA A 195 -7.88 -27.73 23.63
C ALA A 195 -7.33 -28.68 22.58
N ALA A 196 -8.07 -28.84 21.49
CA ALA A 196 -7.65 -29.70 20.40
C ALA A 196 -6.34 -29.19 19.81
N GLN A 197 -6.20 -27.87 19.72
CA GLN A 197 -5.00 -27.26 19.17
C GLN A 197 -3.81 -27.49 20.09
N LEU A 198 -4.00 -27.29 21.39
CA LEU A 198 -2.95 -27.51 22.37
C LEU A 198 -2.52 -28.98 22.34
N GLN A 199 -3.49 -29.86 22.18
CA GLN A 199 -3.24 -31.28 22.09
C GLN A 199 -2.27 -31.57 20.95
N GLU A 200 -2.53 -30.95 19.80
CA GLU A 200 -1.67 -31.14 18.63
C GLU A 200 -0.28 -30.60 18.89
N LEU A 201 -0.20 -29.41 19.50
CA LEU A 201 1.09 -28.80 19.79
C LEU A 201 1.96 -29.73 20.62
N VAL A 202 1.37 -30.33 21.65
CA VAL A 202 2.11 -31.25 22.51
C VAL A 202 2.62 -32.44 21.72
N ALA A 203 1.78 -32.97 20.84
CA ALA A 203 2.16 -34.10 19.99
C ALA A 203 3.32 -33.71 19.06
N VAL A 204 3.23 -32.53 18.46
CA VAL A 204 4.28 -32.08 17.55
C VAL A 204 5.55 -31.76 18.34
N ALA A 205 5.39 -31.25 19.54
CA ALA A 205 6.53 -30.97 20.40
C ALA A 205 7.26 -32.28 20.74
N ASN A 206 6.50 -33.32 21.06
CA ASN A 206 7.07 -34.63 21.36
C ASN A 206 7.82 -35.22 20.18
N GLU A 207 7.31 -34.96 18.97
CA GLU A 207 7.92 -35.47 17.76
C GLU A 207 9.25 -34.77 17.48
N ASN A 208 9.41 -33.56 18.00
CA ASN A 208 10.64 -32.79 17.81
C ASN A 208 11.50 -32.75 19.09
N GLU A 209 11.21 -33.64 20.02
CA GLU A 209 11.96 -33.73 21.28
C GLU A 209 11.97 -32.42 22.07
N VAL A 210 10.81 -31.78 22.15
CA VAL A 210 10.65 -30.57 22.95
C VAL A 210 9.69 -30.80 24.13
N ASP A 211 10.10 -30.39 25.32
CA ASP A 211 9.21 -30.38 26.48
C ASP A 211 8.24 -29.22 26.40
N PHE A 212 6.97 -29.52 26.18
CA PHE A 212 5.92 -28.51 26.23
C PHE A 212 5.58 -28.21 27.68
N VAL A 213 5.98 -27.03 28.15
CA VAL A 213 5.71 -26.62 29.52
C VAL A 213 4.54 -25.65 29.56
N TRP A 214 3.40 -26.09 30.09
CA TRP A 214 2.24 -25.20 30.21
C TRP A 214 2.32 -24.40 31.49
N ALA A 215 2.33 -23.07 31.36
CA ALA A 215 2.41 -22.19 32.51
C ALA A 215 1.04 -21.63 32.86
N ILE A 216 0.85 -21.28 34.13
CA ILE A 216 -0.38 -20.66 34.61
C ILE A 216 0.01 -19.40 35.39
N HIS A 217 -0.84 -18.39 35.30
CA HIS A 217 -0.55 -17.06 35.85
C HIS A 217 -1.72 -16.59 36.71
N PRO A 218 -1.87 -17.20 37.90
CA PRO A 218 -3.07 -17.01 38.74
C PRO A 218 -2.93 -15.92 39.79
N GLY A 219 -1.76 -15.31 39.88
CA GLY A 219 -1.40 -14.49 41.03
C GLY A 219 -2.27 -13.28 41.31
N GLN A 220 -2.79 -12.64 40.28
CA GLN A 220 -3.43 -11.34 40.47
C GLN A 220 -4.71 -11.42 41.29
N ASP A 221 -5.42 -12.54 41.20
CA ASP A 221 -6.71 -12.69 41.90
C ASP A 221 -6.83 -14.02 42.64
N ILE A 222 -5.71 -14.69 42.87
CA ILE A 222 -5.74 -15.95 43.60
C ILE A 222 -6.02 -15.67 45.08
N LYS A 223 -6.88 -16.46 45.70
CA LYS A 223 -7.02 -16.46 47.15
C LYS A 223 -6.34 -17.70 47.68
N TRP A 224 -5.63 -17.54 48.80
CA TRP A 224 -4.93 -18.65 49.41
C TRP A 224 -5.89 -19.50 50.23
N ASN A 225 -6.79 -20.18 49.52
CA ASN A 225 -7.73 -21.10 50.15
C ASN A 225 -7.84 -22.40 49.35
N LYS A 226 -8.65 -23.32 49.85
CA LYS A 226 -8.81 -24.63 49.24
C LYS A 226 -9.46 -24.55 47.86
N GLU A 227 -10.40 -23.63 47.69
CA GLU A 227 -11.15 -23.51 46.45
C GLU A 227 -10.25 -23.20 45.25
N ASP A 228 -9.36 -22.22 45.39
CA ASP A 228 -8.48 -21.82 44.29
C ASP A 228 -7.35 -22.81 44.09
N ARG A 229 -6.85 -23.39 45.18
CA ARG A 229 -5.82 -24.40 45.09
CA ARG A 229 -5.84 -24.42 45.12
C ARG A 229 -6.34 -25.58 44.27
N ASP A 230 -7.53 -26.08 44.62
CA ASP A 230 -8.14 -27.21 43.92
C ASP A 230 -8.44 -26.90 42.45
N LEU A 231 -8.85 -25.67 42.16
CA LEU A 231 -9.15 -25.29 40.79
C LEU A 231 -7.87 -25.27 39.95
N LEU A 232 -6.78 -24.79 40.55
CA LEU A 232 -5.50 -24.78 39.86
C LEU A 232 -5.09 -26.23 39.52
N LEU A 233 -5.16 -27.12 40.50
CA LEU A 233 -4.80 -28.51 40.28
C LEU A 233 -5.72 -29.16 39.26
N ALA A 234 -7.00 -28.79 39.28
CA ALA A 234 -7.95 -29.31 38.33
C ALA A 234 -7.59 -28.85 36.91
N LYS A 235 -7.15 -27.61 36.79
CA LYS A 235 -6.72 -27.07 35.50
C LYS A 235 -5.48 -27.83 35.01
N PHE A 236 -4.49 -28.00 35.90
CA PHE A 236 -3.29 -28.78 35.58
C PHE A 236 -3.66 -30.19 35.13
N GLU A 237 -4.61 -30.80 35.83
CA GLU A 237 -5.05 -32.16 35.51
C GLU A 237 -5.62 -32.21 34.10
N LYS A 238 -6.36 -31.17 33.72
CA LYS A 238 -6.92 -31.10 32.37
C LYS A 238 -5.83 -31.00 31.31
N MET A 239 -4.83 -30.17 31.56
CA MET A 239 -3.73 -30.04 30.63
C MET A 239 -3.01 -31.39 30.50
N TYR A 240 -2.86 -32.08 31.61
CA TYR A 240 -2.23 -33.40 31.60
C TYR A 240 -2.99 -34.35 30.68
N GLN A 241 -4.32 -34.30 30.74
CA GLN A 241 -5.14 -35.12 29.87
C GLN A 241 -4.93 -34.78 28.40
N LEU A 242 -4.53 -33.53 28.13
CA LEU A 242 -4.24 -33.10 26.76
C LEU A 242 -2.84 -33.52 26.33
N GLY A 243 -2.04 -34.03 27.28
CA GLY A 243 -0.73 -34.59 26.98
C GLY A 243 0.41 -33.84 27.63
N VAL A 244 0.10 -32.74 28.30
CA VAL A 244 1.13 -31.92 28.93
C VAL A 244 1.81 -32.68 30.06
N ARG A 245 3.15 -32.64 30.07
CA ARG A 245 3.95 -33.36 31.06
C ARG A 245 4.95 -32.45 31.78
N SER A 246 4.89 -31.16 31.47
CA SER A 246 5.67 -30.17 32.20
C SER A 246 4.79 -28.96 32.49
N PHE A 247 5.00 -28.35 33.64
CA PHE A 247 4.10 -27.32 34.15
C PHE A 247 4.85 -26.18 34.79
N ALA A 248 4.23 -25.01 34.81
CA ALA A 248 4.82 -23.84 35.45
C ALA A 248 3.76 -22.94 36.08
N VAL A 249 4.17 -22.19 37.10
CA VAL A 249 3.30 -21.22 37.76
C VAL A 249 4.02 -19.87 37.83
N PHE A 250 3.47 -18.87 37.15
CA PHE A 250 4.06 -17.55 37.09
C PHE A 250 3.43 -16.59 38.09
N PHE A 251 4.26 -15.89 38.86
CA PHE A 251 3.79 -14.84 39.77
C PHE A 251 4.39 -13.48 39.43
N ASP A 252 4.65 -13.25 38.14
CA ASP A 252 5.29 -12.00 37.70
C ASP A 252 4.27 -10.92 37.34
N ASP A 253 4.63 -9.66 37.60
CA ASP A 253 3.79 -8.50 37.29
C ASP A 253 2.45 -8.52 38.01
N ILE A 254 2.47 -8.68 39.32
CA ILE A 254 1.25 -8.71 40.12
C ILE A 254 1.42 -8.00 41.45
N SER A 255 0.29 -7.63 42.04
CA SER A 255 0.25 -7.01 43.35
C SER A 255 -0.80 -7.69 44.21
N GLY A 256 -0.70 -7.50 45.53
CA GLY A 256 -1.66 -8.06 46.46
C GLY A 256 -1.17 -9.32 47.12
N GLU A 257 -2.11 -10.14 47.57
CA GLU A 257 -1.80 -11.33 48.35
C GLU A 257 -1.03 -12.37 47.54
N GLY A 258 -1.17 -12.33 46.22
CA GLY A 258 -0.52 -13.28 45.35
C GLY A 258 0.99 -13.19 45.36
N THR A 259 1.52 -12.14 45.97
CA THR A 259 2.96 -11.91 46.01
C THR A 259 3.62 -12.53 47.24
N ASN A 260 2.82 -13.19 48.07
CA ASN A 260 3.34 -13.76 49.32
C ASN A 260 4.27 -14.94 49.04
N PRO A 261 5.56 -14.80 49.40
CA PRO A 261 6.53 -15.87 49.06
C PRO A 261 6.24 -17.19 49.76
N GLN A 262 5.84 -17.14 51.02
CA GLN A 262 5.52 -18.34 51.78
C GLN A 262 4.41 -19.13 51.09
N LYS A 263 3.34 -18.42 50.72
CA LYS A 263 2.18 -19.06 50.09
C LYS A 263 2.50 -19.61 48.71
N GLN A 264 3.31 -18.85 47.96
CA GLN A 264 3.77 -19.31 46.65
C GLN A 264 4.54 -20.63 46.79
N ALA A 265 5.48 -20.66 47.73
CA ALA A 265 6.30 -21.86 47.95
C ALA A 265 5.42 -23.04 48.38
N GLU A 266 4.50 -22.79 49.32
CA GLU A 266 3.60 -23.83 49.79
C GLU A 266 2.76 -24.41 48.65
N LEU A 267 2.29 -23.53 47.75
CA LEU A 267 1.50 -23.96 46.61
C LEU A 267 2.31 -24.81 45.65
N LEU A 268 3.51 -24.35 45.30
CA LEU A 268 4.37 -25.11 44.38
C LEU A 268 4.77 -26.46 44.99
N ASN A 269 5.05 -26.48 46.29
CA ASN A 269 5.38 -27.74 46.96
C ASN A 269 4.19 -28.67 46.99
N TYR A 270 3.00 -28.11 47.17
CA TYR A 270 1.77 -28.89 47.13
C TYR A 270 1.61 -29.51 45.75
N ILE A 271 1.74 -28.69 44.71
CA ILE A 271 1.68 -29.18 43.35
C ILE A 271 2.74 -30.26 43.11
N ASP A 272 3.93 -30.04 43.64
CA ASP A 272 5.03 -30.98 43.46
C ASP A 272 4.70 -32.34 44.07
N GLU A 273 4.24 -32.33 45.31
CA GLU A 273 4.05 -33.56 46.07
C GLU A 273 2.74 -34.28 45.75
N LYS A 274 1.68 -33.52 45.45
CA LYS A 274 0.36 -34.11 45.23
C LYS A 274 0.05 -34.37 43.76
N PHE A 275 0.92 -33.93 42.86
CA PHE A 275 0.65 -34.02 41.42
C PHE A 275 1.91 -34.40 40.64
N ALA A 276 2.95 -33.57 40.73
CA ALA A 276 4.16 -33.80 39.94
C ALA A 276 4.86 -35.12 40.29
N GLN A 277 4.89 -35.46 41.59
CA GLN A 277 5.55 -36.70 42.02
C GLN A 277 4.59 -37.88 42.02
N VAL A 278 3.28 -37.60 42.00
CA VAL A 278 2.28 -38.66 41.95
C VAL A 278 2.15 -39.21 40.53
N LYS A 279 2.15 -38.31 39.55
CA LYS A 279 2.11 -38.74 38.15
C LYS A 279 3.40 -39.49 37.81
N PRO A 280 3.34 -40.44 36.88
CA PRO A 280 4.50 -41.28 36.58
C PRO A 280 5.52 -40.65 35.62
N ASP A 281 5.16 -39.55 34.94
CA ASP A 281 5.96 -39.07 33.82
C ASP A 281 5.97 -37.55 33.67
N ILE A 282 6.00 -36.83 34.78
CA ILE A 282 6.11 -35.38 34.74
C ILE A 282 7.58 -34.97 34.86
N ASN A 283 8.00 -34.05 33.99
CA ASN A 283 9.39 -33.65 33.91
C ASN A 283 9.68 -32.34 34.63
N GLN A 284 9.49 -31.22 33.94
CA GLN A 284 9.83 -29.93 34.50
C GLN A 284 8.70 -29.32 35.34
N LEU A 285 9.07 -28.78 36.50
CA LEU A 285 8.19 -27.95 37.30
C LEU A 285 8.92 -26.66 37.62
N VAL A 286 8.34 -25.55 37.16
CA VAL A 286 8.99 -24.24 37.14
C VAL A 286 8.11 -23.15 37.74
N MET A 287 8.71 -22.19 38.42
CA MET A 287 7.96 -21.03 38.90
C MET A 287 8.71 -19.74 38.57
N CYS A 288 7.95 -18.69 38.25
CA CYS A 288 8.52 -17.36 38.07
C CYS A 288 8.18 -16.51 39.29
N PRO A 289 9.20 -16.03 40.01
CA PRO A 289 8.92 -15.26 41.23
C PRO A 289 8.32 -13.88 40.92
N THR A 290 7.79 -13.23 41.94
CA THR A 290 7.29 -11.86 41.79
C THR A 290 8.46 -10.90 41.65
N GLU A 291 9.50 -11.12 42.45
CA GLU A 291 10.76 -10.41 42.29
C GLU A 291 11.66 -11.23 41.39
N TYR A 292 11.61 -10.94 40.09
CA TYR A 292 12.30 -11.74 39.09
C TYR A 292 13.55 -11.06 38.53
N ASN A 293 13.95 -9.96 39.13
CA ASN A 293 15.22 -9.32 38.81
C ASN A 293 15.73 -8.52 40.01
N LYS A 294 17.03 -8.24 40.01
CA LYS A 294 17.68 -7.63 41.17
C LYS A 294 17.11 -6.26 41.52
N SER A 295 16.90 -5.42 40.51
CA SER A 295 16.46 -4.05 40.75
C SER A 295 15.06 -4.02 41.37
N TRP A 296 14.23 -5.00 41.02
CA TRP A 296 12.89 -5.12 41.59
C TRP A 296 12.92 -5.89 42.92
N SER A 297 14.05 -6.51 43.23
CA SER A 297 14.19 -7.22 44.49
C SER A 297 14.28 -6.23 45.64
N ASN A 298 13.50 -6.47 46.69
CA ASN A 298 13.44 -5.58 47.83
C ASN A 298 14.39 -6.04 48.94
N PRO A 299 15.40 -5.21 49.28
CA PRO A 299 16.37 -5.62 50.31
C PRO A 299 15.80 -5.53 51.73
N ASN A 300 14.89 -4.60 51.95
CA ASN A 300 14.28 -4.43 53.27
C ASN A 300 13.51 -5.67 53.70
N GLY A 301 12.99 -6.41 52.70
CA GLY A 301 12.32 -7.68 52.95
C GLY A 301 13.25 -8.84 52.67
N ASN A 302 12.67 -10.01 52.41
CA ASN A 302 13.45 -11.20 52.10
C ASN A 302 12.60 -12.22 51.34
N TYR A 303 12.07 -11.77 50.21
CA TYR A 303 11.22 -12.59 49.35
C TYR A 303 11.98 -13.75 48.73
N LEU A 304 13.18 -13.47 48.22
CA LEU A 304 13.95 -14.46 47.47
C LEU A 304 14.50 -15.56 48.37
N THR A 305 15.04 -15.19 49.53
CA THR A 305 15.62 -16.17 50.43
C THR A 305 14.53 -17.06 51.04
N THR A 306 13.31 -16.54 51.12
CA THR A 306 12.18 -17.34 51.60
C THR A 306 11.85 -18.42 50.59
N LEU A 307 11.83 -18.05 49.31
CA LEU A 307 11.61 -19.02 48.24
C LEU A 307 12.72 -20.06 48.21
N GLY A 308 13.96 -19.60 48.33
CA GLY A 308 15.11 -20.48 48.25
C GLY A 308 15.08 -21.56 49.31
N ASP A 309 14.63 -21.21 50.50
CA ASP A 309 14.62 -22.13 51.64
C ASP A 309 13.41 -23.06 51.63
N LYS A 310 12.24 -22.50 51.32
CA LYS A 310 10.98 -23.24 51.43
C LYS A 310 10.66 -24.06 50.18
N LEU A 311 10.95 -23.50 49.01
CA LEU A 311 10.63 -24.19 47.77
C LEU A 311 11.47 -25.45 47.62
N ASN A 312 10.81 -26.56 47.28
CA ASN A 312 11.52 -27.82 47.07
C ASN A 312 12.62 -27.63 46.03
N PRO A 313 13.79 -28.24 46.25
CA PRO A 313 14.96 -27.94 45.43
C PRO A 313 14.82 -28.33 43.96
N SER A 314 13.99 -29.30 43.64
CA SER A 314 13.83 -29.75 42.26
C SER A 314 13.05 -28.73 41.43
N ILE A 315 12.38 -27.80 42.11
CA ILE A 315 11.56 -26.81 41.43
C ILE A 315 12.44 -25.66 40.95
N GLN A 316 12.28 -25.28 39.68
CA GLN A 316 13.09 -24.23 39.07
C GLN A 316 12.54 -22.85 39.42
N ILE A 317 13.45 -21.89 39.58
CA ILE A 317 13.07 -20.50 39.82
C ILE A 317 13.63 -19.62 38.71
N MET A 318 12.75 -18.87 38.05
CA MET A 318 13.14 -18.07 36.90
C MET A 318 13.66 -16.70 37.31
N TRP A 319 14.42 -16.08 36.41
CA TRP A 319 15.19 -14.88 36.73
C TRP A 319 15.60 -14.19 35.43
N THR A 320 15.42 -12.87 35.37
CA THR A 320 15.73 -12.12 34.15
C THR A 320 17.03 -11.33 34.22
N GLY A 321 17.72 -11.41 35.36
CA GLY A 321 18.99 -10.76 35.54
C GLY A 321 18.95 -9.62 36.55
N ASP A 322 19.87 -8.68 36.41
CA ASP A 322 19.96 -7.54 37.33
C ASP A 322 18.83 -6.54 37.11
N ARG A 323 18.19 -6.62 35.95
CA ARG A 323 17.05 -5.74 35.63
C ARG A 323 16.02 -6.52 34.82
N VAL A 324 14.86 -5.89 34.61
CA VAL A 324 13.78 -6.52 33.85
C VAL A 324 14.28 -6.93 32.48
N ILE A 325 14.98 -6.00 31.83
CA ILE A 325 15.67 -6.28 30.58
C ILE A 325 17.17 -6.14 30.85
N SER A 326 17.88 -7.26 30.79
CA SER A 326 19.32 -7.26 31.05
C SER A 326 19.98 -8.51 30.52
N ASP A 327 21.31 -8.43 30.39
CA ASP A 327 22.12 -9.55 29.96
C ASP A 327 22.71 -10.22 31.19
N ILE A 328 22.93 -11.53 31.11
CA ILE A 328 23.34 -12.30 32.29
C ILE A 328 24.85 -12.26 32.47
N THR A 329 25.28 -11.84 33.67
CA THR A 329 26.68 -11.75 34.01
C THR A 329 27.04 -12.74 35.12
N ARG A 330 28.33 -12.92 35.37
CA ARG A 330 28.79 -13.83 36.40
C ARG A 330 28.37 -13.35 37.78
N ASP A 331 28.66 -12.08 38.07
CA ASP A 331 28.31 -11.50 39.36
C ASP A 331 26.79 -11.46 39.54
N GLY A 332 26.07 -11.36 38.43
CA GLY A 332 24.62 -11.30 38.47
C GLY A 332 24.01 -12.62 38.85
N ILE A 333 24.43 -13.69 38.18
CA ILE A 333 23.86 -15.01 38.44
C ILE A 333 24.32 -15.53 39.79
N SER A 334 25.52 -15.14 40.20
CA SER A 334 26.04 -15.52 41.51
C SER A 334 25.21 -14.88 42.62
N TRP A 335 24.76 -13.66 42.37
CA TRP A 335 23.96 -12.91 43.33
C TRP A 335 22.62 -13.60 43.61
N ILE A 336 21.91 -13.98 42.54
CA ILE A 336 20.61 -14.62 42.71
C ILE A 336 20.77 -16.05 43.25
N ASN A 337 21.75 -16.78 42.74
CA ASN A 337 21.96 -18.17 43.15
C ASN A 337 22.20 -18.31 44.65
N GLU A 338 22.88 -17.33 45.23
CA GLU A 338 23.14 -17.33 46.67
C GLU A 338 21.83 -17.33 47.46
N ARG A 339 20.81 -16.67 46.92
CA ARG A 339 19.57 -16.46 47.64
C ARG A 339 18.54 -17.57 47.41
N ILE A 340 18.41 -18.03 46.17
CA ILE A 340 17.43 -19.07 45.86
C ILE A 340 17.98 -20.47 46.08
N LYS A 341 19.25 -20.56 46.50
CA LYS A 341 19.87 -21.83 46.90
C LYS A 341 19.85 -22.86 45.77
N ARG A 342 19.91 -22.39 44.53
CA ARG A 342 19.91 -23.27 43.37
C ARG A 342 20.32 -22.46 42.13
N PRO A 343 20.73 -23.14 41.06
CA PRO A 343 21.09 -22.40 39.84
C PRO A 343 19.85 -21.81 39.17
N ALA A 344 19.86 -20.50 38.93
CA ALA A 344 18.72 -19.82 38.36
C ALA A 344 18.36 -20.38 36.98
N TYR A 345 17.08 -20.29 36.66
CA TYR A 345 16.55 -20.71 35.38
C TYR A 345 16.29 -19.45 34.56
N ILE A 346 17.26 -19.06 33.73
CA ILE A 346 17.21 -17.74 33.10
C ILE A 346 16.06 -17.51 32.14
N TRP A 347 15.35 -16.41 32.39
CA TRP A 347 14.32 -15.88 31.49
C TRP A 347 14.91 -14.62 30.87
N TRP A 348 15.39 -14.74 29.63
CA TRP A 348 16.07 -13.62 28.99
C TRP A 348 15.09 -12.81 28.15
N ASN A 349 14.88 -11.56 28.54
CA ASN A 349 13.88 -10.72 27.87
C ASN A 349 14.43 -10.07 26.61
N PHE A 350 14.83 -10.91 25.66
CA PHE A 350 15.20 -10.46 24.33
C PHE A 350 14.93 -11.62 23.36
N PRO A 351 14.39 -11.33 22.17
CA PRO A 351 14.08 -10.05 21.56
C PRO A 351 12.68 -9.48 21.83
N VAL A 352 12.05 -9.83 22.96
CA VAL A 352 10.70 -9.33 23.26
C VAL A 352 10.62 -7.82 23.09
N SER A 353 9.56 -7.38 22.41
CA SER A 353 9.44 -5.99 22.00
C SER A 353 8.09 -5.38 22.37
N ASP A 354 7.40 -6.00 23.33
CA ASP A 354 6.05 -5.58 23.68
C ASP A 354 6.01 -4.25 24.42
N TYR A 355 7.18 -3.66 24.67
CA TYR A 355 7.27 -2.33 25.24
C TYR A 355 7.91 -1.35 24.26
N VAL A 356 8.22 -1.84 23.06
CA VAL A 356 8.69 -1.00 21.96
C VAL A 356 8.12 -1.59 20.67
N ARG A 357 6.79 -1.68 20.61
CA ARG A 357 6.11 -2.42 19.57
C ARG A 357 6.19 -1.81 18.18
N ASP A 358 6.75 -0.60 18.09
CA ASP A 358 6.96 0.02 16.79
C ASP A 358 8.34 -0.31 16.22
N HIS A 359 9.12 -1.08 16.98
CA HIS A 359 10.45 -1.54 16.55
C HIS A 359 10.50 -3.04 16.35
N LEU A 360 11.24 -3.48 15.32
CA LEU A 360 11.61 -4.87 15.18
C LEU A 360 13.02 -5.02 15.73
N LEU A 361 13.27 -6.10 16.47
CA LEU A 361 14.58 -6.33 17.06
C LEU A 361 15.21 -7.56 16.41
N LEU A 362 15.93 -7.30 15.32
CA LEU A 362 16.46 -8.36 14.46
C LEU A 362 17.99 -8.49 14.56
N GLY A 363 18.58 -7.80 15.53
CA GLY A 363 20.03 -7.82 15.69
C GLY A 363 20.55 -9.10 16.31
N PRO A 364 21.87 -9.22 16.42
CA PRO A 364 22.52 -10.40 17.00
C PRO A 364 22.27 -10.54 18.50
N VAL A 365 22.47 -11.75 19.00
CA VAL A 365 22.33 -12.04 20.42
C VAL A 365 23.68 -11.92 21.10
N TYR A 366 23.79 -11.01 22.07
CA TYR A 366 25.05 -10.82 22.78
C TYR A 366 24.84 -10.21 24.16
N GLY A 367 25.93 -10.19 24.94
CA GLY A 367 25.92 -9.58 26.25
C GLY A 367 25.95 -10.58 27.40
N ASN A 368 25.57 -11.83 27.11
CA ASN A 368 25.50 -12.87 28.13
C ASN A 368 26.82 -13.60 28.29
N ASP A 369 27.29 -13.68 29.53
CA ASP A 369 28.55 -14.32 29.86
C ASP A 369 28.61 -15.74 29.31
N THR A 370 29.77 -16.11 28.77
CA THR A 370 29.93 -17.39 28.06
C THR A 370 30.58 -18.50 28.90
N THR A 371 30.87 -18.20 30.17
CA THR A 371 31.56 -19.16 31.05
C THR A 371 30.73 -19.64 32.24
N ILE A 372 29.45 -19.28 32.29
CA ILE A 372 28.63 -19.50 33.48
C ILE A 372 27.56 -20.57 33.28
N ALA A 373 27.81 -21.50 32.36
CA ALA A 373 26.84 -22.52 32.01
C ALA A 373 26.43 -23.37 33.21
N LYS A 374 27.37 -23.63 34.12
CA LYS A 374 27.10 -24.47 35.28
C LYS A 374 26.32 -23.71 36.35
N GLU A 375 26.19 -22.39 36.18
CA GLU A 375 25.54 -21.54 37.17
C GLU A 375 24.07 -21.31 36.87
N MET A 376 23.57 -21.94 35.80
CA MET A 376 22.17 -21.80 35.42
C MET A 376 21.53 -23.16 35.14
N SER A 377 20.31 -23.33 35.65
CA SER A 377 19.54 -24.56 35.44
C SER A 377 18.96 -24.58 34.04
N GLY A 378 18.73 -23.40 33.48
CA GLY A 378 18.14 -23.30 32.16
C GLY A 378 18.34 -21.91 31.58
N PHE A 379 18.02 -21.79 30.29
CA PHE A 379 18.09 -20.51 29.61
C PHE A 379 17.06 -20.50 28.50
N VAL A 380 16.06 -19.64 28.65
CA VAL A 380 15.04 -19.48 27.62
C VAL A 380 14.92 -18.02 27.24
N THR A 381 14.55 -17.80 25.99
CA THR A 381 14.35 -16.46 25.48
C THR A 381 12.87 -16.12 25.37
N ASN A 382 12.53 -14.90 25.78
CA ASN A 382 11.19 -14.34 25.57
C ASN A 382 11.19 -13.51 24.28
N PRO A 383 10.45 -13.96 23.26
CA PRO A 383 10.59 -13.35 21.92
C PRO A 383 9.54 -12.27 21.59
N MET A 384 9.61 -11.74 20.36
CA MET A 384 8.60 -10.83 19.83
C MET A 384 7.31 -11.60 19.52
N GLU A 385 6.19 -10.90 19.42
CA GLU A 385 4.96 -11.55 18.98
C GLU A 385 5.06 -11.89 17.49
N HIS A 386 6.09 -11.36 16.84
CA HIS A 386 6.46 -11.80 15.50
C HIS A 386 7.30 -13.07 15.60
N ALA A 387 6.65 -14.20 15.35
CA ALA A 387 7.27 -15.51 15.56
C ALA A 387 8.45 -15.79 14.63
N GLU A 388 8.23 -15.65 13.33
CA GLU A 388 9.29 -15.94 12.37
C GLU A 388 10.47 -15.01 12.57
N SER A 389 10.19 -13.72 12.70
CA SER A 389 11.23 -12.70 12.89
C SER A 389 12.09 -12.99 14.12
N SER A 390 11.51 -13.66 15.10
CA SER A 390 12.21 -13.98 16.33
C SER A 390 13.17 -15.15 16.16
N LYS A 391 13.07 -15.86 15.05
CA LYS A 391 13.93 -17.03 14.82
C LYS A 391 15.40 -16.64 14.73
N ILE A 392 15.71 -15.39 14.39
CA ILE A 392 17.10 -14.95 14.34
C ILE A 392 17.73 -15.04 15.73
N ALA A 393 17.03 -14.49 16.72
CA ALA A 393 17.49 -14.54 18.10
C ALA A 393 17.38 -15.94 18.70
N ILE A 394 16.28 -16.63 18.40
CA ILE A 394 16.05 -17.98 18.93
C ILE A 394 17.15 -18.94 18.49
N TYR A 395 17.42 -18.96 17.19
CA TYR A 395 18.51 -19.75 16.61
C TYR A 395 19.83 -19.46 17.32
N SER A 396 20.05 -18.20 17.66
CA SER A 396 21.29 -17.78 18.30
C SER A 396 21.36 -18.21 19.77
N VAL A 397 20.24 -18.10 20.46
CA VAL A 397 20.15 -18.52 21.86
C VAL A 397 20.38 -20.04 21.97
N ALA A 398 19.88 -20.78 20.99
CA ALA A 398 20.06 -22.23 20.93
C ALA A 398 21.53 -22.56 20.81
N SER A 399 22.23 -21.79 19.96
CA SER A 399 23.65 -21.95 19.78
C SER A 399 24.39 -21.64 21.08
N TYR A 400 24.07 -20.47 21.65
CA TYR A 400 24.70 -20.02 22.88
C TYR A 400 24.49 -21.02 24.03
N ALA A 401 23.26 -21.51 24.16
CA ALA A 401 22.88 -22.34 25.30
C ALA A 401 23.50 -23.72 25.21
N TRP A 402 23.64 -24.25 24.00
CA TRP A 402 24.23 -25.56 23.80
C TRP A 402 25.74 -25.54 24.03
N ASN A 403 26.40 -24.55 23.44
CA ASN A 403 27.86 -24.44 23.56
C ASN A 403 28.28 -22.99 23.78
N PRO A 404 28.07 -22.47 24.99
CA PRO A 404 28.41 -21.06 25.27
C PRO A 404 29.90 -20.77 25.11
N ALA A 405 30.76 -21.76 25.35
CA ALA A 405 32.20 -21.56 25.25
C ALA A 405 32.68 -21.22 23.84
N LYS A 406 31.91 -21.65 22.84
CA LYS A 406 32.25 -21.44 21.44
C LYS A 406 31.28 -20.49 20.74
N TYR A 407 30.47 -19.77 21.53
CA TYR A 407 29.43 -18.93 20.96
C TYR A 407 30.01 -17.78 20.15
N ASP A 408 29.71 -17.79 18.86
CA ASP A 408 30.15 -16.75 17.93
C ASP A 408 28.98 -15.86 17.55
N THR A 409 28.93 -14.68 18.17
CA THR A 409 27.80 -13.78 18.03
C THR A 409 27.40 -13.50 16.58
N TRP A 410 28.35 -13.01 15.80
CA TRP A 410 28.06 -12.54 14.45
C TRP A 410 27.90 -13.70 13.47
N GLN A 411 28.76 -14.70 13.57
CA GLN A 411 28.66 -15.87 12.69
C GLN A 411 27.31 -16.57 12.86
N THR A 412 26.85 -16.66 14.09
CA THR A 412 25.57 -17.31 14.39
C THR A 412 24.41 -16.47 13.87
N TRP A 413 24.51 -15.15 14.00
CA TRP A 413 23.52 -14.23 13.46
C TRP A 413 23.38 -14.44 11.96
N LYS A 414 24.51 -14.44 11.26
CA LYS A 414 24.52 -14.67 9.82
C LYS A 414 24.00 -16.07 9.46
N ASP A 415 24.40 -17.08 10.23
CA ASP A 415 23.91 -18.45 10.03
C ASP A 415 22.40 -18.55 10.22
N ALA A 416 21.90 -17.90 11.25
CA ALA A 416 20.45 -17.82 11.49
C ALA A 416 19.72 -17.27 10.27
N ILE A 417 20.17 -16.11 9.79
CA ILE A 417 19.53 -15.45 8.66
C ILE A 417 19.58 -16.32 7.40
N ARG A 418 20.72 -16.98 7.18
CA ARG A 418 20.89 -17.82 6.01
C ARG A 418 20.01 -19.08 6.10
N THR A 419 19.68 -19.48 7.32
CA THR A 419 18.81 -20.64 7.55
C THR A 419 17.35 -20.27 7.34
N ILE A 420 16.97 -19.12 7.89
CA ILE A 420 15.60 -18.65 7.85
C ILE A 420 15.18 -18.25 6.44
N LEU A 421 16.09 -17.66 5.68
CA LEU A 421 15.77 -17.16 4.34
C LEU A 421 16.93 -17.32 3.37
N PRO A 422 17.23 -18.57 2.97
CA PRO A 422 18.37 -18.87 2.10
C PRO A 422 18.35 -18.10 0.80
N SER A 423 17.17 -17.87 0.24
CA SER A 423 17.04 -17.26 -1.08
C SER A 423 17.34 -15.76 -1.09
N ALA A 424 17.34 -15.14 0.08
CA ALA A 424 17.57 -13.70 0.17
C ALA A 424 18.27 -13.34 1.49
N ALA A 425 19.32 -14.09 1.81
CA ALA A 425 20.03 -13.92 3.07
C ALA A 425 20.71 -12.55 3.17
N GLU A 426 21.39 -12.13 2.11
CA GLU A 426 22.07 -10.84 2.12
C GLU A 426 21.07 -9.70 2.30
N GLU A 427 19.91 -9.81 1.67
CA GLU A 427 18.89 -8.79 1.78
C GLU A 427 18.35 -8.74 3.20
N LEU A 428 18.18 -9.90 3.81
CA LEU A 428 17.67 -9.98 5.18
C LEU A 428 18.72 -9.47 6.17
N GLU A 429 20.00 -9.69 5.85
CA GLU A 429 21.08 -9.16 6.67
C GLU A 429 21.06 -7.65 6.66
N CYS A 430 20.96 -7.08 5.47
CA CYS A 430 20.90 -5.64 5.30
C CYS A 430 19.74 -5.05 6.11
N PHE A 431 18.56 -5.65 5.99
CA PHE A 431 17.40 -5.19 6.70
C PHE A 431 17.59 -5.28 8.22
N ALA A 432 18.01 -6.46 8.69
CA ALA A 432 18.17 -6.70 10.13
C ALA A 432 19.28 -5.83 10.73
N MET A 433 20.30 -5.53 9.92
N MET A 433 20.28 -5.53 9.90
CA MET A 433 21.43 -4.70 10.34
CA MET A 433 21.42 -4.72 10.33
C MET A 433 20.95 -3.34 10.84
C MET A 433 20.99 -3.33 10.81
N HIS A 434 19.95 -2.80 10.17
CA HIS A 434 19.43 -1.46 10.49
C HIS A 434 18.07 -1.52 11.18
N ASN A 435 17.77 -2.68 11.77
CA ASN A 435 16.54 -2.88 12.53
C ASN A 435 16.84 -3.71 13.77
N SER A 436 17.65 -3.16 14.67
CA SER A 436 18.10 -3.93 15.84
C SER A 436 18.01 -3.14 17.13
N ASP A 437 18.08 -1.82 17.04
CA ASP A 437 18.01 -0.99 18.23
C ASP A 437 16.55 -0.84 18.67
N LEU A 438 16.34 -0.61 19.96
CA LEU A 438 15.00 -0.50 20.52
C LEU A 438 14.51 0.94 20.54
N GLY A 439 15.44 1.88 20.43
CA GLY A 439 15.15 3.28 20.63
C GLY A 439 14.93 3.53 22.11
N PRO A 440 14.72 4.79 22.49
CA PRO A 440 14.51 5.14 23.89
C PRO A 440 13.34 4.37 24.51
N ASN A 441 13.51 3.92 25.75
CA ASN A 441 12.45 3.21 26.46
C ASN A 441 12.68 3.26 27.96
N GLY A 442 11.66 2.89 28.72
CA GLY A 442 11.71 2.96 30.17
C GLY A 442 12.73 2.04 30.82
N HIS A 443 13.07 0.95 30.14
CA HIS A 443 14.01 -0.02 30.68
C HIS A 443 15.46 0.36 30.38
N GLY A 444 15.65 1.36 29.52
CA GLY A 444 16.98 1.83 29.17
C GLY A 444 17.82 0.80 28.44
N TYR A 445 17.16 -0.20 27.87
CA TYR A 445 17.85 -1.28 27.17
C TYR A 445 18.02 -0.92 25.70
N ARG A 446 19.27 -0.92 25.24
CA ARG A 446 19.58 -0.58 23.86
C ARG A 446 20.43 -1.65 23.20
N ARG A 447 20.40 -1.69 21.88
CA ARG A 447 21.23 -2.59 21.11
C ARG A 447 21.95 -1.79 20.02
N GLU A 448 23.10 -2.29 19.57
CA GLU A 448 23.86 -1.64 18.51
CA GLU A 448 23.85 -1.61 18.53
C GLU A 448 23.09 -1.71 17.20
N GLU A 449 23.33 -0.75 16.32
CA GLU A 449 22.66 -0.72 15.04
C GLU A 449 23.49 0.07 14.04
N SER A 450 23.53 -0.42 12.81
CA SER A 450 24.17 0.30 11.72
C SER A 450 25.61 0.72 12.05
N MET A 451 26.33 -0.14 12.76
N MET A 451 26.32 -0.13 12.78
CA MET A 451 27.69 0.19 13.18
CA MET A 451 27.69 0.15 13.19
C MET A 451 28.68 0.17 12.01
C MET A 451 28.61 0.25 11.98
N ASP A 452 28.32 -0.54 10.95
CA ASP A 452 29.11 -0.58 9.72
C ASP A 452 29.36 0.81 9.14
N ILE A 453 28.31 1.63 9.13
CA ILE A 453 28.36 2.91 8.43
C ILE A 453 28.37 4.10 9.40
N GLN A 454 28.24 3.80 10.70
CA GLN A 454 28.18 4.81 11.74
C GLN A 454 29.34 5.82 11.67
N PRO A 455 30.59 5.34 11.58
CA PRO A 455 31.72 6.27 11.52
C PRO A 455 31.70 7.22 10.32
N ALA A 456 31.30 6.72 9.16
CA ALA A 456 31.26 7.54 7.95
C ALA A 456 30.12 8.57 8.03
N ALA A 457 29.03 8.17 8.67
CA ALA A 457 27.89 9.05 8.88
C ALA A 457 28.23 10.17 9.86
N GLU A 458 28.93 9.83 10.93
CA GLU A 458 29.30 10.79 11.97
C GLU A 458 30.30 11.82 11.44
N ARG A 459 31.26 11.37 10.63
CA ARG A 459 32.24 12.27 10.06
C ARG A 459 31.60 13.18 9.01
N PHE A 460 30.75 12.59 8.18
CA PHE A 460 30.12 13.32 7.09
C PHE A 460 29.28 14.46 7.64
N LEU A 461 28.48 14.15 8.65
CA LEU A 461 27.54 15.13 9.20
C LEU A 461 28.26 16.27 9.93
N LYS A 462 29.29 15.93 10.70
CA LYS A 462 30.05 16.96 11.42
C LYS A 462 30.77 17.88 10.44
N ALA A 463 31.35 17.30 9.40
CA ALA A 463 32.02 18.07 8.37
C ALA A 463 31.02 18.96 7.63
N PHE A 464 29.82 18.42 7.40
CA PHE A 464 28.78 19.13 6.68
C PHE A 464 28.25 20.29 7.53
N LYS A 465 27.99 20.00 8.81
CA LYS A 465 27.52 21.02 9.75
C LYS A 465 28.49 22.20 9.82
N GLU A 466 29.76 21.88 10.08
CA GLU A 466 30.78 22.91 10.26
C GLU A 466 31.13 23.63 8.96
N GLY A 467 30.65 23.11 7.83
CA GLY A 467 30.92 23.72 6.54
C GLY A 467 32.23 23.23 5.92
N LYS A 468 32.85 22.24 6.54
CA LYS A 468 34.07 21.65 6.01
C LYS A 468 33.76 20.66 4.90
N ASN A 469 34.80 20.25 4.17
CA ASN A 469 34.65 19.27 3.10
C ASN A 469 34.57 17.85 3.64
N TYR A 470 33.43 17.20 3.43
CA TYR A 470 33.27 15.80 3.82
C TYR A 470 34.12 14.91 2.89
N ASP A 471 34.46 13.72 3.36
CA ASP A 471 35.23 12.78 2.54
C ASP A 471 34.36 12.16 1.45
N LYS A 472 34.90 12.14 0.24
CA LYS A 472 34.23 11.53 -0.90
C LYS A 472 33.85 10.08 -0.60
N ALA A 473 34.72 9.39 0.13
CA ALA A 473 34.47 8.00 0.51
C ALA A 473 33.24 7.87 1.40
N ASP A 474 33.14 8.76 2.38
CA ASP A 474 32.02 8.73 3.32
C ASP A 474 30.71 9.00 2.60
N PHE A 475 30.72 9.91 1.63
CA PHE A 475 29.53 10.25 0.87
C PHE A 475 29.08 9.05 0.04
N GLU A 476 30.04 8.34 -0.55
CA GLU A 476 29.73 7.22 -1.43
C GLU A 476 29.28 5.99 -0.64
N THR A 477 29.73 5.90 0.60
CA THR A 477 29.29 4.84 1.51
C THR A 477 27.80 4.97 1.77
N LEU A 478 27.36 6.19 2.07
CA LEU A 478 25.95 6.45 2.37
C LEU A 478 25.10 6.20 1.13
N GLN A 479 25.61 6.59 -0.03
CA GLN A 479 24.94 6.33 -1.30
C GLN A 479 24.75 4.83 -1.52
N TYR A 480 25.82 4.07 -1.35
CA TYR A 480 25.78 2.61 -1.49
C TYR A 480 24.74 2.01 -0.55
N THR A 481 24.75 2.48 0.69
CA THR A 481 23.86 1.96 1.72
C THR A 481 22.41 2.18 1.34
N PHE A 482 22.05 3.41 0.98
CA PHE A 482 20.68 3.72 0.61
C PHE A 482 20.24 2.89 -0.59
N GLU A 483 21.14 2.75 -1.56
CA GLU A 483 20.85 1.94 -2.74
C GLU A 483 20.62 0.48 -2.35
N ARG A 484 21.49 -0.06 -1.50
CA ARG A 484 21.37 -1.46 -1.07
C ARG A 484 20.09 -1.68 -0.29
N MET A 485 19.71 -0.70 0.52
CA MET A 485 18.50 -0.79 1.32
C MET A 485 17.25 -0.95 0.45
N LYS A 486 17.21 -0.22 -0.68
CA LYS A 486 16.07 -0.30 -1.59
C LYS A 486 15.99 -1.66 -2.26
N GLU A 487 17.13 -2.15 -2.72
CA GLU A 487 17.20 -3.47 -3.32
C GLU A 487 16.67 -4.52 -2.35
N SER A 488 17.14 -4.44 -1.11
CA SER A 488 16.78 -5.41 -0.08
C SER A 488 15.29 -5.36 0.21
N ALA A 489 14.77 -4.15 0.40
CA ALA A 489 13.36 -3.97 0.72
C ALA A 489 12.47 -4.53 -0.38
N ASP A 490 12.81 -4.27 -1.63
CA ASP A 490 11.99 -4.70 -2.76
C ASP A 490 12.03 -6.21 -2.94
N ILE A 491 13.21 -6.80 -2.75
CA ILE A 491 13.37 -8.24 -2.91
C ILE A 491 12.68 -9.00 -1.78
N LEU A 492 12.74 -8.45 -0.58
CA LEU A 492 12.10 -9.07 0.57
C LEU A 492 10.57 -9.06 0.45
N LEU A 493 10.01 -7.96 -0.03
CA LEU A 493 8.56 -7.84 -0.22
C LEU A 493 8.00 -8.97 -1.07
N MET A 494 8.75 -9.37 -2.08
CA MET A 494 8.28 -10.32 -3.08
C MET A 494 8.74 -11.76 -2.83
N ASN A 495 9.50 -11.97 -1.75
CA ASN A 495 10.04 -13.28 -1.45
C ASN A 495 8.94 -14.25 -1.00
N THR A 496 8.89 -15.42 -1.64
CA THR A 496 7.84 -16.40 -1.37
C THR A 496 8.35 -17.63 -0.63
N GLU A 497 9.60 -17.58 -0.16
CA GLU A 497 10.19 -18.72 0.53
C GLU A 497 9.65 -18.84 1.95
N ASN A 498 9.62 -17.71 2.65
CA ASN A 498 9.06 -17.66 4.00
C ASN A 498 7.98 -16.58 4.08
N LYS A 499 6.80 -16.91 3.53
CA LYS A 499 5.70 -15.96 3.46
C LYS A 499 5.28 -15.42 4.83
N PRO A 500 5.17 -16.29 5.84
CA PRO A 500 4.82 -15.78 7.17
C PRO A 500 5.81 -14.74 7.69
N LEU A 501 7.10 -14.89 7.39
CA LEU A 501 8.10 -13.91 7.81
C LEU A 501 7.82 -12.57 7.14
N ILE A 502 7.57 -12.60 5.84
CA ILE A 502 7.39 -11.38 5.06
C ILE A 502 6.15 -10.62 5.53
N VAL A 503 5.09 -11.34 5.89
CA VAL A 503 3.87 -10.73 6.40
C VAL A 503 4.17 -9.94 7.67
N GLU A 504 4.98 -10.51 8.55
CA GLU A 504 5.34 -9.86 9.80
C GLU A 504 6.08 -8.53 9.59
N ILE A 505 7.06 -8.52 8.68
CA ILE A 505 7.97 -7.39 8.56
C ILE A 505 7.60 -6.40 7.45
N THR A 506 6.63 -6.76 6.61
CA THR A 506 6.27 -5.97 5.44
C THR A 506 6.06 -4.48 5.72
N PRO A 507 5.33 -4.14 6.81
CA PRO A 507 5.14 -2.72 7.11
C PRO A 507 6.47 -1.99 7.36
N TRP A 508 7.38 -2.65 8.06
CA TRP A 508 8.69 -2.09 8.32
C TRP A 508 9.53 -2.03 7.04
N VAL A 509 9.37 -3.03 6.18
CA VAL A 509 10.10 -3.05 4.91
C VAL A 509 9.68 -1.87 4.03
N HIS A 510 8.39 -1.55 4.05
CA HIS A 510 7.87 -0.39 3.32
C HIS A 510 8.50 0.90 3.86
N GLN A 511 8.55 1.01 5.19
CA GLN A 511 9.12 2.18 5.84
C GLN A 511 10.62 2.23 5.59
N PHE A 512 11.22 1.04 5.52
CA PHE A 512 12.65 0.88 5.28
C PHE A 512 13.03 1.40 3.90
N LYS A 513 12.20 1.10 2.91
CA LYS A 513 12.46 1.56 1.55
C LYS A 513 12.29 3.07 1.47
N LEU A 514 11.27 3.59 2.14
CA LEU A 514 11.02 5.03 2.14
C LEU A 514 12.18 5.79 2.77
N THR A 515 12.72 5.23 3.86
CA THR A 515 13.89 5.82 4.50
C THR A 515 15.04 5.87 3.50
N ALA A 516 15.22 4.79 2.75
CA ALA A 516 16.30 4.71 1.79
C ALA A 516 16.11 5.73 0.67
N GLU A 517 14.89 5.84 0.16
CA GLU A 517 14.57 6.79 -0.90
C GLU A 517 14.78 8.23 -0.46
N MET A 518 14.37 8.52 0.77
CA MET A 518 14.57 9.85 1.35
C MET A 518 16.06 10.16 1.47
N GLY A 519 16.83 9.14 1.86
CA GLY A 519 18.27 9.29 2.01
C GLY A 519 18.93 9.66 0.69
N GLU A 520 18.56 8.97 -0.38
CA GLU A 520 19.09 9.27 -1.69
C GLU A 520 18.79 10.71 -2.11
N GLU A 521 17.54 11.13 -1.93
CA GLU A 521 17.10 12.45 -2.37
C GLU A 521 17.79 13.56 -1.58
N VAL A 522 18.08 13.30 -0.31
CA VAL A 522 18.75 14.31 0.52
C VAL A 522 20.22 14.45 0.11
N LEU A 523 20.87 13.35 -0.20
CA LEU A 523 22.26 13.40 -0.66
C LEU A 523 22.36 14.15 -1.99
N LYS A 524 21.31 14.04 -2.81
CA LYS A 524 21.27 14.77 -4.07
C LYS A 524 21.11 16.28 -3.82
N MET A 525 20.42 16.62 -2.74
CA MET A 525 20.29 18.02 -2.35
C MET A 525 21.63 18.58 -1.89
N VAL A 526 22.47 17.72 -1.32
CA VAL A 526 23.82 18.10 -0.94
C VAL A 526 24.67 18.29 -2.20
N GLU A 527 24.51 17.38 -3.16
CA GLU A 527 25.23 17.44 -4.42
C GLU A 527 24.71 18.54 -5.34
N GLY A 528 23.42 18.84 -5.19
CA GLY A 528 22.71 19.74 -6.07
C GLY A 528 23.41 21.05 -6.35
N ARG A 529 23.45 21.43 -7.62
CA ARG A 529 24.10 22.66 -8.04
C ARG A 529 23.03 23.74 -8.26
N ASN A 530 22.24 23.58 -9.32
CA ASN A 530 21.25 24.60 -9.66
C ASN A 530 20.09 24.60 -8.68
N GLU A 531 19.27 25.65 -8.77
CA GLU A 531 18.22 25.90 -7.79
C GLU A 531 17.00 25.00 -8.00
N SER A 532 16.51 24.95 -9.24
CA SER A 532 15.28 24.23 -9.54
C SER A 532 15.42 22.74 -9.27
N TYR A 533 16.63 22.22 -9.45
CA TYR A 533 16.88 20.81 -9.17
C TYR A 533 16.79 20.54 -7.68
N PHE A 534 17.35 21.46 -6.88
CA PHE A 534 17.28 21.35 -5.42
C PHE A 534 15.82 21.35 -4.96
N LEU A 535 15.02 22.21 -5.57
CA LEU A 535 13.61 22.36 -5.21
C LEU A 535 12.81 21.11 -5.54
N ARG A 536 13.11 20.51 -6.70
CA ARG A 536 12.50 19.23 -7.06
C ARG A 536 12.79 18.18 -6.00
N LYS A 537 14.05 18.08 -5.56
CA LYS A 537 14.43 17.12 -4.54
C LYS A 537 13.73 17.43 -3.21
N TYR A 538 13.69 18.71 -2.87
CA TYR A 538 13.07 19.16 -1.63
C TYR A 538 11.59 18.75 -1.57
N ASN A 539 10.87 18.98 -2.66
CA ASN A 539 9.46 18.60 -2.73
C ASN A 539 9.27 17.10 -2.69
N HIS A 540 10.20 16.37 -3.26
CA HIS A 540 10.12 14.91 -3.24
C HIS A 540 10.31 14.40 -1.82
N VAL A 541 11.28 14.94 -1.10
CA VAL A 541 11.50 14.56 0.30
C VAL A 541 10.25 14.81 1.12
N LYS A 542 9.64 15.99 0.97
CA LYS A 542 8.43 16.33 1.69
C LYS A 542 7.33 15.32 1.46
N ALA A 543 7.20 14.86 0.22
CA ALA A 543 6.21 13.85 -0.13
C ALA A 543 6.54 12.51 0.51
N LEU A 544 7.83 12.16 0.53
CA LEU A 544 8.27 10.92 1.16
C LEU A 544 8.00 10.94 2.66
N GLN A 545 8.21 12.11 3.29
CA GLN A 545 7.89 12.28 4.70
C GLN A 545 6.42 11.98 4.96
N GLN A 546 5.56 12.49 4.09
CA GLN A 546 4.13 12.28 4.21
C GLN A 546 3.78 10.81 4.06
N GLN A 547 4.48 10.12 3.15
CA GLN A 547 4.25 8.70 2.94
C GLN A 547 4.65 7.89 4.17
N MET A 548 5.74 8.28 4.82
CA MET A 548 6.18 7.59 6.03
C MET A 548 5.19 7.82 7.16
N PHE A 549 4.64 9.03 7.21
CA PHE A 549 3.60 9.36 8.18
C PHE A 549 2.40 8.44 7.99
N TYR A 550 1.96 8.33 6.74
CA TYR A 550 0.82 7.47 6.38
C TYR A 550 1.02 6.03 6.89
N ILE A 551 2.17 5.44 6.58
CA ILE A 551 2.46 4.09 7.05
C ILE A 551 2.46 4.04 8.57
N ASP A 552 3.02 5.08 9.19
CA ASP A 552 3.12 5.13 10.64
C ASP A 552 1.74 5.19 11.31
N GLN A 553 0.73 5.63 10.56
CA GLN A 553 -0.62 5.81 11.08
C GLN A 553 -1.60 4.70 10.67
N THR A 554 -1.21 3.90 9.68
CA THR A 554 -2.11 2.86 9.15
C THR A 554 -1.61 1.43 9.40
N SER A 555 -0.35 1.29 9.77
CA SER A 555 0.24 -0.03 10.06
C SER A 555 0.52 -0.20 11.55
N ASN A 556 0.42 -1.44 12.01
CA ASN A 556 0.76 -1.79 13.40
C ASN A 556 0.12 -0.85 14.42
N GLN A 557 -1.18 -0.64 14.29
CA GLN A 557 -1.87 0.32 15.16
C GLN A 557 -2.31 -0.32 16.48
N ASN A 558 -1.33 -0.71 17.27
CA ASN A 558 -1.59 -1.25 18.61
C ASN A 558 -1.78 -0.13 19.63
N PRO A 559 -2.34 -0.46 20.80
CA PRO A 559 -2.69 0.60 21.76
C PRO A 559 -1.52 1.25 22.48
N TYR A 560 -0.32 0.70 22.36
CA TYR A 560 0.78 1.09 23.25
C TYR A 560 1.92 1.82 22.54
N GLN A 561 2.44 1.23 21.47
CA GLN A 561 3.43 1.90 20.62
C GLN A 561 3.04 1.64 19.17
N PRO A 562 2.00 2.35 18.70
CA PRO A 562 1.54 2.16 17.32
C PRO A 562 2.56 2.63 16.30
N GLY A 563 2.43 2.12 15.08
CA GLY A 563 3.22 2.61 13.98
C GLY A 563 4.45 1.79 13.69
N VAL A 564 5.28 2.33 12.80
CA VAL A 564 6.39 1.61 12.23
C VAL A 564 7.62 2.49 12.21
N LYS A 565 8.62 2.11 13.00
CA LYS A 565 9.90 2.80 13.03
C LYS A 565 11.01 1.85 12.60
N THR A 566 11.96 2.38 11.83
CA THR A 566 13.04 1.58 11.28
C THR A 566 14.31 2.44 11.15
N ALA A 567 15.47 1.82 11.28
CA ALA A 567 16.75 2.50 11.08
C ALA A 567 16.85 3.76 11.92
N THR A 568 16.49 3.64 13.20
CA THR A 568 16.32 4.79 14.08
C THR A 568 17.59 5.26 14.77
N ARG A 569 18.55 4.36 14.96
CA ARG A 569 19.71 4.70 15.77
C ARG A 569 20.67 5.64 15.04
N VAL A 570 20.93 5.38 13.77
CA VAL A 570 21.96 6.10 13.03
C VAL A 570 21.41 6.77 11.77
N ILE A 571 20.70 6.02 10.94
CA ILE A 571 20.37 6.48 9.60
C ILE A 571 19.33 7.58 9.55
N LYS A 572 18.22 7.43 10.27
CA LYS A 572 17.18 8.45 10.24
CA LYS A 572 17.17 8.44 10.27
C LYS A 572 17.68 9.76 10.85
N PRO A 573 18.43 9.69 11.97
CA PRO A 573 19.02 10.94 12.48
C PRO A 573 19.96 11.61 11.47
N LEU A 574 20.76 10.82 10.77
CA LEU A 574 21.66 11.35 9.75
C LEU A 574 20.88 12.11 8.69
N ILE A 575 19.87 11.45 8.13
CA ILE A 575 19.09 12.03 7.05
C ILE A 575 18.36 13.28 7.53
N ASP A 576 17.75 13.19 8.71
CA ASP A 576 17.00 14.31 9.27
C ASP A 576 17.90 15.52 9.49
N ARG A 577 19.07 15.31 10.11
CA ARG A 577 19.99 16.40 10.41
C ARG A 577 20.64 16.93 9.13
N THR A 578 20.85 16.05 8.16
CA THR A 578 21.44 16.46 6.88
C THR A 578 20.43 17.27 6.08
N PHE A 579 19.17 16.87 6.14
CA PHE A 579 18.10 17.59 5.45
C PHE A 579 17.90 18.97 6.05
N ALA A 580 17.91 19.05 7.38
CA ALA A 580 17.71 20.31 8.07
C ALA A 580 18.85 21.27 7.76
N THR A 581 20.06 20.75 7.74
CA THR A 581 21.25 21.57 7.53
C THR A 581 21.31 22.14 6.11
N VAL A 582 21.01 21.32 5.12
CA VAL A 582 21.13 21.75 3.73
C VAL A 582 20.01 22.72 3.35
N VAL A 583 18.84 22.55 3.97
CA VAL A 583 17.74 23.47 3.79
C VAL A 583 18.11 24.81 4.44
N LYS A 584 18.74 24.73 5.61
CA LYS A 584 19.20 25.93 6.32
C LYS A 584 20.21 26.69 5.45
N PHE A 585 21.13 25.97 4.83
CA PHE A 585 22.11 26.58 3.93
C PHE A 585 21.44 27.17 2.69
N PHE A 586 20.37 26.52 2.23
CA PHE A 586 19.67 26.99 1.04
C PHE A 586 18.95 28.30 1.32
N ASN A 587 18.28 28.37 2.47
CA ASN A 587 17.58 29.58 2.87
C ASN A 587 18.54 30.75 3.03
N GLN A 588 19.73 30.46 3.53
CA GLN A 588 20.76 31.49 3.67
C GLN A 588 21.21 31.99 2.31
N LYS A 589 21.44 31.05 1.39
CA LYS A 589 21.98 31.39 0.08
C LYS A 589 21.00 32.18 -0.79
N PHE A 590 19.83 31.59 -1.04
CA PHE A 590 18.83 32.20 -1.93
C PHE A 590 17.80 33.03 -1.16
N ASN A 591 18.10 33.34 0.10
CA ASN A 591 17.22 34.18 0.91
C ASN A 591 15.81 33.61 1.00
N ALA A 592 15.72 32.29 0.89
CA ALA A 592 14.43 31.60 0.91
C ALA A 592 13.98 31.29 2.33
N HIS A 593 12.79 30.70 2.44
CA HIS A 593 12.22 30.33 3.73
C HIS A 593 11.59 28.95 3.66
N LEU A 594 12.34 27.98 3.16
CA LEU A 594 11.87 26.61 3.08
C LEU A 594 11.77 26.02 4.48
N ASP A 595 10.78 25.14 4.66
CA ASP A 595 10.55 24.46 5.92
C ASP A 595 11.57 23.33 6.09
N ALA A 596 12.27 23.35 7.22
CA ALA A 596 13.27 22.33 7.52
C ALA A 596 12.74 21.22 8.43
N THR A 597 11.42 21.11 8.52
CA THR A 597 10.78 20.06 9.31
C THR A 597 11.14 18.69 8.74
N THR A 598 11.47 17.76 9.63
CA THR A 598 11.97 16.45 9.23
C THR A 598 10.88 15.37 9.25
N ASP A 599 9.82 15.62 10.01
CA ASP A 599 8.69 14.68 10.10
C ASP A 599 7.37 15.40 9.81
N TYR A 600 6.60 14.84 8.88
CA TYR A 600 5.35 15.45 8.47
C TYR A 600 4.33 15.47 9.60
N MET A 601 3.62 16.58 9.71
CA MET A 601 2.58 16.74 10.72
C MET A 601 1.46 17.60 10.14
N PRO A 602 0.30 17.00 9.84
CA PRO A 602 -0.77 17.77 9.19
C PRO A 602 -1.33 18.87 10.09
N HIS A 603 -1.26 18.66 11.40
CA HIS A 603 -1.73 19.65 12.37
C HIS A 603 -0.63 20.68 12.65
N LYS A 604 -0.95 21.69 13.46
CA LYS A 604 0.00 22.74 13.79
C LYS A 604 -0.09 23.11 15.28
N MET A 605 0.98 23.70 15.79
CA MET A 605 1.01 24.16 17.18
C MET A 605 1.99 25.31 17.35
N ILE A 606 1.46 26.46 17.76
CA ILE A 606 2.27 27.64 18.07
C ILE A 606 2.08 27.98 19.55
N SER A 607 3.11 28.53 20.17
CA SER A 607 3.05 28.82 21.60
C SER A 607 4.08 29.86 22.05
N ASN A 608 3.93 30.30 23.29
CA ASN A 608 4.82 31.28 23.89
C ASN A 608 6.28 30.80 23.88
N ASN A 614 7.58 25.06 22.97
CA ASN A 614 7.49 24.65 21.57
C ASN A 614 8.20 23.32 21.32
N LEU A 615 7.40 22.27 21.11
CA LEU A 615 7.90 20.94 20.84
C LEU A 615 7.12 20.37 19.65
N PRO A 616 7.62 19.29 19.03
CA PRO A 616 6.88 18.73 17.88
C PRO A 616 5.61 17.99 18.30
N LEU A 617 4.55 18.14 17.50
CA LEU A 617 3.32 17.39 17.73
C LEU A 617 3.47 15.95 17.26
N GLN A 618 2.56 15.09 17.69
CA GLN A 618 2.54 13.70 17.26
C GLN A 618 1.11 13.20 17.17
N VAL A 619 0.85 12.35 16.18
CA VAL A 619 -0.45 11.70 16.04
C VAL A 619 -0.29 10.23 16.38
N LYS A 620 -1.06 9.77 17.36
CA LYS A 620 -1.09 8.35 17.71
C LYS A 620 -2.54 7.91 17.82
N ALA A 621 -2.94 7.01 16.92
CA ALA A 621 -4.32 6.60 16.81
C ALA A 621 -5.21 7.84 16.63
N ASN A 622 -6.23 7.97 17.47
CA ASN A 622 -7.14 9.11 17.41
C ASN A 622 -6.73 10.19 18.42
N ARG A 623 -5.43 10.29 18.69
CA ARG A 623 -4.91 11.25 19.64
C ARG A 623 -3.93 12.20 18.98
N VAL A 624 -4.02 13.48 19.33
CA VAL A 624 -3.06 14.49 18.93
C VAL A 624 -2.43 15.03 20.20
N LEU A 625 -1.10 15.02 20.26
CA LEU A 625 -0.39 15.29 21.51
C LEU A 625 0.90 16.07 21.32
N ILE A 626 1.29 16.77 22.37
CA ILE A 626 2.60 17.43 22.42
C ILE A 626 3.59 16.45 23.07
N SER A 627 4.80 16.40 22.53
CA SER A 627 5.81 15.45 23.00
C SER A 627 6.14 15.63 24.47
N VAL A 641 -0.29 28.52 24.66
CA VAL A 641 -0.09 27.52 23.63
C VAL A 641 -1.38 27.29 22.85
N GLU A 642 -1.25 27.06 21.55
CA GLU A 642 -2.42 26.85 20.69
C GLU A 642 -2.18 25.74 19.66
N ILE A 643 -3.13 24.83 19.55
CA ILE A 643 -3.09 23.75 18.56
C ILE A 643 -4.15 23.98 17.49
N GLU A 644 -3.80 23.69 16.24
CA GLU A 644 -4.74 23.81 15.12
C GLU A 644 -4.77 22.53 14.30
N LEU A 645 -5.89 21.83 14.33
CA LEU A 645 -6.06 20.61 13.55
C LEU A 645 -6.30 20.95 12.08
N ASP A 646 -6.12 19.97 11.22
CA ASP A 646 -6.31 20.18 9.77
C ASP A 646 -7.78 20.16 9.38
N ALA A 647 -8.66 19.97 10.36
CA ALA A 647 -10.09 19.89 10.10
C ALA A 647 -10.88 19.93 11.41
N ILE A 648 -12.20 19.90 11.29
CA ILE A 648 -13.09 19.86 12.44
C ILE A 648 -13.44 18.42 12.78
N TYR A 649 -13.16 18.02 14.03
CA TYR A 649 -13.48 16.68 14.52
C TYR A 649 -14.36 16.78 15.76
N PRO A 650 -15.12 15.71 16.06
CA PRO A 650 -15.77 15.65 17.37
C PRO A 650 -14.74 15.35 18.46
N GLY A 651 -14.71 16.16 19.51
CA GLY A 651 -13.77 15.97 20.60
C GLY A 651 -14.23 14.94 21.61
N GLU A 652 -13.28 14.20 22.17
CA GLU A 652 -13.58 13.23 23.23
C GLU A 652 -13.19 13.79 24.59
N ASN A 653 -11.93 14.21 24.71
CA ASN A 653 -11.41 14.75 25.96
C ASN A 653 -10.06 15.43 25.76
N ILE A 654 -9.64 16.19 26.76
CA ILE A 654 -8.33 16.83 26.76
C ILE A 654 -7.61 16.51 28.06
N GLN A 655 -6.78 15.46 28.02
CA GLN A 655 -6.01 15.04 29.18
C GLN A 655 -4.64 15.70 29.17
N ILE A 656 -4.11 15.97 30.36
CA ILE A 656 -2.81 16.65 30.50
C ILE A 656 -1.97 15.96 31.57
N GLY A 667 -2.25 31.04 31.39
CA GLY A 667 -2.97 30.62 30.20
C GLY A 667 -4.25 29.88 30.54
N ARG A 668 -5.23 29.93 29.64
CA ARG A 668 -6.52 29.29 29.86
C ARG A 668 -6.62 27.98 29.11
N LEU A 669 -7.83 27.49 28.93
CA LEU A 669 -8.07 26.23 28.21
C LEU A 669 -9.45 26.26 27.54
N GLU A 670 -9.46 26.32 26.21
CA GLU A 670 -10.68 26.44 25.43
C GLU A 670 -10.63 25.60 24.16
N ILE A 671 -11.70 25.66 23.37
CA ILE A 671 -11.75 25.00 22.07
C ILE A 671 -12.51 25.87 21.08
N SER A 672 -12.29 25.62 19.78
CA SER A 672 -12.93 26.42 18.75
C SER A 672 -12.93 25.71 17.39
N THR A 673 -13.80 26.18 16.49
CA THR A 673 -13.95 25.57 15.16
C THR A 673 -13.44 26.49 14.06
N ASP A 674 -13.40 27.79 14.33
CA ASP A 674 -12.99 28.77 13.33
C ASP A 674 -11.78 29.59 13.78
N GLY A 675 -11.46 29.51 15.07
CA GLY A 675 -10.35 30.26 15.63
C GLY A 675 -10.71 31.70 15.94
N LYS A 676 -12.01 32.02 15.85
CA LYS A 676 -12.53 33.34 16.20
C LYS A 676 -13.41 33.25 17.43
N GLU A 677 -14.45 32.44 17.35
CA GLU A 677 -15.31 32.14 18.49
C GLU A 677 -14.66 31.05 19.34
N TRP A 678 -14.79 31.17 20.66
CA TRP A 678 -14.15 30.22 21.57
C TRP A 678 -15.12 29.71 22.64
N LYS A 679 -14.73 28.63 23.30
CA LYS A 679 -15.58 27.94 24.26
C LYS A 679 -14.73 27.29 25.34
N THR A 680 -14.83 27.79 26.56
CA THR A 680 -13.99 27.33 27.67
C THR A 680 -14.45 25.98 28.22
N VAL A 681 -13.51 25.20 28.75
CA VAL A 681 -13.81 23.92 29.37
C VAL A 681 -13.16 23.82 30.74
N ASP A 682 -13.87 23.23 31.70
CA ASP A 682 -13.36 23.10 33.07
C ASP A 682 -12.58 21.81 33.25
N LEU A 683 -11.34 21.94 33.70
CA LEU A 683 -10.44 20.81 33.87
C LEU A 683 -10.72 20.07 35.17
N LYS A 684 -11.18 18.82 35.05
CA LYS A 684 -11.55 18.01 36.21
C LYS A 684 -10.98 16.60 36.08
N SER A 691 -7.83 18.03 33.00
CA SER A 691 -8.34 16.79 32.42
C SER A 691 -9.86 16.85 32.24
N ALA A 692 -10.30 17.48 31.16
CA ALA A 692 -11.72 17.72 30.90
C ALA A 692 -12.26 16.83 29.79
N GLY A 693 -13.59 16.78 29.69
CA GLY A 693 -14.27 16.09 28.61
C GLY A 693 -14.77 17.10 27.59
N LEU A 694 -15.07 16.62 26.38
CA LEU A 694 -15.49 17.49 25.29
C LEU A 694 -16.89 17.17 24.79
N GLN A 695 -17.31 15.92 24.99
CA GLN A 695 -18.68 15.50 24.69
C GLN A 695 -19.04 15.68 23.22
N LYS A 696 -18.14 15.23 22.33
CA LYS A 696 -18.38 15.21 20.90
C LYS A 696 -18.54 16.61 20.29
N ALA A 697 -18.19 17.65 21.05
CA ALA A 697 -18.28 19.02 20.55
C ALA A 697 -17.33 19.20 19.37
N PRO A 698 -17.78 19.87 18.31
CA PRO A 698 -16.87 20.13 17.17
C PRO A 698 -15.65 20.95 17.60
N VAL A 699 -14.46 20.49 17.22
CA VAL A 699 -13.22 21.17 17.59
C VAL A 699 -12.22 21.15 16.45
N LYS A 700 -11.56 22.29 16.26
CA LYS A 700 -10.48 22.42 15.28
C LYS A 700 -9.29 23.14 15.90
N PHE A 701 -9.57 24.00 16.88
CA PHE A 701 -8.55 24.73 17.62
C PHE A 701 -8.61 24.40 19.10
N VAL A 702 -7.44 24.34 19.74
CA VAL A 702 -7.34 24.18 21.19
C VAL A 702 -6.24 25.11 21.70
N ARG A 703 -6.52 25.84 22.77
CA ARG A 703 -5.57 26.82 23.30
C ARG A 703 -5.07 26.44 24.69
N PHE A 719 -0.14 16.57 27.73
CA PHE A 719 -1.06 17.37 26.94
C PHE A 719 -1.51 16.59 25.70
N VAL A 720 -2.72 16.04 25.77
CA VAL A 720 -3.23 15.17 24.70
C VAL A 720 -4.70 15.46 24.39
N LEU A 721 -5.00 15.64 23.10
CA LEU A 721 -6.37 15.78 22.63
C LEU A 721 -6.82 14.50 21.95
N THR A 722 -7.94 13.94 22.42
CA THR A 722 -8.54 12.78 21.79
C THR A 722 -9.77 13.19 20.99
N ILE A 723 -9.89 12.64 19.78
CA ILE A 723 -10.98 12.98 18.87
C ILE A 723 -11.62 11.71 18.33
N GLU A 724 -12.82 11.86 17.75
CA GLU A 724 -13.53 10.72 17.18
C GLU A 724 -13.13 10.53 15.71
N LYS A 725 -13.21 9.28 15.24
CA LYS A 725 -12.97 8.99 13.84
C LYS A 725 -14.14 9.45 12.98
N GLN B 12 0.48 38.23 -19.19
CA GLN B 12 -0.92 38.05 -19.58
C GLN B 12 -1.42 36.66 -19.19
N VAL B 13 -2.74 36.52 -19.13
CA VAL B 13 -3.38 35.28 -18.71
C VAL B 13 -3.98 34.53 -19.90
N SER B 14 -3.95 33.21 -19.83
CA SER B 14 -4.55 32.37 -20.87
C SER B 14 -6.01 32.10 -20.58
N LEU B 15 -6.88 32.99 -21.05
CA LEU B 15 -8.32 32.83 -20.86
C LEU B 15 -8.83 31.57 -21.53
N GLN B 16 -9.62 30.80 -20.80
CA GLN B 16 -10.19 29.56 -21.30
C GLN B 16 -11.68 29.49 -21.00
N PRO B 17 -12.51 29.29 -22.04
CA PRO B 17 -12.17 29.31 -23.46
C PRO B 17 -11.66 30.68 -23.86
N PRO B 18 -10.87 30.76 -24.95
CA PRO B 18 -10.41 32.08 -25.40
C PRO B 18 -11.55 32.84 -26.07
N PRO B 19 -11.71 34.12 -25.72
CA PRO B 19 -12.87 34.85 -26.27
C PRO B 19 -12.76 35.07 -27.78
N GLN B 20 -13.89 35.39 -28.42
CA GLN B 20 -13.91 35.63 -29.85
C GLN B 20 -13.09 36.85 -30.23
N GLN B 21 -13.26 37.92 -29.47
CA GLN B 21 -12.53 39.17 -29.69
C GLN B 21 -11.92 39.67 -28.39
N LEU B 22 -10.65 40.06 -28.47
CA LEU B 22 -9.92 40.47 -27.29
C LEU B 22 -8.90 41.53 -27.68
N ILE B 23 -9.04 42.71 -27.06
CA ILE B 23 -8.06 43.77 -27.21
C ILE B 23 -7.51 44.07 -25.83
N VAL B 24 -6.21 43.91 -25.67
CA VAL B 24 -5.55 44.11 -24.39
C VAL B 24 -4.67 45.34 -24.44
N GLN B 25 -4.68 46.11 -23.36
CA GLN B 25 -3.77 47.23 -23.17
C GLN B 25 -2.74 46.84 -22.12
N ASN B 26 -1.47 47.09 -22.40
CA ASN B 26 -0.42 46.80 -21.43
C ASN B 26 -0.52 47.75 -20.24
N LYS B 27 -1.63 47.65 -19.52
CA LYS B 27 -1.90 48.49 -18.36
C LYS B 27 -2.55 47.65 -17.27
N THR B 28 -2.34 48.04 -16.02
CA THR B 28 -2.79 47.27 -14.87
C THR B 28 -3.65 48.11 -13.93
N ILE B 29 -4.87 47.64 -13.71
CA ILE B 29 -5.79 48.27 -12.78
C ILE B 29 -5.88 47.41 -11.52
N ASP B 30 -5.88 48.05 -10.36
CA ASP B 30 -6.05 47.33 -9.10
C ASP B 30 -7.53 47.05 -8.86
N LEU B 31 -7.83 45.87 -8.34
CA LEU B 31 -9.20 45.55 -7.94
C LEU B 31 -9.63 46.58 -6.89
N PRO B 32 -10.71 47.33 -7.17
CA PRO B 32 -11.04 48.46 -6.28
C PRO B 32 -11.44 48.05 -4.87
N ALA B 33 -10.75 48.62 -3.89
CA ALA B 33 -11.12 48.42 -2.49
C ALA B 33 -12.52 48.96 -2.25
N VAL B 34 -12.79 50.13 -2.83
CA VAL B 34 -14.12 50.75 -2.76
C VAL B 34 -14.67 50.85 -4.17
N TYR B 35 -15.92 50.41 -4.35
CA TYR B 35 -16.56 50.37 -5.66
C TYR B 35 -18.04 50.71 -5.59
N GLN B 36 -18.60 51.12 -6.73
CA GLN B 36 -20.03 51.34 -6.87
C GLN B 36 -20.61 50.29 -7.81
N LEU B 37 -21.63 49.58 -7.35
CA LEU B 37 -22.25 48.53 -8.16
C LEU B 37 -23.52 49.03 -8.83
N ASN B 38 -23.61 48.77 -10.13
CA ASN B 38 -24.74 49.20 -10.94
C ASN B 38 -25.43 48.02 -11.61
N GLY B 39 -26.68 47.77 -11.20
CA GLY B 39 -27.49 46.72 -11.81
C GLY B 39 -27.51 45.41 -11.05
N GLY B 40 -27.21 45.46 -9.76
CA GLY B 40 -27.22 44.28 -8.92
C GLY B 40 -28.59 43.63 -8.87
N GLU B 41 -29.64 44.44 -8.85
CA GLU B 41 -31.01 43.94 -8.79
C GLU B 41 -31.60 43.66 -10.17
N GLU B 42 -30.85 44.02 -11.21
CA GLU B 42 -31.31 43.85 -12.59
C GLU B 42 -30.70 42.63 -13.26
N ALA B 43 -29.46 42.34 -12.90
CA ALA B 43 -28.68 41.32 -13.59
C ALA B 43 -29.00 39.91 -13.10
N ASN B 44 -28.56 38.93 -13.89
CA ASN B 44 -28.66 37.52 -13.50
C ASN B 44 -28.12 37.30 -12.08
N PRO B 45 -29.01 36.92 -11.14
CA PRO B 45 -28.58 36.68 -9.76
C PRO B 45 -27.42 35.70 -9.64
N HIS B 46 -27.36 34.71 -10.54
CA HIS B 46 -26.25 33.76 -10.54
C HIS B 46 -24.94 34.49 -10.83
N ALA B 47 -25.02 35.50 -11.70
CA ALA B 47 -23.83 36.27 -12.07
C ALA B 47 -23.48 37.26 -10.98
N VAL B 48 -24.50 37.85 -10.36
CA VAL B 48 -24.29 38.83 -9.31
C VAL B 48 -23.61 38.17 -8.10
N LYS B 49 -23.96 36.92 -7.84
CA LYS B 49 -23.41 36.19 -6.71
C LYS B 49 -21.91 35.97 -6.90
N VAL B 50 -21.52 35.55 -8.09
CA VAL B 50 -20.10 35.36 -8.40
C VAL B 50 -19.35 36.67 -8.21
N LEU B 51 -19.94 37.76 -8.69
CA LEU B 51 -19.30 39.07 -8.63
C LEU B 51 -18.98 39.47 -7.20
N LYS B 52 -19.98 39.42 -6.32
CA LYS B 52 -19.80 39.88 -4.95
C LYS B 52 -18.86 38.95 -4.17
N GLU B 53 -18.78 37.70 -4.60
CA GLU B 53 -17.83 36.76 -4.01
C GLU B 53 -16.41 37.18 -4.38
N LEU B 54 -16.23 37.59 -5.64
CA LEU B 54 -14.93 38.04 -6.11
C LEU B 54 -14.54 39.38 -5.48
N LEU B 55 -15.54 40.14 -5.05
CA LEU B 55 -15.31 41.48 -4.54
C LEU B 55 -15.32 41.55 -3.01
N SER B 56 -14.14 41.41 -2.41
CA SER B 56 -13.96 41.80 -1.02
C SER B 56 -13.84 43.32 -1.03
N GLY B 57 -13.82 43.92 0.15
CA GLY B 57 -13.90 45.36 0.25
C GLY B 57 -15.35 45.78 0.25
N LYS B 58 -15.61 47.04 0.60
CA LYS B 58 -16.97 47.50 0.83
C LYS B 58 -17.50 48.35 -0.32
N GLN B 59 -18.80 48.22 -0.57
CA GLN B 59 -19.48 48.95 -1.64
C GLN B 59 -19.78 50.38 -1.19
N SER B 60 -19.90 51.28 -2.16
CA SER B 60 -20.18 52.68 -1.88
C SER B 60 -20.87 53.34 -3.07
N SER B 61 -21.78 54.27 -2.79
CA SER B 61 -22.50 54.98 -3.84
C SER B 61 -21.69 56.16 -4.36
N LYS B 62 -20.66 56.54 -3.61
CA LYS B 62 -19.74 57.58 -4.01
C LYS B 62 -18.31 57.05 -3.87
N LYS B 63 -17.32 57.83 -4.28
CA LYS B 63 -15.91 57.48 -4.15
C LYS B 63 -15.52 56.30 -5.03
N GLY B 64 -16.19 55.17 -4.84
CA GLY B 64 -15.80 53.92 -5.47
C GLY B 64 -15.73 53.95 -6.99
N MET B 65 -15.05 52.94 -7.54
CA MET B 65 -14.99 52.73 -8.97
C MET B 65 -16.28 52.08 -9.45
N LEU B 66 -16.81 52.52 -10.58
CA LEU B 66 -18.08 52.02 -11.07
C LEU B 66 -17.95 50.64 -11.68
N ILE B 67 -18.88 49.75 -11.30
CA ILE B 67 -18.99 48.43 -11.88
C ILE B 67 -20.44 48.24 -12.34
N SER B 68 -20.63 48.02 -13.63
CA SER B 68 -21.96 47.85 -14.21
C SER B 68 -22.19 46.41 -14.63
N ILE B 69 -23.29 45.81 -14.17
CA ILE B 69 -23.64 44.44 -14.55
C ILE B 69 -25.10 44.38 -14.96
N GLY B 70 -25.39 43.60 -16.00
CA GLY B 70 -26.75 43.49 -16.50
C GLY B 70 -26.83 42.82 -17.85
N GLU B 71 -28.07 42.52 -18.27
CA GLU B 71 -28.32 41.97 -19.59
C GLU B 71 -28.81 43.07 -20.53
N LYS B 72 -28.76 42.80 -21.84
N LYS B 72 -28.74 42.80 -21.83
CA LYS B 72 -29.28 43.73 -22.82
CA LYS B 72 -29.34 43.67 -22.84
C LYS B 72 -30.77 44.00 -22.56
C LYS B 72 -30.77 43.98 -22.45
N GLY B 73 -31.09 45.28 -22.33
CA GLY B 73 -32.43 45.71 -21.98
C GLY B 73 -32.47 46.30 -20.59
N ASP B 74 -31.46 45.96 -19.78
CA ASP B 74 -31.35 46.52 -18.43
C ASP B 74 -30.82 47.94 -18.48
N LYS B 75 -31.34 48.79 -17.60
CA LYS B 75 -30.89 50.18 -17.51
C LYS B 75 -29.39 50.23 -17.23
N SER B 76 -28.92 49.26 -16.45
CA SER B 76 -27.54 49.27 -15.97
C SER B 76 -26.51 49.28 -17.09
N VAL B 77 -26.84 48.64 -18.22
CA VAL B 77 -25.89 48.50 -19.32
C VAL B 77 -26.41 49.11 -20.63
N ARG B 78 -27.31 50.08 -20.52
CA ARG B 78 -27.83 50.77 -21.70
C ARG B 78 -26.71 51.42 -22.51
N LYS B 79 -25.79 52.07 -21.81
CA LYS B 79 -24.68 52.76 -22.47
C LYS B 79 -23.87 51.85 -23.39
N TYR B 80 -23.76 50.57 -23.03
CA TYR B 80 -22.89 49.65 -23.76
C TYR B 80 -23.67 48.66 -24.61
N SER B 81 -24.98 48.89 -24.76
CA SER B 81 -25.87 47.92 -25.39
C SER B 81 -25.48 47.64 -26.85
N ARG B 82 -24.83 48.60 -27.49
CA ARG B 82 -24.37 48.43 -28.88
C ARG B 82 -23.07 47.64 -28.96
N GLN B 83 -22.40 47.45 -27.83
CA GLN B 83 -21.16 46.66 -27.78
C GLN B 83 -21.45 45.18 -27.52
N ILE B 84 -22.63 44.90 -26.99
CA ILE B 84 -23.03 43.52 -26.68
C ILE B 84 -23.29 42.72 -27.96
N PRO B 85 -22.55 41.62 -28.16
CA PRO B 85 -22.80 40.79 -29.37
C PRO B 85 -24.23 40.29 -29.46
N ASP B 86 -24.77 40.27 -30.67
CA ASP B 86 -26.15 39.83 -30.89
C ASP B 86 -26.19 38.32 -31.08
N HIS B 87 -25.68 37.59 -30.09
CA HIS B 87 -25.67 36.13 -30.09
C HIS B 87 -26.15 35.60 -28.76
N LYS B 88 -26.85 34.46 -28.77
CA LYS B 88 -27.20 33.79 -27.53
C LYS B 88 -25.94 33.47 -26.73
N GLU B 89 -26.01 33.71 -25.42
CA GLU B 89 -24.90 33.46 -24.49
C GLU B 89 -23.70 34.36 -24.77
N GLY B 90 -23.89 35.38 -25.59
CA GLY B 90 -22.84 36.34 -25.88
C GLY B 90 -22.76 37.38 -24.78
N TYR B 91 -21.64 38.10 -24.72
CA TYR B 91 -21.47 39.18 -23.74
C TYR B 91 -20.37 40.16 -24.14
N TYR B 92 -20.38 41.32 -23.47
CA TYR B 92 -19.36 42.33 -23.61
C TYR B 92 -18.70 42.57 -22.27
N LEU B 93 -17.38 42.65 -22.26
CA LEU B 93 -16.63 42.87 -21.03
C LEU B 93 -15.57 43.94 -21.26
N SER B 94 -15.50 44.88 -20.33
CA SER B 94 -14.53 45.96 -20.43
C SER B 94 -13.95 46.27 -19.06
N VAL B 95 -12.64 46.50 -19.04
CA VAL B 95 -11.93 46.94 -17.85
C VAL B 95 -11.02 48.11 -18.20
N ASN B 96 -11.14 49.21 -17.47
CA ASN B 96 -10.20 50.33 -17.58
C ASN B 96 -10.11 51.08 -16.26
N GLU B 97 -9.42 52.22 -16.26
CA GLU B 97 -9.20 52.98 -15.05
C GLU B 97 -10.51 53.49 -14.45
N LYS B 98 -11.48 53.77 -15.31
CA LYS B 98 -12.70 54.47 -14.89
C LYS B 98 -13.78 53.52 -14.39
N GLU B 99 -13.96 52.39 -15.07
CA GLU B 99 -15.07 51.50 -14.74
C GLU B 99 -14.92 50.09 -15.29
N ILE B 100 -15.79 49.19 -14.82
CA ILE B 100 -15.84 47.81 -15.27
C ILE B 100 -17.24 47.49 -15.80
N VAL B 101 -17.29 46.86 -16.97
CA VAL B 101 -18.56 46.53 -17.61
C VAL B 101 -18.67 45.02 -17.82
N LEU B 102 -19.79 44.47 -17.38
CA LEU B 102 -20.08 43.05 -17.51
C LEU B 102 -21.50 42.90 -18.05
N ALA B 103 -21.62 42.83 -19.38
CA ALA B 103 -22.93 42.92 -20.02
C ALA B 103 -23.19 41.77 -20.98
N GLY B 104 -24.18 40.95 -20.64
CA GLY B 104 -24.55 39.82 -21.48
C GLY B 104 -25.68 40.16 -22.43
N ASN B 105 -25.74 39.44 -23.54
CA ASN B 105 -26.87 39.54 -24.43
C ASN B 105 -28.12 38.96 -23.77
N ASP B 106 -27.89 37.99 -22.90
CA ASP B 106 -28.94 37.36 -22.10
C ASP B 106 -28.36 37.03 -20.72
N GLU B 107 -29.18 36.45 -19.85
CA GLU B 107 -28.75 36.16 -18.48
C GLU B 107 -27.55 35.21 -18.42
N ARG B 108 -27.52 34.22 -19.30
CA ARG B 108 -26.43 33.26 -19.31
C ARG B 108 -25.15 33.93 -19.83
N GLY B 109 -25.31 34.90 -20.72
CA GLY B 109 -24.19 35.66 -21.22
C GLY B 109 -23.54 36.48 -20.12
N THR B 110 -24.36 37.03 -19.23
CA THR B 110 -23.82 37.80 -18.12
C THR B 110 -23.03 36.91 -17.17
N TYR B 111 -23.51 35.68 -16.99
CA TYR B 111 -22.82 34.71 -16.15
C TYR B 111 -21.46 34.37 -16.76
N TYR B 112 -21.45 34.17 -18.07
CA TYR B 112 -20.22 33.84 -18.78
C TYR B 112 -19.24 35.00 -18.76
N ALA B 113 -19.76 36.22 -18.69
CA ALA B 113 -18.90 37.39 -18.60
C ALA B 113 -18.14 37.34 -17.28
N LEU B 114 -18.83 36.95 -16.22
CA LEU B 114 -18.21 36.82 -14.90
C LEU B 114 -17.16 35.72 -14.84
N GLN B 115 -17.40 34.62 -15.54
CA GLN B 115 -16.45 33.51 -15.53
C GLN B 115 -15.15 33.92 -16.23
N THR B 116 -15.28 34.77 -17.25
CA THR B 116 -14.09 35.34 -17.88
C THR B 116 -13.44 36.33 -16.92
N PHE B 117 -14.25 37.19 -16.32
CA PHE B 117 -13.75 38.19 -15.39
C PHE B 117 -12.99 37.56 -14.22
N ALA B 118 -13.45 36.38 -13.78
CA ALA B 118 -12.80 35.69 -12.67
C ALA B 118 -11.37 35.31 -13.03
N GLN B 119 -11.15 34.97 -14.30
CA GLN B 119 -9.84 34.57 -14.79
C GLN B 119 -8.88 35.74 -14.94
N LEU B 120 -9.43 36.92 -15.26
CA LEU B 120 -8.62 38.12 -15.42
C LEU B 120 -8.02 38.55 -14.08
N LEU B 121 -8.77 38.30 -13.01
CA LEU B 121 -8.36 38.73 -11.68
C LEU B 121 -7.11 38.00 -11.24
N LYS B 122 -6.06 38.75 -10.94
CA LYS B 122 -4.74 38.20 -10.65
C LYS B 122 -4.02 39.00 -9.56
N ASP B 123 -3.83 38.37 -8.40
CA ASP B 123 -3.16 39.02 -7.27
C ASP B 123 -3.83 40.35 -6.93
N GLY B 124 -5.15 40.38 -7.02
CA GLY B 124 -5.92 41.56 -6.70
C GLY B 124 -5.76 42.66 -7.73
N LYS B 125 -5.34 42.29 -8.94
CA LYS B 125 -5.16 43.25 -10.02
C LYS B 125 -5.81 42.74 -11.31
N LEU B 126 -6.13 43.68 -12.20
CA LEU B 126 -6.81 43.37 -13.45
C LEU B 126 -6.08 44.01 -14.64
N PRO B 127 -6.06 43.32 -15.79
CA PRO B 127 -5.52 43.96 -16.99
C PRO B 127 -6.56 44.88 -17.62
N GLU B 128 -6.09 45.88 -18.36
CA GLU B 128 -6.98 46.76 -19.10
C GLU B 128 -7.38 46.06 -20.40
N VAL B 129 -8.64 45.64 -20.48
CA VAL B 129 -9.10 44.82 -21.61
C VAL B 129 -10.49 45.21 -22.10
N GLU B 130 -10.75 44.84 -23.34
CA GLU B 130 -12.10 44.88 -23.89
C GLU B 130 -12.35 43.56 -24.58
N ILE B 131 -13.52 42.98 -24.32
CA ILE B 131 -13.84 41.65 -24.85
C ILE B 131 -15.27 41.59 -25.38
N LYS B 132 -15.39 41.06 -26.60
CA LYS B 132 -16.68 40.69 -27.17
C LYS B 132 -16.62 39.20 -27.44
N ASP B 133 -17.56 38.45 -26.87
CA ASP B 133 -17.44 37.01 -26.86
C ASP B 133 -18.81 36.34 -27.02
N TYR B 134 -18.78 35.12 -27.53
CA TYR B 134 -19.97 34.32 -27.78
C TYR B 134 -19.52 32.93 -28.22
N PRO B 135 -20.39 31.91 -28.06
CA PRO B 135 -20.02 30.55 -28.45
C PRO B 135 -20.17 30.29 -29.94
N SER B 136 -19.28 29.49 -30.52
CA SER B 136 -19.40 29.11 -31.93
C SER B 136 -20.31 27.89 -32.11
N VAL B 137 -20.49 27.12 -31.03
CA VAL B 137 -21.36 25.95 -31.03
C VAL B 137 -22.45 26.12 -29.98
N ARG B 138 -23.69 25.84 -30.35
CA ARG B 138 -24.84 26.16 -29.50
C ARG B 138 -24.86 25.35 -28.20
N TYR B 139 -24.70 24.04 -28.30
CA TYR B 139 -24.70 23.18 -27.11
C TYR B 139 -23.34 22.56 -26.90
N ARG B 140 -22.82 22.74 -25.70
CA ARG B 140 -21.47 22.32 -25.36
C ARG B 140 -21.44 21.71 -23.96
N GLY B 141 -20.96 20.49 -23.84
CA GLY B 141 -20.79 19.91 -22.53
C GLY B 141 -20.41 18.44 -22.50
N VAL B 142 -21.07 17.72 -21.59
CA VAL B 142 -20.73 16.35 -21.27
C VAL B 142 -21.95 15.44 -21.31
N VAL B 143 -21.78 14.26 -21.87
CA VAL B 143 -22.78 13.19 -21.74
C VAL B 143 -22.20 12.09 -20.87
N GLU B 144 -22.79 11.89 -19.70
CA GLU B 144 -22.43 10.74 -18.88
C GLU B 144 -23.15 9.53 -19.45
N GLY B 145 -22.55 8.92 -20.47
CA GLY B 145 -23.19 7.83 -21.18
C GLY B 145 -22.31 6.61 -21.35
N PHE B 146 -21.44 6.39 -20.37
CA PHE B 146 -20.48 5.29 -20.44
C PHE B 146 -20.96 4.05 -19.69
N TYR B 147 -20.33 2.91 -19.97
CA TYR B 147 -20.51 1.68 -19.19
C TYR B 147 -19.56 1.68 -18.00
N GLY B 148 -20.03 1.13 -16.88
CA GLY B 148 -19.23 1.03 -15.68
C GLY B 148 -19.88 1.77 -14.53
N THR B 149 -19.14 1.92 -13.43
CA THR B 149 -19.64 2.59 -12.25
C THR B 149 -20.05 4.02 -12.55
N PRO B 150 -21.35 4.34 -12.41
CA PRO B 150 -21.77 5.73 -12.67
C PRO B 150 -21.10 6.70 -11.71
N TRP B 151 -20.93 7.95 -12.14
CA TRP B 151 -20.35 8.98 -11.29
C TRP B 151 -21.10 9.09 -9.97
N SER B 152 -20.36 9.33 -8.89
CA SER B 152 -20.97 9.52 -7.59
C SER B 152 -21.71 10.84 -7.56
N HIS B 153 -22.58 11.01 -6.58
CA HIS B 153 -23.35 12.22 -6.44
C HIS B 153 -22.42 13.42 -6.24
N GLN B 154 -21.42 13.24 -5.37
CA GLN B 154 -20.47 14.31 -5.09
C GLN B 154 -19.64 14.64 -6.31
N ALA B 155 -19.32 13.63 -7.11
CA ALA B 155 -18.57 13.83 -8.35
C ALA B 155 -19.37 14.71 -9.30
N ARG B 156 -20.66 14.42 -9.43
CA ARG B 156 -21.54 15.16 -10.33
C ARG B 156 -21.69 16.60 -9.87
N LEU B 157 -21.76 16.83 -8.57
CA LEU B 157 -21.84 18.17 -8.05
C LEU B 157 -20.60 18.96 -8.46
N SER B 158 -19.44 18.31 -8.40
CA SER B 158 -18.18 18.94 -8.75
C SER B 158 -18.11 19.20 -10.26
N GLN B 159 -18.66 18.28 -11.04
CA GLN B 159 -18.69 18.42 -12.49
C GLN B 159 -19.50 19.64 -12.92
N LEU B 160 -20.71 19.77 -12.40
CA LEU B 160 -21.62 20.83 -12.81
C LEU B 160 -21.02 22.21 -12.56
N LYS B 161 -20.31 22.35 -11.45
CA LYS B 161 -19.63 23.60 -11.13
C LYS B 161 -18.48 23.85 -12.11
N PHE B 162 -17.79 22.77 -12.47
CA PHE B 162 -16.71 22.85 -13.44
C PHE B 162 -17.24 23.33 -14.79
N TYR B 163 -18.40 22.82 -15.19
CA TYR B 163 -18.99 23.15 -16.48
C TYR B 163 -19.28 24.63 -16.59
N GLY B 164 -19.90 25.19 -15.55
CA GLY B 164 -20.22 26.60 -15.51
C GLY B 164 -18.98 27.46 -15.66
N LYS B 165 -17.90 27.07 -14.99
CA LYS B 165 -16.66 27.83 -15.05
C LYS B 165 -16.10 27.90 -16.46
N ASN B 166 -16.32 26.83 -17.23
CA ASN B 166 -15.78 26.75 -18.59
C ASN B 166 -16.84 26.89 -19.66
N LYS B 167 -18.00 27.41 -19.26
CA LYS B 167 -19.05 27.80 -20.18
C LYS B 167 -19.63 26.61 -20.94
N MET B 168 -19.64 25.44 -20.32
CA MET B 168 -20.37 24.30 -20.84
C MET B 168 -21.81 24.41 -20.34
N ASN B 169 -22.77 24.42 -21.27
CA ASN B 169 -24.17 24.64 -20.91
C ASN B 169 -25.00 23.35 -20.92
N THR B 170 -24.35 22.21 -21.14
CA THR B 170 -25.06 20.95 -21.30
C THR B 170 -24.47 19.80 -20.50
N TYR B 171 -25.32 19.16 -19.70
CA TYR B 171 -24.97 17.91 -19.03
C TYR B 171 -26.06 16.90 -19.33
N ILE B 172 -25.71 15.85 -20.06
CA ILE B 172 -26.68 14.81 -20.41
C ILE B 172 -26.47 13.59 -19.52
N TYR B 173 -27.43 13.37 -18.62
CA TYR B 173 -27.40 12.23 -17.71
C TYR B 173 -27.90 10.98 -18.44
N GLY B 174 -27.04 9.97 -18.54
CA GLY B 174 -27.44 8.69 -19.11
C GLY B 174 -26.48 7.55 -18.85
N PRO B 175 -26.12 7.32 -17.57
CA PRO B 175 -25.22 6.20 -17.28
C PRO B 175 -25.83 4.87 -17.71
N LYS B 176 -25.15 4.14 -18.59
CA LYS B 176 -25.67 2.89 -19.13
C LYS B 176 -26.06 1.87 -18.07
N ASP B 177 -25.38 1.91 -16.92
CA ASP B 177 -25.60 0.93 -15.87
C ASP B 177 -26.55 1.42 -14.78
N ASP B 178 -27.17 2.58 -14.99
CA ASP B 178 -28.23 3.06 -14.11
C ASP B 178 -29.53 2.33 -14.49
N PRO B 179 -30.03 1.45 -13.61
CA PRO B 179 -31.18 0.63 -13.99
C PRO B 179 -32.48 1.42 -14.17
N TYR B 180 -32.52 2.66 -13.69
CA TYR B 180 -33.69 3.52 -13.87
C TYR B 180 -33.55 4.41 -15.10
N HIS B 181 -32.38 4.35 -15.74
CA HIS B 181 -32.15 5.03 -17.00
C HIS B 181 -32.35 4.07 -18.16
N SER B 182 -31.86 2.83 -17.98
CA SER B 182 -31.89 1.82 -19.03
C SER B 182 -32.74 0.65 -18.60
N ALA B 183 -32.58 -0.49 -19.28
CA ALA B 183 -33.33 -1.68 -18.93
C ALA B 183 -32.89 -2.21 -17.57
N PRO B 184 -33.81 -2.84 -16.82
CA PRO B 184 -35.22 -3.06 -17.12
C PRO B 184 -36.17 -2.04 -16.50
N ASN B 185 -35.66 -1.19 -15.60
CA ASN B 185 -36.51 -0.34 -14.78
C ASN B 185 -36.61 1.11 -15.24
N TRP B 186 -36.46 1.33 -16.55
CA TRP B 186 -36.65 2.68 -17.10
C TRP B 186 -38.10 3.09 -16.95
N ARG B 187 -38.98 2.12 -16.77
CA ARG B 187 -40.41 2.38 -16.59
C ARG B 187 -40.74 2.89 -15.19
N LEU B 188 -39.82 2.68 -14.25
CA LEU B 188 -40.08 3.00 -12.85
C LEU B 188 -39.48 4.35 -12.45
N PRO B 189 -40.17 5.07 -11.54
CA PRO B 189 -39.58 6.30 -11.01
C PRO B 189 -38.39 6.00 -10.10
N TYR B 190 -37.46 6.93 -9.96
CA TYR B 190 -36.33 6.75 -9.06
C TYR B 190 -36.83 6.62 -7.62
N PRO B 191 -36.12 5.84 -6.78
CA PRO B 191 -36.47 5.81 -5.36
C PRO B 191 -36.28 7.17 -4.70
N ASP B 192 -36.84 7.36 -3.51
CA ASP B 192 -36.81 8.65 -2.84
C ASP B 192 -35.38 9.20 -2.74
N LYS B 193 -34.43 8.35 -2.39
CA LYS B 193 -33.05 8.77 -2.19
C LYS B 193 -32.46 9.35 -3.48
N GLU B 194 -32.47 8.56 -4.54
CA GLU B 194 -31.93 8.99 -5.82
C GLU B 194 -32.72 10.19 -6.38
N ALA B 195 -34.01 10.24 -6.08
CA ALA B 195 -34.86 11.31 -6.58
C ALA B 195 -34.46 12.66 -5.97
N ALA B 196 -34.29 12.68 -4.66
CA ALA B 196 -33.87 13.89 -3.97
C ALA B 196 -32.47 14.31 -4.41
N GLN B 197 -31.63 13.32 -4.73
CA GLN B 197 -30.29 13.60 -5.21
C GLN B 197 -30.33 14.26 -6.59
N LEU B 198 -31.11 13.68 -7.50
CA LEU B 198 -31.27 14.24 -8.84
C LEU B 198 -31.84 15.64 -8.76
N GLN B 199 -32.79 15.84 -7.85
CA GLN B 199 -33.39 17.15 -7.64
C GLN B 199 -32.32 18.17 -7.28
N GLU B 200 -31.37 17.75 -6.44
CA GLU B 200 -30.28 18.64 -6.04
C GLU B 200 -29.38 18.94 -7.22
N LEU B 201 -29.08 17.93 -8.03
CA LEU B 201 -28.24 18.11 -9.21
C LEU B 201 -28.83 19.14 -10.16
N VAL B 202 -30.14 19.06 -10.36
CA VAL B 202 -30.83 19.99 -11.25
C VAL B 202 -30.72 21.42 -10.71
N ALA B 203 -30.88 21.58 -9.40
CA ALA B 203 -30.77 22.90 -8.78
C ALA B 203 -29.36 23.47 -8.95
N VAL B 204 -28.35 22.63 -8.71
CA VAL B 204 -26.96 23.05 -8.83
C VAL B 204 -26.63 23.36 -10.28
N ALA B 205 -27.18 22.56 -11.19
CA ALA B 205 -27.00 22.79 -12.61
C ALA B 205 -27.54 24.18 -12.98
N ASN B 206 -28.77 24.48 -12.55
CA ASN B 206 -29.40 25.76 -12.83
C ASN B 206 -28.56 26.92 -12.31
N GLU B 207 -27.98 26.74 -11.13
CA GLU B 207 -27.16 27.78 -10.50
C GLU B 207 -25.88 28.04 -11.29
N ASN B 208 -25.43 27.04 -12.04
CA ASN B 208 -24.22 27.15 -12.86
C ASN B 208 -24.53 27.28 -14.34
N GLU B 209 -25.79 27.61 -14.65
CA GLU B 209 -26.23 27.86 -16.02
C GLU B 209 -26.00 26.65 -16.93
N VAL B 210 -26.24 25.46 -16.39
CA VAL B 210 -26.13 24.21 -17.15
C VAL B 210 -27.51 23.61 -17.36
N ASP B 211 -27.81 23.22 -18.61
CA ASP B 211 -29.01 22.46 -18.90
C ASP B 211 -28.83 21.00 -18.49
N PHE B 212 -29.55 20.59 -17.45
CA PHE B 212 -29.58 19.19 -17.05
C PHE B 212 -30.52 18.44 -17.98
N VAL B 213 -29.95 17.63 -18.86
CA VAL B 213 -30.72 16.81 -19.79
C VAL B 213 -30.83 15.38 -19.29
N TRP B 214 -32.01 14.97 -18.84
CA TRP B 214 -32.20 13.58 -18.41
C TRP B 214 -32.54 12.70 -19.61
N ALA B 215 -31.69 11.68 -19.83
CA ALA B 215 -31.88 10.76 -20.95
C ALA B 215 -32.54 9.47 -20.48
N ILE B 216 -33.21 8.79 -21.40
CA ILE B 216 -33.82 7.49 -21.12
C ILE B 216 -33.41 6.52 -22.21
N HIS B 217 -33.21 5.26 -21.82
CA HIS B 217 -32.67 4.24 -22.71
C HIS B 217 -33.57 2.99 -22.70
N PRO B 218 -34.75 3.10 -23.32
CA PRO B 218 -35.79 2.07 -23.22
C PRO B 218 -35.79 1.04 -24.34
N GLY B 219 -34.92 1.23 -25.32
CA GLY B 219 -35.01 0.54 -26.59
C GLY B 219 -34.90 -0.97 -26.59
N GLN B 220 -34.22 -1.53 -25.59
CA GLN B 220 -33.95 -2.97 -25.62
C GLN B 220 -35.22 -3.79 -25.44
N ASP B 221 -36.10 -3.36 -24.53
CA ASP B 221 -37.30 -4.13 -24.21
C ASP B 221 -38.57 -3.32 -24.42
N ILE B 222 -38.47 -2.25 -25.22
CA ILE B 222 -39.64 -1.45 -25.52
C ILE B 222 -40.52 -2.17 -26.53
N LYS B 223 -41.83 -2.04 -26.36
CA LYS B 223 -42.80 -2.49 -27.35
C LYS B 223 -43.62 -1.28 -27.77
N TRP B 224 -43.84 -1.16 -29.07
CA TRP B 224 -44.50 0.01 -29.63
C TRP B 224 -46.00 -0.05 -29.44
N ASN B 225 -46.45 0.30 -28.24
CA ASN B 225 -47.87 0.33 -27.91
C ASN B 225 -48.17 1.48 -26.95
N LYS B 226 -49.44 1.60 -26.57
CA LYS B 226 -49.90 2.65 -25.66
CA LYS B 226 -49.86 2.68 -25.68
C LYS B 226 -49.26 2.52 -24.29
N GLU B 227 -49.13 1.29 -23.81
CA GLU B 227 -48.66 1.03 -22.46
C GLU B 227 -47.25 1.59 -22.21
N ASP B 228 -46.30 1.21 -23.06
CA ASP B 228 -44.92 1.65 -22.90
C ASP B 228 -44.75 3.13 -23.25
N ARG B 229 -45.55 3.61 -24.19
CA ARG B 229 -45.53 5.01 -24.57
C ARG B 229 -45.93 5.88 -23.38
N ASP B 230 -47.03 5.50 -22.74
CA ASP B 230 -47.53 6.22 -21.58
C ASP B 230 -46.56 6.15 -20.42
N LEU B 231 -45.96 4.98 -20.22
CA LEU B 231 -45.01 4.77 -19.13
C LEU B 231 -43.79 5.67 -19.32
N LEU B 232 -43.34 5.81 -20.56
CA LEU B 232 -42.20 6.67 -20.84
C LEU B 232 -42.56 8.13 -20.53
N LEU B 233 -43.73 8.58 -21.00
CA LEU B 233 -44.15 9.95 -20.75
C LEU B 233 -44.39 10.16 -19.25
N ALA B 234 -44.92 9.15 -18.57
CA ALA B 234 -45.12 9.22 -17.13
C ALA B 234 -43.79 9.30 -16.39
N LYS B 235 -42.76 8.64 -16.93
CA LYS B 235 -41.43 8.74 -16.36
C LYS B 235 -40.87 10.15 -16.57
N PHE B 236 -41.03 10.69 -17.78
CA PHE B 236 -40.60 12.06 -18.08
C PHE B 236 -41.30 13.07 -17.19
N GLU B 237 -42.59 12.85 -16.93
CA GLU B 237 -43.37 13.73 -16.06
C GLU B 237 -42.78 13.73 -14.65
N LYS B 238 -42.32 12.57 -14.20
CA LYS B 238 -41.71 12.47 -12.88
C LYS B 238 -40.41 13.26 -12.81
N MET B 239 -39.59 13.17 -13.85
CA MET B 239 -38.34 13.91 -13.90
C MET B 239 -38.62 15.41 -13.93
N TYR B 240 -39.67 15.80 -14.66
CA TYR B 240 -40.08 17.19 -14.73
C TYR B 240 -40.40 17.74 -13.34
N GLN B 241 -41.07 16.92 -12.53
CA GLN B 241 -41.41 17.29 -11.17
C GLN B 241 -40.19 17.47 -10.29
N LEU B 242 -39.10 16.78 -10.63
CA LEU B 242 -37.84 16.94 -9.92
C LEU B 242 -37.06 18.16 -10.42
N GLY B 243 -37.56 18.76 -11.49
CA GLY B 243 -37.00 20.02 -11.99
C GLY B 243 -36.38 19.92 -13.37
N VAL B 244 -36.34 18.72 -13.93
CA VAL B 244 -35.74 18.52 -15.25
C VAL B 244 -36.53 19.27 -16.32
N ARG B 245 -35.81 19.98 -17.19
CA ARG B 245 -36.44 20.79 -18.24
C ARG B 245 -35.84 20.50 -19.62
N SER B 246 -35.02 19.46 -19.70
CA SER B 246 -34.48 19.00 -20.97
C SER B 246 -34.42 17.48 -20.94
N PHE B 247 -34.75 16.85 -22.06
CA PHE B 247 -34.94 15.40 -22.10
C PHE B 247 -34.30 14.76 -23.33
N ALA B 248 -34.00 13.47 -23.22
CA ALA B 248 -33.40 12.74 -24.33
C ALA B 248 -33.83 11.28 -24.33
N VAL B 249 -33.86 10.69 -25.51
CA VAL B 249 -34.17 9.27 -25.67
C VAL B 249 -33.07 8.60 -26.49
N PHE B 250 -32.38 7.64 -25.87
CA PHE B 250 -31.29 6.93 -26.53
C PHE B 250 -31.75 5.58 -27.08
N PHE B 251 -31.33 5.26 -28.29
CA PHE B 251 -31.59 3.96 -28.90
C PHE B 251 -30.29 3.29 -29.33
N ASP B 252 -29.21 3.60 -28.62
CA ASP B 252 -27.88 3.08 -28.94
C ASP B 252 -27.60 1.73 -28.25
N ASP B 253 -26.85 0.87 -28.93
CA ASP B 253 -26.45 -0.44 -28.40
C ASP B 253 -27.65 -1.30 -28.02
N ILE B 254 -28.61 -1.41 -28.93
CA ILE B 254 -29.77 -2.26 -28.73
C ILE B 254 -30.05 -3.08 -29.98
N SER B 255 -30.87 -4.12 -29.81
CA SER B 255 -31.33 -4.94 -30.93
C SER B 255 -32.82 -5.20 -30.78
N GLY B 256 -33.45 -5.62 -31.87
CA GLY B 256 -34.86 -5.96 -31.85
C GLY B 256 -35.75 -4.85 -32.35
N GLU B 257 -37.01 -4.87 -31.90
CA GLU B 257 -38.03 -3.95 -32.37
C GLU B 257 -37.69 -2.49 -32.07
N GLY B 258 -36.88 -2.26 -31.05
CA GLY B 258 -36.53 -0.91 -30.64
C GLY B 258 -35.71 -0.15 -31.66
N THR B 259 -35.16 -0.87 -32.63
CA THR B 259 -34.29 -0.27 -33.64
C THR B 259 -35.07 0.32 -34.82
N ASN B 260 -36.40 0.17 -34.79
CA ASN B 260 -37.26 0.65 -35.87
C ASN B 260 -37.22 2.17 -35.99
N PRO B 261 -36.65 2.70 -37.09
CA PRO B 261 -36.49 4.16 -37.20
C PRO B 261 -37.81 4.93 -37.21
N GLN B 262 -38.80 4.38 -37.90
CA GLN B 262 -40.10 5.03 -38.00
C GLN B 262 -40.74 5.18 -36.63
N LYS B 263 -40.74 4.09 -35.86
CA LYS B 263 -41.31 4.09 -34.53
C LYS B 263 -40.53 5.00 -33.58
N GLN B 264 -39.22 5.08 -33.77
CA GLN B 264 -38.39 5.99 -33.01
C GLN B 264 -38.80 7.43 -33.28
N ALA B 265 -38.94 7.75 -34.56
CA ALA B 265 -39.32 9.11 -34.98
C ALA B 265 -40.68 9.49 -34.44
N GLU B 266 -41.64 8.58 -34.55
CA GLU B 266 -43.00 8.83 -34.08
C GLU B 266 -43.05 9.09 -32.58
N LEU B 267 -42.29 8.31 -31.82
CA LEU B 267 -42.25 8.46 -30.37
C LEU B 267 -41.69 9.82 -29.99
N LEU B 268 -40.59 10.21 -30.65
CA LEU B 268 -39.96 11.49 -30.39
C LEU B 268 -40.89 12.65 -30.76
N ASN B 269 -41.58 12.51 -31.89
CA ASN B 269 -42.54 13.53 -32.30
C ASN B 269 -43.72 13.60 -31.32
N TYR B 270 -44.10 12.44 -30.78
CA TYR B 270 -45.18 12.38 -29.80
C TYR B 270 -44.76 13.09 -28.52
N ILE B 271 -43.52 12.84 -28.08
CA ILE B 271 -42.98 13.51 -26.92
C ILE B 271 -42.86 15.01 -27.19
N ASP B 272 -42.44 15.35 -28.40
CA ASP B 272 -42.28 16.75 -28.77
C ASP B 272 -43.60 17.49 -28.67
N GLU B 273 -44.66 16.89 -29.21
CA GLU B 273 -45.95 17.56 -29.34
C GLU B 273 -46.77 17.56 -28.05
N LYS B 274 -46.85 16.42 -27.38
CA LYS B 274 -47.73 16.28 -26.22
C LYS B 274 -47.05 16.60 -24.88
N PHE B 275 -45.75 16.83 -24.90
CA PHE B 275 -44.99 17.04 -23.66
C PHE B 275 -44.06 18.26 -23.76
N ALA B 276 -43.16 18.25 -24.74
CA ALA B 276 -42.18 19.32 -24.87
C ALA B 276 -42.83 20.66 -25.19
N GLN B 277 -43.95 20.63 -25.91
CA GLN B 277 -44.61 21.86 -26.34
C GLN B 277 -45.77 22.24 -25.41
N VAL B 278 -46.26 21.26 -24.66
CA VAL B 278 -47.35 21.52 -23.71
C VAL B 278 -46.80 22.19 -22.46
N LYS B 279 -45.59 21.82 -22.05
CA LYS B 279 -44.94 22.49 -20.93
C LYS B 279 -44.43 23.85 -21.40
N PRO B 280 -44.36 24.83 -20.49
CA PRO B 280 -43.98 26.19 -20.88
C PRO B 280 -42.48 26.46 -20.87
N ASP B 281 -41.66 25.51 -20.43
CA ASP B 281 -40.25 25.79 -20.15
C ASP B 281 -39.32 24.60 -20.39
N ILE B 282 -39.64 23.78 -21.39
CA ILE B 282 -38.74 22.71 -21.81
C ILE B 282 -37.80 23.22 -22.91
N ASN B 283 -36.50 22.95 -22.73
CA ASN B 283 -35.48 23.42 -23.67
C ASN B 283 -35.08 22.36 -24.69
N GLN B 284 -34.07 21.56 -24.38
CA GLN B 284 -33.54 20.59 -25.33
C GLN B 284 -34.39 19.32 -25.40
N LEU B 285 -34.60 18.84 -26.62
CA LEU B 285 -35.13 17.50 -26.84
C LEU B 285 -34.20 16.81 -27.84
N VAL B 286 -33.51 15.77 -27.36
CA VAL B 286 -32.44 15.11 -28.10
C VAL B 286 -32.69 13.61 -28.23
N MET B 287 -32.18 13.01 -29.31
CA MET B 287 -32.27 11.56 -29.45
C MET B 287 -30.97 11.01 -30.01
N CYS B 288 -30.57 9.86 -29.51
CA CYS B 288 -29.41 9.14 -30.03
C CYS B 288 -29.88 7.98 -30.90
N PRO B 289 -29.50 7.97 -32.19
CA PRO B 289 -30.00 6.91 -33.06
C PRO B 289 -29.35 5.56 -32.81
N THR B 290 -29.92 4.50 -33.36
CA THR B 290 -29.33 3.17 -33.24
C THR B 290 -28.07 3.12 -34.09
N GLU B 291 -28.14 3.67 -35.29
CA GLU B 291 -26.96 3.88 -36.12
C GLU B 291 -26.39 5.26 -35.82
N TYR B 292 -25.37 5.31 -34.97
CA TYR B 292 -24.80 6.56 -34.50
C TYR B 292 -23.40 6.83 -35.05
N ASN B 293 -22.98 6.02 -36.02
CA ASN B 293 -21.74 6.30 -36.75
C ASN B 293 -21.79 5.72 -38.15
N LYS B 294 -20.93 6.23 -39.03
CA LYS B 294 -20.96 5.89 -40.44
C LYS B 294 -20.70 4.40 -40.70
N SER B 295 -19.64 3.87 -40.10
CA SER B 295 -19.22 2.50 -40.36
C SER B 295 -20.28 1.49 -39.92
N TRP B 296 -21.06 1.85 -38.91
CA TRP B 296 -22.14 1.00 -38.41
C TRP B 296 -23.47 1.30 -39.10
N SER B 297 -23.48 2.33 -39.94
CA SER B 297 -24.68 2.69 -40.68
C SER B 297 -24.97 1.64 -41.74
N ASN B 298 -26.23 1.55 -42.15
CA ASN B 298 -26.61 0.62 -43.21
C ASN B 298 -26.38 1.27 -44.58
N PRO B 299 -25.65 0.58 -45.47
CA PRO B 299 -25.33 1.19 -46.77
C PRO B 299 -26.55 1.32 -47.67
N ASN B 300 -27.27 0.21 -47.87
CA ASN B 300 -28.43 0.19 -48.73
C ASN B 300 -29.69 0.59 -47.98
N GLY B 301 -29.69 0.38 -46.66
CA GLY B 301 -30.83 0.72 -45.83
C GLY B 301 -31.10 2.21 -45.79
N ASN B 302 -32.16 2.59 -45.08
CA ASN B 302 -32.61 3.97 -45.05
C ASN B 302 -32.91 4.46 -43.63
N TYR B 303 -32.16 3.93 -42.66
CA TYR B 303 -32.40 4.26 -41.26
C TYR B 303 -32.23 5.76 -40.99
N LEU B 304 -31.11 6.32 -41.42
CA LEU B 304 -30.77 7.70 -41.09
C LEU B 304 -31.63 8.69 -41.88
N THR B 305 -31.89 8.40 -43.15
CA THR B 305 -32.71 9.29 -43.96
C THR B 305 -34.16 9.26 -43.47
N THR B 306 -34.56 8.12 -42.90
CA THR B 306 -35.90 8.00 -42.32
C THR B 306 -36.04 8.96 -41.13
N LEU B 307 -35.02 8.98 -40.27
CA LEU B 307 -34.98 9.91 -39.16
C LEU B 307 -34.88 11.34 -39.67
N GLY B 308 -34.16 11.53 -40.76
CA GLY B 308 -33.97 12.85 -41.33
C GLY B 308 -35.27 13.49 -41.76
N ASP B 309 -36.12 12.72 -42.42
CA ASP B 309 -37.37 13.24 -42.98
C ASP B 309 -38.52 13.22 -41.96
N LYS B 310 -38.55 12.19 -41.12
CA LYS B 310 -39.69 11.98 -40.23
C LYS B 310 -39.57 12.73 -38.90
N LEU B 311 -38.36 12.87 -38.39
CA LEU B 311 -38.17 13.51 -37.08
C LEU B 311 -38.41 15.01 -37.18
N ASN B 312 -39.19 15.54 -36.25
CA ASN B 312 -39.47 16.97 -36.18
C ASN B 312 -38.17 17.78 -36.18
N PRO B 313 -38.16 18.95 -36.85
CA PRO B 313 -36.90 19.68 -37.10
C PRO B 313 -36.23 20.20 -35.82
N SER B 314 -37.00 20.43 -34.77
CA SER B 314 -36.44 20.96 -33.53
C SER B 314 -35.70 19.90 -32.71
N ILE B 315 -35.88 18.63 -33.08
CA ILE B 315 -35.30 17.53 -32.32
C ILE B 315 -33.87 17.25 -32.80
N GLN B 316 -32.94 17.18 -31.84
CA GLN B 316 -31.53 16.93 -32.15
C GLN B 316 -31.26 15.45 -32.37
N ILE B 317 -30.33 15.16 -33.27
CA ILE B 317 -29.90 13.78 -33.54
C ILE B 317 -28.40 13.65 -33.25
N MET B 318 -28.05 12.72 -32.37
CA MET B 318 -26.66 12.55 -31.97
C MET B 318 -25.87 11.68 -32.93
N TRP B 319 -24.55 11.84 -32.89
CA TRP B 319 -23.65 11.21 -33.88
C TRP B 319 -22.22 11.19 -33.35
N THR B 320 -21.54 10.05 -33.52
CA THR B 320 -20.19 9.89 -32.96
C THR B 320 -19.08 9.98 -34.00
N GLY B 321 -19.45 10.18 -35.26
CA GLY B 321 -18.49 10.32 -36.33
C GLY B 321 -18.53 9.16 -37.31
N ASP B 322 -17.41 8.92 -37.97
CA ASP B 322 -17.32 7.88 -38.98
C ASP B 322 -17.25 6.49 -38.36
N ARG B 323 -16.82 6.43 -37.10
CA ARG B 323 -16.76 5.19 -36.35
C ARG B 323 -17.25 5.42 -34.93
N VAL B 324 -17.34 4.34 -34.16
CA VAL B 324 -17.76 4.41 -32.77
C VAL B 324 -16.85 5.37 -32.01
N ILE B 325 -15.55 5.20 -32.20
CA ILE B 325 -14.55 6.09 -31.62
C ILE B 325 -13.81 6.78 -32.76
N SER B 326 -14.12 8.06 -33.00
CA SER B 326 -13.49 8.79 -34.08
C SER B 326 -13.51 10.28 -33.82
N ASP B 327 -12.61 10.98 -34.51
CA ASP B 327 -12.57 12.43 -34.46
C ASP B 327 -13.43 12.97 -35.59
N ILE B 328 -13.94 14.19 -35.42
CA ILE B 328 -14.90 14.76 -36.37
C ILE B 328 -14.18 15.53 -37.47
N THR B 329 -14.41 15.13 -38.72
CA THR B 329 -13.82 15.78 -39.88
C THR B 329 -14.89 16.54 -40.67
N ARG B 330 -14.45 17.26 -41.70
CA ARG B 330 -15.39 18.03 -42.52
C ARG B 330 -16.20 17.10 -43.43
N ASP B 331 -15.54 16.11 -44.00
CA ASP B 331 -16.21 15.15 -44.86
C ASP B 331 -17.14 14.25 -44.04
N GLY B 332 -16.78 14.04 -42.78
CA GLY B 332 -17.57 13.20 -41.90
C GLY B 332 -18.87 13.88 -41.49
N ILE B 333 -18.76 15.12 -41.02
CA ILE B 333 -19.94 15.87 -40.58
C ILE B 333 -20.86 16.15 -41.76
N SER B 334 -20.28 16.31 -42.95
CA SER B 334 -21.06 16.57 -44.15
C SER B 334 -21.85 15.34 -44.56
N TRP B 335 -21.26 14.17 -44.36
CA TRP B 335 -21.88 12.92 -44.76
C TRP B 335 -23.17 12.67 -43.96
N ILE B 336 -23.10 12.92 -42.66
CA ILE B 336 -24.26 12.67 -41.80
C ILE B 336 -25.32 13.75 -41.99
N ASN B 337 -24.89 15.01 -42.09
CA ASN B 337 -25.82 16.13 -42.18
C ASN B 337 -26.71 16.04 -43.43
N GLU B 338 -26.16 15.55 -44.52
CA GLU B 338 -26.93 15.38 -45.77
C GLU B 338 -28.12 14.46 -45.55
N ARG B 339 -28.00 13.56 -44.59
CA ARG B 339 -28.99 12.50 -44.41
C ARG B 339 -29.97 12.80 -43.28
N ILE B 340 -29.50 13.40 -42.19
CA ILE B 340 -30.38 13.73 -41.08
C ILE B 340 -31.02 15.11 -41.27
N LYS B 341 -30.63 15.78 -42.36
CA LYS B 341 -31.24 17.05 -42.75
C LYS B 341 -31.11 18.13 -41.68
N ARG B 342 -30.06 18.04 -40.88
CA ARG B 342 -29.78 19.05 -39.86
C ARG B 342 -28.35 18.89 -39.36
N PRO B 343 -27.82 19.91 -38.67
CA PRO B 343 -26.46 19.78 -38.13
C PRO B 343 -26.42 18.76 -37.00
N ALA B 344 -25.51 17.80 -37.10
CA ALA B 344 -25.41 16.73 -36.12
C ALA B 344 -25.10 17.27 -34.73
N TYR B 345 -25.57 16.55 -33.73
CA TYR B 345 -25.28 16.84 -32.33
C TYR B 345 -24.20 15.87 -31.88
N ILE B 346 -22.94 16.27 -32.00
CA ILE B 346 -21.83 15.33 -31.84
C ILE B 346 -21.71 14.74 -30.44
N TRP B 347 -21.61 13.41 -30.42
CA TRP B 347 -21.29 12.64 -29.23
C TRP B 347 -19.88 12.10 -29.41
N TRP B 348 -18.89 12.76 -28.82
CA TRP B 348 -17.49 12.39 -29.02
C TRP B 348 -17.03 11.41 -27.95
N ASN B 349 -16.73 10.17 -28.36
CA ASN B 349 -16.36 9.11 -27.44
C ASN B 349 -14.89 9.20 -27.01
N PHE B 350 -14.57 10.27 -26.31
CA PHE B 350 -13.27 10.45 -25.68
C PHE B 350 -13.43 11.45 -24.56
N PRO B 351 -12.80 11.23 -23.40
CA PRO B 351 -11.82 10.18 -23.05
C PRO B 351 -12.41 8.88 -22.49
N VAL B 352 -13.66 8.56 -22.82
CA VAL B 352 -14.29 7.34 -22.30
C VAL B 352 -13.40 6.13 -22.52
N SER B 353 -13.25 5.34 -21.47
CA SER B 353 -12.26 4.28 -21.44
C SER B 353 -12.85 2.93 -21.03
N ASP B 354 -14.17 2.78 -21.16
CA ASP B 354 -14.84 1.59 -20.68
C ASP B 354 -14.59 0.35 -21.55
N TYR B 355 -13.78 0.52 -22.59
CA TYR B 355 -13.34 -0.60 -23.42
C TYR B 355 -11.83 -0.81 -23.28
N VAL B 356 -11.19 0.05 -22.51
CA VAL B 356 -9.78 -0.09 -22.16
C VAL B 356 -9.61 0.32 -20.70
N ARG B 357 -10.32 -0.38 -19.82
CA ARG B 357 -10.47 0.05 -18.43
C ARG B 357 -9.20 -0.07 -17.61
N ASP B 358 -8.16 -0.69 -18.17
CA ASP B 358 -6.88 -0.77 -17.47
C ASP B 358 -5.97 0.39 -17.86
N HIS B 359 -6.47 1.29 -18.72
CA HIS B 359 -5.77 2.50 -19.10
C HIS B 359 -6.50 3.76 -18.62
N LEU B 360 -5.73 4.77 -18.21
CA LEU B 360 -6.24 6.13 -18.03
C LEU B 360 -5.90 6.94 -19.28
N LEU B 361 -6.84 7.76 -19.75
CA LEU B 361 -6.63 8.56 -20.95
C LEU B 361 -6.58 10.04 -20.58
N LEU B 362 -5.37 10.51 -20.28
CA LEU B 362 -5.18 11.84 -19.71
C LEU B 362 -4.48 12.79 -20.70
N GLY B 363 -4.38 12.39 -21.96
CA GLY B 363 -3.71 13.20 -22.95
C GLY B 363 -4.55 14.35 -23.46
N PRO B 364 -3.97 15.18 -24.34
CA PRO B 364 -4.67 16.33 -24.92
C PRO B 364 -5.83 15.95 -25.82
N VAL B 365 -6.75 16.89 -26.03
CA VAL B 365 -7.87 16.71 -26.95
C VAL B 365 -7.48 17.25 -28.31
N TYR B 366 -7.54 16.40 -29.33
CA TYR B 366 -7.19 16.82 -30.68
C TYR B 366 -7.82 15.91 -31.73
N GLY B 367 -7.67 16.29 -33.00
CA GLY B 367 -8.13 15.49 -34.11
C GLY B 367 -9.41 15.98 -34.73
N ASN B 368 -10.12 16.87 -34.02
CA ASN B 368 -11.39 17.40 -34.49
C ASN B 368 -11.21 18.67 -35.30
N ASP B 369 -11.82 18.69 -36.48
CA ASP B 369 -11.74 19.84 -37.38
C ASP B 369 -12.17 21.11 -36.66
N THR B 370 -11.40 22.19 -36.86
CA THR B 370 -11.62 23.43 -36.14
C THR B 370 -12.43 24.46 -36.93
N THR B 371 -12.89 24.07 -38.13
CA THR B 371 -13.57 25.00 -39.02
C THR B 371 -15.05 24.66 -39.25
N ILE B 372 -15.56 23.64 -38.57
CA ILE B 372 -16.90 23.11 -38.87
C ILE B 372 -17.93 23.43 -37.79
N ALA B 373 -17.71 24.51 -37.04
CA ALA B 373 -18.61 24.91 -35.96
C ALA B 373 -20.05 25.03 -36.44
N LYS B 374 -20.24 25.65 -37.60
CA LYS B 374 -21.57 25.88 -38.12
C LYS B 374 -22.21 24.60 -38.65
N GLU B 375 -21.45 23.52 -38.66
CA GLU B 375 -21.92 22.24 -39.19
C GLU B 375 -22.42 21.30 -38.08
N MET B 376 -22.39 21.77 -36.84
CA MET B 376 -22.83 20.96 -35.71
C MET B 376 -23.73 21.74 -34.74
N SER B 377 -24.83 21.10 -34.34
CA SER B 377 -25.77 21.68 -33.39
C SER B 377 -25.19 21.68 -31.98
N GLY B 378 -24.42 20.65 -31.68
CA GLY B 378 -23.81 20.54 -30.37
C GLY B 378 -22.57 19.66 -30.40
N PHE B 379 -21.86 19.66 -29.29
CA PHE B 379 -20.67 18.84 -29.14
C PHE B 379 -20.54 18.47 -27.67
N VAL B 380 -20.69 17.19 -27.38
CA VAL B 380 -20.53 16.68 -26.02
C VAL B 380 -19.51 15.56 -25.97
N THR B 381 -18.80 15.49 -24.85
CA THR B 381 -17.79 14.47 -24.65
C THR B 381 -18.31 13.38 -23.71
N ASN B 382 -18.10 12.14 -24.11
CA ASN B 382 -18.34 10.98 -23.26
C ASN B 382 -17.04 10.66 -22.51
N PRO B 383 -17.04 10.84 -21.17
CA PRO B 383 -15.79 10.74 -20.41
C PRO B 383 -15.54 9.37 -19.77
N MET B 384 -14.47 9.28 -18.98
CA MET B 384 -14.19 8.09 -18.17
C MET B 384 -15.10 8.03 -16.95
N GLU B 385 -15.21 6.86 -16.35
CA GLU B 385 -15.96 6.75 -15.10
C GLU B 385 -15.16 7.41 -13.98
N HIS B 386 -13.90 7.74 -14.27
CA HIS B 386 -13.10 8.56 -13.37
C HIS B 386 -13.41 10.03 -13.65
N ALA B 387 -14.25 10.63 -12.81
CA ALA B 387 -14.80 11.96 -13.05
C ALA B 387 -13.74 13.05 -13.05
N GLU B 388 -12.92 13.11 -12.00
CA GLU B 388 -11.95 14.18 -11.86
C GLU B 388 -10.89 14.10 -12.96
N SER B 389 -10.46 12.88 -13.26
CA SER B 389 -9.45 12.64 -14.28
C SER B 389 -9.96 13.06 -15.66
N SER B 390 -11.27 13.01 -15.84
CA SER B 390 -11.88 13.37 -17.11
C SER B 390 -11.90 14.88 -17.33
N LYS B 391 -11.64 15.65 -16.27
CA LYS B 391 -11.69 17.12 -16.36
C LYS B 391 -10.63 17.67 -17.30
N ILE B 392 -9.55 16.92 -17.52
CA ILE B 392 -8.51 17.36 -18.45
C ILE B 392 -9.09 17.47 -19.85
N ALA B 393 -9.78 16.42 -20.28
CA ALA B 393 -10.41 16.40 -21.60
C ALA B 393 -11.64 17.31 -21.66
N ILE B 394 -12.43 17.34 -20.59
CA ILE B 394 -13.64 18.14 -20.54
C ILE B 394 -13.33 19.64 -20.66
N TYR B 395 -12.35 20.09 -19.89
CA TYR B 395 -11.85 21.46 -19.96
C TYR B 395 -11.44 21.82 -21.39
N SER B 396 -10.81 20.87 -22.08
CA SER B 396 -10.32 21.10 -23.43
C SER B 396 -11.44 21.11 -24.47
N VAL B 397 -12.43 20.25 -24.30
CA VAL B 397 -13.58 20.20 -25.19
C VAL B 397 -14.39 21.48 -25.06
N ALA B 398 -14.48 21.99 -23.83
CA ALA B 398 -15.14 23.26 -23.58
C ALA B 398 -14.46 24.38 -24.37
N SER B 399 -13.14 24.41 -24.32
CA SER B 399 -12.37 25.40 -25.05
C SER B 399 -12.61 25.25 -26.54
N TYR B 400 -12.49 24.02 -27.04
CA TYR B 400 -12.71 23.73 -28.45
C TYR B 400 -14.11 24.12 -28.91
N ALA B 401 -15.13 23.79 -28.12
CA ALA B 401 -16.51 23.96 -28.53
C ALA B 401 -16.92 25.43 -28.55
N TRP B 402 -16.39 26.22 -27.62
CA TRP B 402 -16.68 27.64 -27.54
C TRP B 402 -15.99 28.42 -28.65
N ASN B 403 -14.70 28.18 -28.84
CA ASN B 403 -13.90 28.88 -29.84
C ASN B 403 -12.97 27.93 -30.59
N PRO B 404 -13.52 27.13 -31.52
CA PRO B 404 -12.70 26.15 -32.26
C PRO B 404 -11.64 26.80 -33.15
N ALA B 405 -11.91 27.98 -33.69
CA ALA B 405 -10.96 28.64 -34.58
C ALA B 405 -9.65 28.99 -33.86
N LYS B 406 -9.73 29.18 -32.56
CA LYS B 406 -8.57 29.52 -31.74
C LYS B 406 -8.09 28.35 -30.89
N TYR B 407 -8.62 27.16 -31.14
CA TYR B 407 -8.35 26.02 -30.26
C TYR B 407 -6.87 25.64 -30.28
N ASP B 408 -6.25 25.69 -29.09
CA ASP B 408 -4.84 25.36 -28.92
C ASP B 408 -4.70 24.09 -28.09
N THR B 409 -4.45 22.97 -28.78
CA THR B 409 -4.46 21.65 -28.17
C THR B 409 -3.59 21.54 -26.92
N TRP B 410 -2.31 21.83 -27.07
CA TRP B 410 -1.35 21.61 -26.00
C TRP B 410 -1.46 22.66 -24.90
N GLN B 411 -1.64 23.93 -25.29
CA GLN B 411 -1.80 24.99 -24.31
C GLN B 411 -3.00 24.74 -23.42
N THR B 412 -4.11 24.31 -24.03
CA THR B 412 -5.34 24.05 -23.28
C THR B 412 -5.16 22.84 -22.38
N TRP B 413 -4.47 21.82 -22.87
CA TRP B 413 -4.15 20.65 -22.06
C TRP B 413 -3.42 21.10 -20.80
N LYS B 414 -2.39 21.91 -20.98
CA LYS B 414 -1.59 22.42 -19.87
C LYS B 414 -2.42 23.32 -18.94
N ASP B 415 -3.26 24.18 -19.52
CA ASP B 415 -4.15 25.03 -18.74
C ASP B 415 -5.10 24.20 -17.89
N ALA B 416 -5.66 23.15 -18.48
CA ALA B 416 -6.53 22.23 -17.77
C ALA B 416 -5.85 21.66 -16.52
N ILE B 417 -4.65 21.12 -16.72
CA ILE B 417 -3.90 20.51 -15.63
C ILE B 417 -3.57 21.55 -14.55
N ARG B 418 -3.23 22.75 -14.98
CA ARG B 418 -2.92 23.85 -14.06
C ARG B 418 -4.15 24.24 -13.24
N THR B 419 -5.33 24.08 -13.82
CA THR B 419 -6.58 24.46 -13.16
C THR B 419 -7.02 23.37 -12.20
N ILE B 420 -6.91 22.13 -12.64
CA ILE B 420 -7.35 20.98 -11.87
C ILE B 420 -6.47 20.72 -10.64
N LEU B 421 -5.16 20.94 -10.77
CA LEU B 421 -4.24 20.66 -9.67
C LEU B 421 -3.07 21.63 -9.67
N PRO B 422 -3.34 22.90 -9.32
CA PRO B 422 -2.29 23.92 -9.38
C PRO B 422 -1.15 23.66 -8.39
N SER B 423 -1.41 22.97 -7.29
CA SER B 423 -0.39 22.73 -6.29
C SER B 423 0.66 21.74 -6.77
N ALA B 424 0.35 20.99 -7.82
CA ALA B 424 1.28 20.02 -8.38
C ALA B 424 1.04 19.83 -9.87
N ALA B 425 0.96 20.94 -10.60
CA ALA B 425 0.65 20.92 -12.02
C ALA B 425 1.70 20.17 -12.84
N GLU B 426 2.97 20.47 -12.59
CA GLU B 426 4.06 19.86 -13.36
C GLU B 426 4.09 18.35 -13.14
N GLU B 427 3.77 17.92 -11.92
CA GLU B 427 3.75 16.51 -11.60
C GLU B 427 2.62 15.81 -12.34
N LEU B 428 1.47 16.47 -12.42
CA LEU B 428 0.32 15.87 -13.11
C LEU B 428 0.54 15.89 -14.63
N GLU B 429 1.24 16.90 -15.13
CA GLU B 429 1.65 16.93 -16.53
C GLU B 429 2.51 15.72 -16.87
N CYS B 430 3.53 15.49 -16.05
CA CYS B 430 4.41 14.35 -16.24
C CYS B 430 3.63 13.04 -16.27
N PHE B 431 2.74 12.86 -15.31
CA PHE B 431 1.94 11.65 -15.23
C PHE B 431 1.02 11.50 -16.46
N ALA B 432 0.32 12.57 -16.81
CA ALA B 432 -0.63 12.54 -17.93
C ALA B 432 0.07 12.34 -19.28
N MET B 433 1.25 12.93 -19.42
CA MET B 433 2.00 12.83 -20.68
CA MET B 433 2.05 12.83 -20.64
C MET B 433 2.34 11.37 -21.01
N HIS B 434 2.47 10.53 -19.99
CA HIS B 434 2.80 9.12 -20.20
C HIS B 434 1.63 8.19 -19.87
N ASN B 435 0.43 8.77 -19.82
CA ASN B 435 -0.81 8.01 -19.65
C ASN B 435 -1.89 8.56 -20.57
N SER B 436 -1.67 8.45 -21.88
CA SER B 436 -2.58 9.04 -22.86
C SER B 436 -3.00 8.06 -23.94
N ASP B 437 -2.14 7.09 -24.25
CA ASP B 437 -2.48 6.10 -25.27
C ASP B 437 -3.39 5.02 -24.71
N LEU B 438 -4.20 4.43 -25.58
CA LEU B 438 -5.21 3.46 -25.17
C LEU B 438 -4.66 2.04 -25.22
N GLY B 439 -3.59 1.85 -25.99
CA GLY B 439 -3.10 0.53 -26.28
C GLY B 439 -3.99 -0.11 -27.33
N PRO B 440 -3.63 -1.32 -27.77
CA PRO B 440 -4.47 -2.02 -28.77
C PRO B 440 -5.90 -2.22 -28.27
N ASN B 441 -6.86 -2.05 -29.17
CA ASN B 441 -8.27 -2.24 -28.84
C ASN B 441 -9.09 -2.56 -30.08
N GLY B 442 -10.34 -2.98 -29.87
CA GLY B 442 -11.21 -3.40 -30.95
C GLY B 442 -11.62 -2.27 -31.87
N HIS B 443 -11.51 -1.03 -31.38
CA HIS B 443 -11.90 0.13 -32.17
C HIS B 443 -10.72 0.69 -32.96
N GLY B 444 -9.51 0.23 -32.65
CA GLY B 444 -8.32 0.67 -33.34
C GLY B 444 -7.97 2.12 -33.08
N TYR B 445 -8.56 2.70 -32.05
CA TYR B 445 -8.36 4.11 -31.72
C TYR B 445 -7.15 4.28 -30.81
N ARG B 446 -6.21 5.11 -31.24
CA ARG B 446 -4.98 5.34 -30.48
C ARG B 446 -4.75 6.84 -30.27
N ARG B 447 -3.95 7.16 -29.25
CA ARG B 447 -3.54 8.53 -28.98
C ARG B 447 -2.02 8.56 -28.81
N GLU B 448 -1.41 9.70 -29.11
N GLU B 448 -1.41 9.70 -29.10
CA GLU B 448 0.03 9.85 -28.95
CA GLU B 448 0.02 9.87 -28.94
C GLU B 448 0.39 9.78 -27.46
C GLU B 448 0.40 9.82 -27.46
N GLU B 449 1.65 9.47 -27.18
CA GLU B 449 2.12 9.34 -25.81
C GLU B 449 3.64 9.44 -25.76
N SER B 450 4.15 10.15 -24.76
CA SER B 450 5.59 10.26 -24.53
C SER B 450 6.37 10.73 -25.76
N MET B 451 5.80 11.68 -26.50
CA MET B 451 6.44 12.18 -27.72
C MET B 451 7.71 12.95 -27.42
N ASP B 452 7.76 13.56 -26.24
CA ASP B 452 8.92 14.34 -25.82
C ASP B 452 10.21 13.52 -25.85
N ILE B 453 10.16 12.34 -25.22
CA ILE B 453 11.35 11.50 -25.07
C ILE B 453 11.43 10.42 -26.14
N GLN B 454 10.41 10.34 -26.98
CA GLN B 454 10.34 9.34 -28.05
C GLN B 454 11.61 9.31 -28.91
N PRO B 455 12.07 10.47 -29.38
CA PRO B 455 13.28 10.51 -30.22
C PRO B 455 14.51 9.92 -29.53
N ALA B 456 14.76 10.34 -28.29
CA ALA B 456 15.92 9.86 -27.54
C ALA B 456 15.82 8.36 -27.29
N ALA B 457 14.62 7.89 -26.99
CA ALA B 457 14.38 6.47 -26.72
C ALA B 457 14.69 5.62 -27.95
N GLU B 458 14.15 6.01 -29.10
CA GLU B 458 14.33 5.24 -30.32
C GLU B 458 15.80 5.19 -30.75
N ARG B 459 16.52 6.29 -30.55
CA ARG B 459 17.94 6.36 -30.90
C ARG B 459 18.78 5.51 -29.96
N PHE B 460 18.47 5.60 -28.67
CA PHE B 460 19.20 4.85 -27.65
C PHE B 460 19.08 3.36 -27.91
N LEU B 461 17.88 2.92 -28.25
CA LEU B 461 17.60 1.51 -28.41
C LEU B 461 18.22 0.93 -29.68
N LYS B 462 18.22 1.71 -30.75
CA LYS B 462 18.82 1.27 -32.01
C LYS B 462 20.31 1.04 -31.86
N ALA B 463 20.98 1.99 -31.23
CA ALA B 463 22.42 1.89 -30.98
C ALA B 463 22.73 0.71 -30.06
N PHE B 464 21.81 0.41 -29.16
CA PHE B 464 22.04 -0.65 -28.18
C PHE B 464 21.93 -2.02 -28.83
N LYS B 465 20.90 -2.21 -29.66
CA LYS B 465 20.72 -3.47 -30.38
C LYS B 465 21.90 -3.72 -31.33
N GLU B 466 22.41 -2.66 -31.93
CA GLU B 466 23.47 -2.75 -32.92
C GLU B 466 24.86 -2.57 -32.29
N GLY B 467 24.92 -2.63 -30.96
CA GLY B 467 26.17 -2.58 -30.24
C GLY B 467 26.96 -1.29 -30.43
N LYS B 468 26.28 -0.24 -30.89
CA LYS B 468 26.93 1.06 -31.09
C LYS B 468 26.83 1.91 -29.84
N ASN B 469 27.72 2.90 -29.73
CA ASN B 469 27.70 3.81 -28.60
C ASN B 469 26.48 4.72 -28.64
N TYR B 470 25.74 4.75 -27.53
CA TYR B 470 24.59 5.64 -27.43
C TYR B 470 25.05 7.05 -27.05
N ASP B 471 24.23 8.04 -27.34
CA ASP B 471 24.53 9.43 -26.99
C ASP B 471 24.39 9.63 -25.48
N LYS B 472 25.32 10.39 -24.91
CA LYS B 472 25.30 10.68 -23.48
C LYS B 472 24.09 11.52 -23.12
N ALA B 473 23.66 12.37 -24.05
CA ALA B 473 22.49 13.22 -23.84
C ALA B 473 21.22 12.39 -23.74
N ASP B 474 21.07 11.41 -24.62
CA ASP B 474 19.88 10.56 -24.64
C ASP B 474 19.80 9.70 -23.38
N PHE B 475 20.94 9.24 -22.90
CA PHE B 475 20.99 8.44 -21.69
C PHE B 475 20.55 9.29 -20.51
N GLU B 476 21.08 10.51 -20.43
CA GLU B 476 20.73 11.43 -19.35
C GLU B 476 19.28 11.87 -19.44
N THR B 477 18.74 11.91 -20.66
CA THR B 477 17.34 12.25 -20.88
C THR B 477 16.43 11.19 -20.27
N LEU B 478 16.71 9.93 -20.58
CA LEU B 478 15.95 8.82 -20.02
C LEU B 478 16.12 8.78 -18.51
N GLN B 479 17.34 9.06 -18.06
CA GLN B 479 17.67 9.14 -16.65
C GLN B 479 16.84 10.23 -15.98
N TYR B 480 16.84 11.43 -16.58
CA TYR B 480 16.09 12.56 -16.06
C TYR B 480 14.59 12.25 -15.98
N THR B 481 14.11 11.51 -16.97
CA THR B 481 12.68 11.21 -17.06
C THR B 481 12.24 10.28 -15.93
N PHE B 482 12.96 9.17 -15.75
CA PHE B 482 12.61 8.22 -14.71
C PHE B 482 12.64 8.90 -13.35
N GLU B 483 13.65 9.74 -13.12
CA GLU B 483 13.74 10.47 -11.87
C GLU B 483 12.53 11.38 -11.71
N ARG B 484 12.18 12.09 -12.79
CA ARG B 484 11.03 12.99 -12.77
C ARG B 484 9.73 12.22 -12.53
N MET B 485 9.61 11.05 -13.15
CA MET B 485 8.43 10.22 -12.95
C MET B 485 8.28 9.84 -11.48
N LYS B 486 9.39 9.47 -10.84
CA LYS B 486 9.36 9.07 -9.44
C LYS B 486 8.92 10.21 -8.54
N GLU B 487 9.47 11.40 -8.80
CA GLU B 487 9.07 12.60 -8.07
C GLU B 487 7.58 12.83 -8.20
N SER B 488 7.09 12.79 -9.43
CA SER B 488 5.68 13.07 -9.72
C SER B 488 4.74 12.10 -9.02
N ALA B 489 5.09 10.82 -9.05
CA ALA B 489 4.24 9.79 -8.44
C ALA B 489 4.12 9.98 -6.94
N ASP B 490 5.25 10.23 -6.28
CA ASP B 490 5.26 10.36 -4.82
C ASP B 490 4.55 11.63 -4.37
N ILE B 491 4.69 12.71 -5.13
CA ILE B 491 4.05 13.97 -4.77
C ILE B 491 2.54 13.87 -5.01
N LEU B 492 2.15 13.29 -6.14
CA LEU B 492 0.73 13.10 -6.46
C LEU B 492 0.03 12.21 -5.43
N LEU B 493 0.70 11.13 -5.03
CA LEU B 493 0.13 10.21 -4.06
C LEU B 493 -0.31 10.90 -2.78
N MET B 494 0.46 11.90 -2.36
CA MET B 494 0.23 12.57 -1.08
C MET B 494 -0.50 13.91 -1.21
N ASN B 495 -0.92 14.26 -2.42
CA ASN B 495 -1.55 15.55 -2.66
C ASN B 495 -2.95 15.59 -2.07
N THR B 496 -3.27 16.70 -1.40
CA THR B 496 -4.56 16.85 -0.72
C THR B 496 -5.43 17.96 -1.31
N GLU B 497 -5.02 18.54 -2.44
CA GLU B 497 -5.80 19.61 -3.05
C GLU B 497 -7.04 19.04 -3.73
N ASN B 498 -6.88 17.91 -4.41
CA ASN B 498 -7.98 17.21 -5.06
C ASN B 498 -7.93 15.74 -4.68
N LYS B 499 -8.44 15.42 -3.49
CA LYS B 499 -8.42 14.05 -2.99
C LYS B 499 -9.14 13.07 -3.92
N PRO B 500 -10.34 13.44 -4.42
CA PRO B 500 -11.02 12.50 -5.31
C PRO B 500 -10.20 12.14 -6.55
N LEU B 501 -9.51 13.11 -7.13
CA LEU B 501 -8.63 12.82 -8.27
C LEU B 501 -7.61 11.76 -7.91
N ILE B 502 -6.98 11.91 -6.74
CA ILE B 502 -5.89 11.02 -6.35
C ILE B 502 -6.42 9.61 -6.11
N VAL B 503 -7.60 9.49 -5.50
CA VAL B 503 -8.22 8.20 -5.29
C VAL B 503 -8.43 7.49 -6.63
N GLU B 504 -8.86 8.24 -7.64
CA GLU B 504 -9.07 7.66 -8.96
C GLU B 504 -7.80 7.08 -9.57
N ILE B 505 -6.70 7.84 -9.53
CA ILE B 505 -5.49 7.48 -10.27
C ILE B 505 -4.45 6.68 -9.46
N THR B 506 -4.64 6.57 -8.15
CA THR B 506 -3.62 6.04 -7.25
C THR B 506 -3.06 4.67 -7.67
N PRO B 507 -3.92 3.74 -8.12
CA PRO B 507 -3.40 2.45 -8.60
C PRO B 507 -2.43 2.59 -9.76
N TRP B 508 -2.72 3.53 -10.66
CA TRP B 508 -1.86 3.78 -11.82
C TRP B 508 -0.61 4.54 -11.41
N VAL B 509 -0.71 5.37 -10.38
CA VAL B 509 0.44 6.11 -9.88
C VAL B 509 1.45 5.15 -9.25
N HIS B 510 0.95 4.12 -8.56
CA HIS B 510 1.82 3.09 -8.01
C HIS B 510 2.59 2.36 -9.11
N GLN B 511 1.85 1.95 -10.13
CA GLN B 511 2.43 1.25 -11.26
C GLN B 511 3.42 2.14 -12.00
N PHE B 512 3.09 3.43 -12.04
CA PHE B 512 3.86 4.46 -12.71
C PHE B 512 5.23 4.62 -12.05
N LYS B 513 5.24 4.64 -10.72
CA LYS B 513 6.49 4.76 -9.98
C LYS B 513 7.36 3.52 -10.15
N LEU B 514 6.74 2.34 -10.06
CA LEU B 514 7.46 1.09 -10.26
C LEU B 514 8.12 1.09 -11.63
N THR B 515 7.39 1.57 -12.63
CA THR B 515 7.92 1.67 -13.99
C THR B 515 9.17 2.54 -13.99
N ALA B 516 9.12 3.67 -13.29
CA ALA B 516 10.24 4.59 -13.24
C ALA B 516 11.44 3.96 -12.54
N GLU B 517 11.18 3.32 -11.39
CA GLU B 517 12.22 2.65 -10.62
C GLU B 517 12.89 1.53 -11.42
N MET B 518 12.07 0.79 -12.16
CA MET B 518 12.58 -0.27 -13.03
C MET B 518 13.47 0.33 -14.10
N GLY B 519 13.07 1.50 -14.62
CA GLY B 519 13.84 2.18 -15.63
C GLY B 519 15.21 2.59 -15.14
N GLU B 520 15.26 3.12 -13.92
CA GLU B 520 16.51 3.57 -13.33
C GLU B 520 17.49 2.42 -13.15
N GLU B 521 17.00 1.30 -12.63
CA GLU B 521 17.86 0.15 -12.36
C GLU B 521 18.38 -0.47 -13.65
N VAL B 522 17.54 -0.49 -14.68
CA VAL B 522 17.94 -1.04 -15.98
C VAL B 522 19.04 -0.19 -16.60
N LEU B 523 18.94 1.13 -16.48
CA LEU B 523 19.96 2.02 -16.98
C LEU B 523 21.29 1.79 -16.26
N LYS B 524 21.20 1.41 -14.99
CA LYS B 524 22.41 1.10 -14.21
C LYS B 524 23.01 -0.22 -14.68
N MET B 525 22.16 -1.14 -15.11
CA MET B 525 22.64 -2.40 -15.68
C MET B 525 23.42 -2.12 -16.94
N VAL B 526 22.99 -1.11 -17.70
CA VAL B 526 23.67 -0.70 -18.91
C VAL B 526 25.01 -0.04 -18.58
N GLU B 527 25.02 0.73 -17.50
CA GLU B 527 26.22 1.41 -17.03
C GLU B 527 27.12 0.54 -16.16
N GLY B 528 26.56 -0.58 -15.69
CA GLY B 528 27.25 -1.44 -14.75
C GLY B 528 28.64 -1.86 -15.18
N ARG B 529 29.59 -1.75 -14.26
CA ARG B 529 30.97 -2.12 -14.53
C ARG B 529 31.24 -3.56 -14.10
N ASN B 530 31.22 -3.82 -12.80
CA ASN B 530 31.53 -5.15 -12.29
C ASN B 530 30.33 -6.08 -12.41
N GLU B 531 30.58 -7.38 -12.24
CA GLU B 531 29.56 -8.40 -12.42
C GLU B 531 28.55 -8.42 -11.27
N SER B 532 29.05 -8.33 -10.04
CA SER B 532 28.21 -8.43 -8.86
C SER B 532 27.23 -7.27 -8.76
N TYR B 533 27.63 -6.12 -9.30
CA TYR B 533 26.76 -4.95 -9.32
C TYR B 533 25.62 -5.15 -10.31
N PHE B 534 25.95 -5.69 -11.48
CA PHE B 534 24.96 -6.01 -12.49
C PHE B 534 23.94 -7.00 -11.94
N LEU B 535 24.42 -7.96 -11.16
CA LEU B 535 23.58 -9.00 -10.59
C LEU B 535 22.65 -8.44 -9.52
N ARG B 536 23.17 -7.52 -8.70
CA ARG B 536 22.33 -6.81 -7.73
C ARG B 536 21.21 -6.05 -8.43
N LYS B 537 21.54 -5.36 -9.52
CA LYS B 537 20.54 -4.60 -10.26
C LYS B 537 19.56 -5.52 -10.96
N TYR B 538 20.07 -6.63 -11.49
CA TYR B 538 19.23 -7.64 -12.12
C TYR B 538 18.18 -8.17 -11.16
N ASN B 539 18.61 -8.52 -9.95
CA ASN B 539 17.70 -9.04 -8.94
C ASN B 539 16.66 -8.00 -8.51
N HIS B 540 17.08 -6.75 -8.45
CA HIS B 540 16.19 -5.66 -8.06
C HIS B 540 15.10 -5.49 -9.11
N VAL B 541 15.49 -5.56 -10.38
CA VAL B 541 14.55 -5.46 -11.48
C VAL B 541 13.52 -6.59 -11.43
N LYS B 542 13.98 -7.80 -11.15
CA LYS B 542 13.11 -8.95 -11.03
C LYS B 542 12.06 -8.73 -9.95
N ALA B 543 12.50 -8.19 -8.82
CA ALA B 543 11.59 -7.90 -7.72
C ALA B 543 10.57 -6.84 -8.11
N LEU B 544 10.99 -5.87 -8.92
CA LEU B 544 10.08 -4.81 -9.35
C LEU B 544 9.07 -5.34 -10.37
N GLN B 545 9.50 -6.31 -11.19
CA GLN B 545 8.59 -6.96 -12.11
C GLN B 545 7.48 -7.66 -11.34
N GLN B 546 7.86 -8.35 -10.27
CA GLN B 546 6.90 -9.04 -9.42
C GLN B 546 5.90 -8.07 -8.82
N GLN B 547 6.40 -6.94 -8.32
CA GLN B 547 5.54 -5.94 -7.69
C GLN B 547 4.52 -5.39 -8.68
N MET B 548 4.96 -5.17 -9.92
CA MET B 548 4.07 -4.65 -10.95
C MET B 548 3.04 -5.70 -11.35
N PHE B 549 3.45 -6.96 -11.34
CA PHE B 549 2.56 -8.07 -11.66
C PHE B 549 1.41 -8.14 -10.66
N TYR B 550 1.72 -8.05 -9.38
CA TYR B 550 0.69 -8.19 -8.37
C TYR B 550 -0.23 -6.97 -8.29
N ILE B 551 0.27 -5.79 -8.64
CA ILE B 551 -0.60 -4.63 -8.73
C ILE B 551 -1.57 -4.84 -9.90
N ASP B 552 -1.06 -5.37 -11.00
CA ASP B 552 -1.89 -5.63 -12.16
C ASP B 552 -2.93 -6.73 -11.90
N GLN B 553 -2.63 -7.60 -10.93
CA GLN B 553 -3.50 -8.75 -10.65
C GLN B 553 -4.48 -8.49 -9.50
N THR B 554 -4.23 -7.44 -8.71
CA THR B 554 -5.05 -7.17 -7.52
C THR B 554 -5.80 -5.84 -7.60
N SER B 555 -5.28 -4.90 -8.39
CA SER B 555 -5.94 -3.59 -8.53
C SER B 555 -6.86 -3.58 -9.75
N ASN B 556 -7.97 -2.83 -9.62
CA ASN B 556 -8.88 -2.60 -10.73
C ASN B 556 -9.32 -3.90 -11.41
N GLN B 557 -9.75 -4.86 -10.61
CA GLN B 557 -10.09 -6.17 -11.14
C GLN B 557 -11.53 -6.20 -11.64
N ASN B 558 -11.75 -5.57 -12.79
CA ASN B 558 -13.05 -5.57 -13.43
C ASN B 558 -13.15 -6.74 -14.41
N PRO B 559 -14.37 -7.08 -14.85
CA PRO B 559 -14.54 -8.28 -15.67
C PRO B 559 -14.17 -8.11 -17.15
N TYR B 560 -13.74 -6.92 -17.55
CA TYR B 560 -13.55 -6.65 -18.98
C TYR B 560 -12.10 -6.38 -19.34
N GLN B 561 -11.47 -5.41 -18.68
CA GLN B 561 -10.05 -5.16 -18.86
C GLN B 561 -9.44 -4.94 -17.48
N PRO B 562 -9.21 -6.04 -16.75
CA PRO B 562 -8.66 -5.94 -15.40
C PRO B 562 -7.21 -5.46 -15.41
N GLY B 563 -6.80 -4.85 -14.31
CA GLY B 563 -5.41 -4.48 -14.13
C GLY B 563 -5.11 -3.01 -14.30
N VAL B 564 -3.81 -2.72 -14.29
CA VAL B 564 -3.32 -1.35 -14.29
C VAL B 564 -2.12 -1.26 -15.24
N LYS B 565 -2.37 -0.67 -16.40
CA LYS B 565 -1.33 -0.43 -17.41
C LYS B 565 -0.96 1.05 -17.42
N THR B 566 0.32 1.36 -17.59
CA THR B 566 0.77 2.74 -17.60
C THR B 566 2.04 2.91 -18.43
N ALA B 567 2.17 4.05 -19.12
CA ALA B 567 3.35 4.34 -19.93
C ALA B 567 3.64 3.23 -20.93
N THR B 568 2.61 2.81 -21.65
CA THR B 568 2.66 1.59 -22.44
C THR B 568 3.14 1.77 -23.87
N ARG B 569 3.02 2.97 -24.40
CA ARG B 569 3.33 3.17 -25.82
C ARG B 569 4.83 3.21 -26.08
N VAL B 570 5.58 3.88 -25.22
CA VAL B 570 7.01 4.12 -25.46
C VAL B 570 7.88 3.59 -24.33
N ILE B 571 7.59 4.01 -23.10
CA ILE B 571 8.48 3.78 -21.98
C ILE B 571 8.59 2.31 -21.58
N LYS B 572 7.46 1.62 -21.42
CA LYS B 572 7.50 0.22 -21.01
C LYS B 572 8.17 -0.66 -22.07
N PRO B 573 7.85 -0.43 -23.36
CA PRO B 573 8.60 -1.14 -24.41
C PRO B 573 10.11 -0.88 -24.34
N LEU B 574 10.52 0.36 -24.11
CA LEU B 574 11.94 0.70 -24.03
C LEU B 574 12.63 -0.07 -22.92
N ILE B 575 12.03 -0.06 -21.73
CA ILE B 575 12.63 -0.69 -20.57
C ILE B 575 12.69 -2.20 -20.76
N ASP B 576 11.63 -2.79 -21.31
CA ASP B 576 11.58 -4.23 -21.52
C ASP B 576 12.64 -4.68 -22.51
N ARG B 577 12.74 -4.02 -23.66
CA ARG B 577 13.71 -4.41 -24.68
C ARG B 577 15.14 -4.14 -24.23
N THR B 578 15.34 -3.04 -23.50
CA THR B 578 16.66 -2.70 -22.98
C THR B 578 17.12 -3.75 -21.97
N PHE B 579 16.19 -4.18 -21.11
CA PHE B 579 16.49 -5.21 -20.12
C PHE B 579 16.85 -6.52 -20.79
N ALA B 580 16.00 -6.96 -21.71
CA ALA B 580 16.22 -8.21 -22.43
C ALA B 580 17.56 -8.22 -23.16
N THR B 581 17.94 -7.07 -23.71
CA THR B 581 19.16 -6.96 -24.50
C THR B 581 20.41 -7.03 -23.63
N VAL B 582 20.45 -6.24 -22.57
CA VAL B 582 21.63 -6.18 -21.72
C VAL B 582 21.84 -7.51 -20.99
N VAL B 583 20.74 -8.17 -20.65
CA VAL B 583 20.78 -9.49 -20.02
C VAL B 583 21.40 -10.48 -21.01
N LYS B 584 21.08 -10.31 -22.29
CA LYS B 584 21.62 -11.17 -23.32
C LYS B 584 23.13 -10.95 -23.46
N PHE B 585 23.55 -9.68 -23.48
CA PHE B 585 24.97 -9.35 -23.54
C PHE B 585 25.71 -9.93 -22.34
N PHE B 586 25.10 -9.84 -21.17
CA PHE B 586 25.70 -10.37 -19.95
C PHE B 586 25.88 -11.88 -20.04
N ASN B 587 24.87 -12.58 -20.56
CA ASN B 587 24.94 -14.03 -20.72
C ASN B 587 26.04 -14.45 -21.69
N GLN B 588 26.31 -13.62 -22.69
CA GLN B 588 27.40 -13.86 -23.63
C GLN B 588 28.76 -13.66 -22.96
N LYS B 589 28.84 -12.63 -22.12
CA LYS B 589 30.11 -12.22 -21.54
C LYS B 589 30.59 -13.18 -20.45
N PHE B 590 29.72 -13.46 -19.49
CA PHE B 590 30.09 -14.30 -18.36
C PHE B 590 29.55 -15.73 -18.49
N ASN B 591 29.01 -16.05 -19.66
CA ASN B 591 28.51 -17.38 -19.95
C ASN B 591 27.39 -17.80 -18.98
N ALA B 592 26.66 -16.82 -18.48
CA ALA B 592 25.56 -17.08 -17.54
C ALA B 592 24.29 -17.44 -18.30
N HIS B 593 23.21 -17.66 -17.55
CA HIS B 593 21.91 -17.98 -18.15
C HIS B 593 20.80 -17.26 -17.40
N LEU B 594 20.98 -15.96 -17.19
CA LEU B 594 19.96 -15.14 -16.54
C LEU B 594 18.70 -15.14 -17.39
N ASP B 595 17.56 -14.98 -16.72
CA ASP B 595 16.27 -14.97 -17.39
C ASP B 595 16.01 -13.59 -17.99
N ALA B 596 15.86 -13.53 -19.30
CA ALA B 596 15.64 -12.27 -20.01
C ALA B 596 14.15 -11.92 -20.09
N THR B 597 13.30 -12.74 -19.49
CA THR B 597 11.86 -12.49 -19.48
C THR B 597 11.56 -11.15 -18.80
N THR B 598 10.57 -10.44 -19.33
CA THR B 598 10.23 -9.11 -18.81
C THR B 598 8.96 -9.15 -17.95
N ASP B 599 8.01 -10.00 -18.34
CA ASP B 599 6.78 -10.15 -17.58
C ASP B 599 6.88 -11.30 -16.58
N TYR B 600 6.77 -10.97 -15.30
CA TYR B 600 6.90 -11.98 -14.24
C TYR B 600 5.79 -13.01 -14.31
N MET B 601 6.15 -14.26 -14.04
CA MET B 601 5.23 -15.38 -14.07
C MET B 601 5.52 -16.34 -12.92
N PRO B 602 4.65 -16.38 -11.90
CA PRO B 602 4.94 -17.19 -10.70
C PRO B 602 4.91 -18.70 -10.94
N HIS B 603 4.35 -19.13 -12.07
CA HIS B 603 4.22 -20.56 -12.37
C HIS B 603 5.22 -20.99 -13.44
N LYS B 604 5.96 -22.06 -13.15
CA LYS B 604 6.85 -22.64 -14.16
C LYS B 604 6.06 -23.54 -15.09
N MET B 605 6.68 -23.97 -16.19
CA MET B 605 6.04 -24.89 -17.11
C MET B 605 7.04 -25.87 -17.71
N LEU B 615 6.55 -21.63 -24.99
CA LEU B 615 5.82 -20.36 -24.96
C LEU B 615 5.70 -19.85 -23.52
N PRO B 616 5.48 -18.54 -23.35
CA PRO B 616 5.32 -17.96 -22.00
C PRO B 616 3.92 -18.15 -21.44
N LEU B 617 3.82 -18.60 -20.20
CA LEU B 617 2.52 -18.73 -19.55
C LEU B 617 1.94 -17.35 -19.30
N GLN B 618 0.64 -17.31 -19.01
CA GLN B 618 -0.05 -16.06 -18.73
C GLN B 618 -1.14 -16.27 -17.69
N VAL B 619 -1.12 -15.43 -16.66
CA VAL B 619 -2.17 -15.43 -15.65
C VAL B 619 -3.08 -14.23 -15.86
N LYS B 620 -4.38 -14.49 -15.90
CA LYS B 620 -5.37 -13.42 -15.94
C LYS B 620 -6.61 -13.85 -15.16
N ALA B 621 -6.98 -13.02 -14.18
CA ALA B 621 -8.07 -13.32 -13.27
C ALA B 621 -7.81 -14.66 -12.58
N ASN B 622 -8.62 -15.68 -12.89
CA ASN B 622 -8.49 -16.99 -12.28
C ASN B 622 -8.14 -18.05 -13.31
N ARG B 623 -7.44 -17.62 -14.37
CA ARG B 623 -7.06 -18.52 -15.46
C ARG B 623 -5.56 -18.50 -15.69
N VAL B 624 -5.00 -19.70 -15.92
CA VAL B 624 -3.59 -19.86 -16.23
C VAL B 624 -3.47 -20.63 -17.54
N LEU B 625 -2.73 -20.08 -18.49
CA LEU B 625 -2.70 -20.64 -19.84
C LEU B 625 -1.36 -20.49 -20.55
N ILE B 626 -1.26 -21.12 -21.71
CA ILE B 626 -0.14 -20.92 -22.63
C ILE B 626 -0.68 -20.14 -23.83
N SER B 627 0.21 -19.46 -24.56
CA SER B 627 -0.20 -18.69 -25.72
C SER B 627 -0.25 -19.56 -26.98
N VAL B 641 4.66 -31.93 -21.80
CA VAL B 641 4.72 -30.64 -21.11
C VAL B 641 4.00 -30.69 -19.77
N GLU B 642 4.44 -29.85 -18.84
CA GLU B 642 3.86 -29.80 -17.50
C GLU B 642 3.75 -28.35 -17.03
N ILE B 643 2.85 -28.10 -16.08
CA ILE B 643 2.70 -26.78 -15.46
C ILE B 643 2.71 -26.94 -13.95
N GLU B 644 3.46 -26.07 -13.27
CA GLU B 644 3.54 -26.09 -11.81
C GLU B 644 3.09 -24.76 -11.22
N LEU B 645 1.89 -24.75 -10.67
CA LEU B 645 1.38 -23.58 -9.97
C LEU B 645 2.19 -23.34 -8.71
N ASP B 646 2.21 -22.10 -8.24
CA ASP B 646 3.00 -21.73 -7.07
C ASP B 646 2.35 -22.21 -5.77
N ALA B 647 1.19 -22.84 -5.88
CA ALA B 647 0.48 -23.36 -4.72
C ALA B 647 -0.62 -24.32 -5.17
N ILE B 648 -1.48 -24.71 -4.23
CA ILE B 648 -2.60 -25.59 -4.51
C ILE B 648 -3.88 -24.77 -4.66
N TYR B 649 -4.64 -25.06 -5.71
CA TYR B 649 -5.86 -24.32 -6.01
C TYR B 649 -6.99 -25.27 -6.41
N PRO B 650 -8.23 -24.97 -5.95
CA PRO B 650 -9.37 -25.75 -6.46
C PRO B 650 -9.54 -25.55 -7.97
N GLY B 651 -9.35 -26.63 -8.73
CA GLY B 651 -9.48 -26.56 -10.18
C GLY B 651 -10.92 -26.49 -10.62
N GLU B 652 -11.19 -25.67 -11.62
CA GLU B 652 -12.54 -25.49 -12.14
C GLU B 652 -12.72 -26.28 -13.44
N ASN B 653 -11.91 -25.98 -14.45
CA ASN B 653 -11.95 -26.70 -15.70
C ASN B 653 -10.69 -26.48 -16.53
N ILE B 654 -10.52 -27.33 -17.55
CA ILE B 654 -9.43 -27.18 -18.53
C ILE B 654 -10.05 -27.14 -19.92
N GLN B 655 -9.39 -26.43 -20.84
CA GLN B 655 -9.85 -26.36 -22.21
C GLN B 655 -8.65 -26.36 -23.15
N ILE B 656 -8.73 -27.16 -24.23
CA ILE B 656 -7.57 -27.37 -25.11
C ILE B 656 -7.94 -27.22 -26.58
N ASN B 657 -7.03 -26.58 -27.33
CA ASN B 657 -7.15 -26.44 -28.79
C ASN B 657 -8.52 -25.93 -29.22
N ARG B 668 -3.29 -36.93 -21.00
CA ARG B 668 -3.87 -37.20 -19.69
C ARG B 668 -3.82 -35.96 -18.80
N LEU B 669 -4.33 -36.10 -17.58
CA LEU B 669 -4.30 -35.06 -16.56
C LEU B 669 -3.49 -35.54 -15.36
N GLU B 670 -3.27 -34.68 -14.38
CA GLU B 670 -2.57 -35.08 -13.17
C GLU B 670 -2.96 -34.23 -11.95
N ILE B 671 -2.26 -34.48 -10.85
CA ILE B 671 -2.54 -33.82 -9.57
C ILE B 671 -1.23 -33.57 -8.83
N SER B 672 -1.28 -32.82 -7.74
CA SER B 672 -0.09 -32.49 -6.96
C SER B 672 0.65 -33.74 -6.50
N LEU B 690 -11.66 -29.33 -27.04
CA LEU B 690 -11.69 -30.20 -25.87
C LEU B 690 -11.89 -29.39 -24.59
N SER B 691 -12.57 -30.01 -23.62
CA SER B 691 -12.76 -29.39 -22.31
C SER B 691 -13.21 -30.43 -21.30
N ALA B 692 -13.04 -30.12 -20.01
CA ALA B 692 -13.43 -31.02 -18.95
C ALA B 692 -13.49 -30.30 -17.60
N GLY B 693 -14.56 -30.54 -16.86
CA GLY B 693 -14.73 -29.95 -15.54
C GLY B 693 -13.86 -30.64 -14.50
N LEU B 694 -13.40 -29.88 -13.52
CA LEU B 694 -12.49 -30.37 -12.49
C LEU B 694 -13.15 -30.38 -11.10
N GLN B 695 -14.45 -30.13 -11.08
CA GLN B 695 -15.18 -29.95 -9.82
C GLN B 695 -14.55 -28.80 -9.02
N LYS B 696 -13.98 -29.10 -7.87
CA LYS B 696 -13.18 -28.15 -7.12
C LYS B 696 -11.93 -28.87 -6.59
N ALA B 697 -11.54 -29.94 -7.28
CA ALA B 697 -10.43 -30.78 -6.86
C ALA B 697 -9.13 -29.99 -6.76
N PRO B 698 -8.21 -30.42 -5.88
CA PRO B 698 -6.96 -29.69 -5.69
C PRO B 698 -5.99 -29.86 -6.86
N VAL B 699 -5.35 -28.77 -7.27
CA VAL B 699 -4.43 -28.79 -8.40
C VAL B 699 -3.19 -27.94 -8.13
N LYS B 700 -2.02 -28.56 -8.29
CA LYS B 700 -0.75 -27.84 -8.26
C LYS B 700 0.07 -28.20 -9.50
N PHE B 701 -0.02 -29.47 -9.90
CA PHE B 701 0.62 -29.95 -11.11
C PHE B 701 -0.43 -30.39 -12.13
N VAL B 702 -0.08 -30.27 -13.41
CA VAL B 702 -0.96 -30.67 -14.50
C VAL B 702 -0.12 -30.81 -15.77
N ARG B 703 -0.30 -31.92 -16.48
CA ARG B 703 0.59 -32.29 -17.58
C ARG B 703 -0.14 -32.97 -18.73
N PHE B 704 0.62 -33.52 -19.67
CA PHE B 704 0.07 -34.23 -20.81
C PHE B 704 0.91 -35.47 -21.13
N GLN B 718 -5.33 -23.57 -27.99
CA GLN B 718 -5.42 -22.99 -26.65
C GLN B 718 -5.08 -24.04 -25.58
N PHE B 719 -4.79 -23.55 -24.37
CA PHE B 719 -4.49 -24.42 -23.24
C PHE B 719 -4.63 -23.61 -21.96
N VAL B 720 -5.74 -23.77 -21.26
CA VAL B 720 -6.07 -22.90 -20.14
C VAL B 720 -6.67 -23.68 -18.97
N LEU B 721 -6.12 -23.42 -17.79
CA LEU B 721 -6.65 -23.95 -16.54
C LEU B 721 -7.38 -22.83 -15.80
N THR B 722 -8.58 -23.13 -15.31
CA THR B 722 -9.34 -22.18 -14.51
C THR B 722 -9.40 -22.68 -13.06
N ILE B 723 -9.30 -21.74 -12.12
CA ILE B 723 -9.22 -22.07 -10.70
C ILE B 723 -10.15 -21.17 -9.88
N GLU B 724 -10.08 -21.30 -8.56
CA GLU B 724 -10.93 -20.54 -7.65
C GLU B 724 -10.80 -19.04 -7.88
#